data_1HI9
#
_entry.id   1HI9
#
_cell.length_a   145.110
_cell.length_b   165.860
_cell.length_c   109.930
_cell.angle_alpha   90.00
_cell.angle_beta   90.00
_cell.angle_gamma   90.00
#
_symmetry.space_group_name_H-M   'C 2 2 21'
#
loop_
_entity.id
_entity.type
_entity.pdbx_description
1 polymer 'DIPEPTIDE TRANSPORT PROTEIN DPPA'
2 non-polymer 'ZINC ION'
3 water water
#
_entity_poly.entity_id   1
_entity_poly.type   'polypeptide(L)'
_entity_poly.pdbx_seq_one_letter_code
;MKLYMSVDMEGISGLPDDTFVDSGKRNYERGRLIMTEEANYCIAEAFNSGCTEVLVNDSHSKMNNLMVEKLHPEADLISG
DVKPFSMVEGLDDTFRGALFLGYHARASTPGVMSHSMIFGVRHFYINDRPVGELGLNAYVAGYYDVPVLMVAGDDRAAKE
AEELIPNVTTAAVKQTISRSAVKCLSPAKRGRLLTEKTAFALQNKDKVKPLTPPDRPVLSIEFANYGQAEWANLMPGTEI
KTGTTTVQFQAKDMLEAYQAMLVMTELAMRTSFC
;
_entity_poly.pdbx_strand_id   A,B,C,D,E
#
loop_
_chem_comp.id
_chem_comp.type
_chem_comp.name
_chem_comp.formula
ZN non-polymer 'ZINC ION' 'Zn 2'
#
# COMPACT_ATOMS: atom_id res chain seq x y z
N MET A 1 17.97 -25.92 -30.10
CA MET A 1 16.78 -25.47 -30.89
C MET A 1 16.15 -24.25 -30.21
N LYS A 2 15.79 -23.26 -31.01
CA LYS A 2 15.17 -22.04 -30.50
C LYS A 2 13.65 -22.15 -30.42
N LEU A 3 13.10 -21.79 -29.27
CA LEU A 3 11.66 -21.84 -29.07
C LEU A 3 11.14 -20.43 -28.78
N TYR A 4 10.06 -20.07 -29.45
CA TYR A 4 9.44 -18.75 -29.29
C TYR A 4 8.21 -18.86 -28.41
N MET A 5 8.08 -17.93 -27.46
CA MET A 5 6.94 -17.91 -26.56
C MET A 5 6.19 -16.59 -26.54
N SER A 6 4.88 -16.66 -26.73
CA SER A 6 4.03 -15.48 -26.69
C SER A 6 3.16 -15.70 -25.48
N VAL A 7 3.25 -14.80 -24.50
CA VAL A 7 2.45 -14.96 -23.28
C VAL A 7 1.42 -13.86 -23.08
N ASP A 8 0.15 -14.26 -23.06
CA ASP A 8 -0.96 -13.35 -22.82
C ASP A 8 -1.37 -13.56 -21.36
N MET A 9 -2.38 -12.82 -20.89
CA MET A 9 -2.81 -12.96 -19.50
C MET A 9 -4.18 -13.56 -19.22
N GLU A 10 -5.19 -13.19 -20.01
CA GLU A 10 -6.55 -13.66 -19.78
C GLU A 10 -6.68 -15.17 -19.63
N GLY A 11 -5.84 -15.90 -20.35
CA GLY A 11 -5.89 -17.34 -20.28
C GLY A 11 -5.03 -17.96 -19.20
N ILE A 12 -4.29 -17.14 -18.46
CA ILE A 12 -3.45 -17.67 -17.40
C ILE A 12 -4.32 -18.40 -16.39
N SER A 13 -3.75 -19.41 -15.77
CA SER A 13 -4.51 -20.21 -14.82
C SER A 13 -4.90 -19.45 -13.55
N GLY A 14 -6.05 -19.80 -12.99
CA GLY A 14 -6.51 -19.17 -11.78
C GLY A 14 -7.16 -17.81 -11.94
N LEU A 15 -6.92 -17.12 -13.05
CA LEU A 15 -7.49 -15.79 -13.26
C LEU A 15 -8.92 -15.83 -13.82
N PRO A 16 -9.91 -15.39 -13.03
CA PRO A 16 -11.31 -15.38 -13.46
C PRO A 16 -11.83 -14.13 -14.15
N ASP A 17 -11.30 -12.97 -13.75
CA ASP A 17 -11.78 -11.71 -14.33
C ASP A 17 -10.68 -10.67 -14.53
N ASP A 18 -11.06 -9.49 -15.01
CA ASP A 18 -10.09 -8.47 -15.31
C ASP A 18 -9.42 -7.79 -14.11
N THR A 19 -9.89 -8.05 -12.90
CA THR A 19 -9.25 -7.45 -11.74
C THR A 19 -7.84 -8.06 -11.61
N PHE A 20 -7.61 -9.17 -12.30
CA PHE A 20 -6.31 -9.83 -12.28
C PHE A 20 -5.44 -9.47 -13.50
N VAL A 21 -6.01 -8.85 -14.52
CA VAL A 21 -5.21 -8.53 -15.72
C VAL A 21 -5.13 -7.04 -16.05
N ASP A 22 -5.91 -6.23 -15.37
CA ASP A 22 -5.90 -4.79 -15.62
C ASP A 22 -4.89 -4.17 -14.65
N SER A 23 -3.79 -3.62 -15.16
CA SER A 23 -2.76 -3.02 -14.30
C SER A 23 -3.32 -2.02 -13.30
N GLY A 24 -4.48 -1.45 -13.60
CA GLY A 24 -5.07 -0.49 -12.68
C GLY A 24 -6.02 -1.11 -11.66
N LYS A 25 -6.09 -2.43 -11.57
CA LYS A 25 -7.00 -3.07 -10.62
C LYS A 25 -6.37 -3.86 -9.48
N ARG A 26 -7.15 -4.00 -8.41
CA ARG A 26 -6.77 -4.68 -7.17
C ARG A 26 -6.02 -6.00 -7.20
N ASN A 27 -6.35 -6.89 -8.13
CA ASN A 27 -5.66 -8.18 -8.15
C ASN A 27 -4.59 -8.33 -9.20
N TYR A 28 -4.22 -7.22 -9.83
CA TYR A 28 -3.20 -7.25 -10.87
C TYR A 28 -1.83 -7.78 -10.43
N GLU A 29 -1.32 -7.29 -9.30
CA GLU A 29 -0.02 -7.72 -8.81
C GLU A 29 0.05 -9.23 -8.58
N ARG A 30 -1.04 -9.82 -8.09
CA ARG A 30 -1.06 -11.26 -7.89
C ARG A 30 -1.10 -11.93 -9.26
N GLY A 31 -1.85 -11.31 -10.17
CA GLY A 31 -1.97 -11.84 -11.52
C GLY A 31 -0.65 -11.96 -12.25
N ARG A 32 0.15 -10.90 -12.26
CA ARG A 32 1.42 -10.96 -12.97
C ARG A 32 2.42 -11.91 -12.30
N LEU A 33 2.20 -12.17 -11.03
CA LEU A 33 3.08 -13.09 -10.30
C LEU A 33 2.75 -14.49 -10.82
N ILE A 34 1.47 -14.82 -10.84
CA ILE A 34 1.03 -16.12 -11.32
C ILE A 34 1.43 -16.30 -12.79
N MET A 35 1.27 -15.23 -13.57
CA MET A 35 1.61 -15.24 -14.99
C MET A 35 3.09 -15.55 -15.22
N THR A 36 3.95 -14.90 -14.45
CA THR A 36 5.38 -15.12 -14.57
C THR A 36 5.72 -16.56 -14.21
N GLU A 37 5.13 -17.06 -13.14
CA GLU A 37 5.40 -18.42 -12.72
C GLU A 37 4.88 -19.44 -13.72
N GLU A 38 3.72 -19.15 -14.32
CA GLU A 38 3.13 -20.04 -15.31
C GLU A 38 4.10 -20.19 -16.47
N ALA A 39 4.66 -19.07 -16.92
CA ALA A 39 5.61 -19.08 -18.01
C ALA A 39 6.87 -19.87 -17.64
N ASN A 40 7.31 -19.75 -16.39
CA ASN A 40 8.51 -20.45 -15.95
C ASN A 40 8.34 -21.95 -16.10
N TYR A 41 7.15 -22.47 -15.83
CA TYR A 41 6.95 -23.91 -15.96
C TYR A 41 7.28 -24.35 -17.39
N CYS A 42 6.78 -23.62 -18.37
CA CYS A 42 7.03 -23.96 -19.77
C CYS A 42 8.50 -23.75 -20.15
N ILE A 43 9.07 -22.65 -19.71
CA ILE A 43 10.46 -22.37 -20.01
C ILE A 43 11.37 -23.47 -19.43
N ALA A 44 11.15 -23.82 -18.17
CA ALA A 44 11.92 -24.85 -17.52
C ALA A 44 11.86 -26.15 -18.29
N GLU A 45 10.64 -26.54 -18.69
CA GLU A 45 10.48 -27.78 -19.42
C GLU A 45 11.03 -27.65 -20.83
N ALA A 46 11.05 -26.44 -21.38
CA ALA A 46 11.56 -26.24 -22.72
C ALA A 46 13.05 -26.58 -22.75
N PHE A 47 13.79 -26.02 -21.80
CA PHE A 47 15.22 -26.26 -21.69
C PHE A 47 15.46 -27.73 -21.37
N ASN A 48 14.67 -28.25 -20.43
CA ASN A 48 14.80 -29.64 -20.03
C ASN A 48 14.56 -30.58 -21.19
N SER A 49 13.87 -30.11 -22.22
CA SER A 49 13.58 -30.93 -23.38
C SER A 49 14.54 -30.73 -24.54
N GLY A 50 15.67 -30.06 -24.30
CA GLY A 50 16.64 -29.86 -25.35
C GLY A 50 16.81 -28.46 -25.88
N CYS A 51 15.76 -27.63 -25.79
CA CYS A 51 15.86 -26.26 -26.30
C CYS A 51 17.08 -25.53 -25.74
N THR A 52 17.78 -24.83 -26.63
CA THR A 52 18.97 -24.08 -26.25
C THR A 52 18.67 -22.60 -26.05
N GLU A 53 17.55 -22.16 -26.61
CA GLU A 53 17.12 -20.76 -26.51
C GLU A 53 15.60 -20.65 -26.37
N VAL A 54 15.15 -19.76 -25.51
CA VAL A 54 13.73 -19.53 -25.31
C VAL A 54 13.47 -18.03 -25.23
N LEU A 55 12.85 -17.50 -26.28
CA LEU A 55 12.52 -16.08 -26.35
C LEU A 55 11.10 -15.90 -25.84
N VAL A 56 10.95 -15.09 -24.80
CA VAL A 56 9.65 -14.86 -24.19
C VAL A 56 9.17 -13.43 -24.45
N ASN A 57 8.06 -13.33 -25.19
CA ASN A 57 7.47 -12.05 -25.55
C ASN A 57 6.19 -11.78 -24.75
N ASP A 58 6.21 -10.76 -23.91
CA ASP A 58 5.05 -10.39 -23.11
C ASP A 58 4.05 -9.87 -24.14
N SER A 59 2.91 -10.53 -24.26
CA SER A 59 1.91 -10.14 -25.26
C SER A 59 0.59 -9.59 -24.73
N HIS A 60 0.60 -9.05 -23.53
CA HIS A 60 -0.63 -8.53 -22.96
C HIS A 60 -0.62 -7.03 -22.65
N SER A 61 -1.67 -6.34 -23.12
CA SER A 61 -1.82 -4.91 -22.85
C SER A 61 -0.54 -4.09 -23.07
N LYS A 62 0.01 -3.51 -21.99
CA LYS A 62 1.24 -2.71 -22.09
C LYS A 62 2.46 -3.60 -22.17
N MET A 63 2.23 -4.91 -22.12
CA MET A 63 3.29 -5.91 -22.22
C MET A 63 4.48 -5.70 -21.28
N ASN A 64 4.18 -5.23 -20.08
CA ASN A 64 5.19 -5.01 -19.05
C ASN A 64 4.70 -5.74 -17.79
N ASN A 65 4.05 -6.87 -18.02
CA ASN A 65 3.47 -7.71 -16.97
C ASN A 65 4.43 -8.76 -16.41
N LEU A 66 5.05 -9.52 -17.29
CA LEU A 66 6.00 -10.54 -16.84
C LEU A 66 7.07 -9.83 -16.02
N MET A 67 7.40 -10.39 -14.86
CA MET A 67 8.38 -9.78 -13.98
C MET A 67 9.79 -10.23 -14.29
N VAL A 68 10.59 -9.32 -14.83
CA VAL A 68 11.94 -9.64 -15.24
C VAL A 68 12.81 -10.20 -14.12
N GLU A 69 12.54 -9.79 -12.88
CA GLU A 69 13.31 -10.25 -11.75
C GLU A 69 12.91 -11.65 -11.25
N LYS A 70 11.82 -12.20 -11.78
CA LYS A 70 11.37 -13.52 -11.38
C LYS A 70 11.26 -14.52 -12.51
N LEU A 71 11.45 -14.06 -13.75
CA LEU A 71 11.36 -14.95 -14.89
C LEU A 71 12.60 -15.85 -14.90
N HIS A 72 12.49 -17.01 -15.55
CA HIS A 72 13.61 -17.95 -15.64
C HIS A 72 14.81 -17.18 -16.15
N PRO A 73 15.90 -17.17 -15.37
CA PRO A 73 17.15 -16.46 -15.70
C PRO A 73 17.79 -16.82 -17.04
N GLU A 74 17.57 -18.04 -17.52
CA GLU A 74 18.14 -18.45 -18.79
C GLU A 74 17.27 -18.11 -19.99
N ALA A 75 16.19 -17.39 -19.75
CA ALA A 75 15.31 -17.02 -20.84
C ALA A 75 15.52 -15.55 -21.19
N ASP A 76 15.20 -15.19 -22.42
CA ASP A 76 15.34 -13.82 -22.89
C ASP A 76 13.94 -13.21 -22.97
N LEU A 77 13.73 -12.12 -22.24
CA LEU A 77 12.44 -11.46 -22.18
C LEU A 77 12.31 -10.19 -23.01
N ILE A 78 11.22 -10.11 -23.76
CA ILE A 78 10.93 -8.93 -24.56
C ILE A 78 9.82 -8.25 -23.79
N SER A 79 10.12 -7.09 -23.23
CA SER A 79 9.16 -6.35 -22.44
C SER A 79 8.93 -4.98 -23.04
N GLY A 80 7.69 -4.50 -22.96
CA GLY A 80 7.37 -3.20 -23.52
C GLY A 80 6.42 -3.27 -24.70
N ASP A 81 5.83 -2.13 -25.06
CA ASP A 81 4.88 -2.09 -26.15
C ASP A 81 5.36 -1.25 -27.34
N VAL A 82 4.45 -1.00 -28.27
CA VAL A 82 4.76 -0.25 -29.48
C VAL A 82 5.83 -1.03 -30.26
N LYS A 83 5.71 -2.36 -30.23
CA LYS A 83 6.63 -3.22 -30.98
C LYS A 83 6.05 -3.44 -32.37
N PRO A 84 6.89 -3.33 -33.41
CA PRO A 84 6.47 -3.52 -34.81
C PRO A 84 5.47 -4.67 -35.03
N PHE A 85 5.68 -5.79 -34.34
CA PHE A 85 4.78 -6.93 -34.51
C PHE A 85 4.04 -7.41 -33.25
N SER A 86 3.83 -6.48 -32.32
CA SER A 86 3.08 -6.71 -31.10
C SER A 86 3.26 -8.08 -30.46
N MET A 87 2.19 -8.88 -30.46
CA MET A 87 2.21 -10.21 -29.86
C MET A 87 3.21 -11.22 -30.44
N VAL A 88 3.67 -10.99 -31.68
CA VAL A 88 4.63 -11.90 -32.27
C VAL A 88 5.99 -11.25 -32.56
N GLU A 89 6.27 -10.16 -31.86
CA GLU A 89 7.54 -9.45 -32.00
C GLU A 89 8.70 -10.39 -31.66
N GLY A 90 9.71 -10.41 -32.52
CA GLY A 90 10.87 -11.25 -32.27
C GLY A 90 10.82 -12.62 -32.90
N LEU A 91 9.68 -12.97 -33.49
CA LEU A 91 9.53 -14.28 -34.13
C LEU A 91 10.00 -14.24 -35.60
N ASP A 92 10.99 -15.05 -35.94
CA ASP A 92 11.50 -15.13 -37.31
C ASP A 92 11.62 -16.60 -37.73
N ASP A 93 12.19 -16.85 -38.90
CA ASP A 93 12.33 -18.21 -39.42
C ASP A 93 13.43 -19.05 -38.78
N THR A 94 14.10 -18.50 -37.77
CA THR A 94 15.16 -19.22 -37.11
C THR A 94 14.65 -20.01 -35.89
N PHE A 95 13.35 -19.98 -35.67
CA PHE A 95 12.77 -20.70 -34.54
C PHE A 95 12.21 -22.05 -34.96
N ARG A 96 12.41 -23.04 -34.10
CA ARG A 96 11.95 -24.41 -34.33
C ARG A 96 10.43 -24.48 -34.16
N GLY A 97 9.90 -23.65 -33.27
CA GLY A 97 8.48 -23.66 -33.03
C GLY A 97 8.02 -22.54 -32.12
N ALA A 98 6.72 -22.37 -32.01
CA ALA A 98 6.15 -21.35 -31.17
C ALA A 98 5.23 -21.94 -30.13
N LEU A 99 5.14 -21.28 -28.99
CA LEU A 99 4.30 -21.72 -27.88
C LEU A 99 3.47 -20.53 -27.39
N PHE A 100 2.15 -20.65 -27.49
CA PHE A 100 1.25 -19.58 -27.04
C PHE A 100 0.76 -19.93 -25.64
N LEU A 101 1.01 -19.04 -24.69
CA LEU A 101 0.63 -19.25 -23.28
C LEU A 101 -0.35 -18.20 -22.77
N GLY A 102 -1.29 -18.65 -21.94
CA GLY A 102 -2.26 -17.74 -21.38
C GLY A 102 -3.19 -17.14 -22.41
N TYR A 103 -3.45 -17.87 -23.49
CA TYR A 103 -4.34 -17.38 -24.53
C TYR A 103 -5.80 -17.53 -24.15
N HIS A 104 -6.64 -16.81 -24.88
CA HIS A 104 -8.08 -16.81 -24.64
C HIS A 104 -8.83 -16.93 -25.95
N ALA A 105 -10.14 -17.13 -25.85
CA ALA A 105 -11.01 -17.27 -27.01
C ALA A 105 -11.14 -15.95 -27.74
N ARG A 106 -11.40 -16.04 -29.06
CA ARG A 106 -11.57 -14.85 -29.88
C ARG A 106 -12.90 -14.18 -29.56
N ALA A 107 -13.04 -12.92 -29.95
CA ALA A 107 -14.26 -12.15 -29.68
C ALA A 107 -15.53 -12.80 -30.19
N SER A 108 -16.64 -12.50 -29.53
CA SER A 108 -17.95 -12.99 -29.93
C SER A 108 -18.19 -14.49 -29.73
N THR A 109 -17.30 -15.18 -29.03
CA THR A 109 -17.50 -16.62 -28.80
C THR A 109 -17.39 -16.95 -27.31
N PRO A 110 -17.85 -18.15 -26.90
CA PRO A 110 -17.77 -18.57 -25.50
C PRO A 110 -16.32 -18.59 -25.06
N GLY A 111 -16.08 -18.32 -23.77
CA GLY A 111 -14.71 -18.31 -23.28
C GLY A 111 -14.50 -17.14 -22.32
N VAL A 112 -13.78 -17.41 -21.24
CA VAL A 112 -13.50 -16.38 -20.25
C VAL A 112 -12.73 -15.22 -20.87
N MET A 113 -13.16 -14.00 -20.57
CA MET A 113 -12.54 -12.78 -21.07
C MET A 113 -12.28 -12.79 -22.57
N SER A 114 -13.22 -13.34 -23.33
CA SER A 114 -13.09 -13.42 -24.78
C SER A 114 -13.05 -12.04 -25.44
N HIS A 115 -12.13 -11.89 -26.38
CA HIS A 115 -11.97 -10.64 -27.14
C HIS A 115 -10.85 -10.84 -28.14
N SER A 116 -10.63 -9.84 -28.99
CA SER A 116 -9.58 -9.87 -30.01
C SER A 116 -8.88 -8.52 -30.09
N MET A 117 -7.72 -8.41 -29.46
CA MET A 117 -6.90 -7.18 -29.41
C MET A 117 -7.56 -6.03 -28.63
N ILE A 118 -8.70 -5.55 -29.12
CA ILE A 118 -9.41 -4.47 -28.42
C ILE A 118 -10.86 -4.87 -28.23
N PHE A 119 -11.53 -4.24 -27.28
CA PHE A 119 -12.93 -4.55 -26.99
C PHE A 119 -13.81 -4.29 -28.20
N GLY A 120 -13.39 -3.34 -29.04
CA GLY A 120 -14.17 -2.99 -30.21
C GLY A 120 -14.29 -3.95 -31.38
N VAL A 121 -13.46 -4.99 -31.45
CA VAL A 121 -13.59 -5.89 -32.59
C VAL A 121 -14.48 -7.07 -32.30
N ARG A 122 -15.28 -7.45 -33.30
CA ARG A 122 -16.15 -8.60 -33.15
C ARG A 122 -15.53 -9.80 -33.83
N HIS A 123 -14.91 -9.57 -34.98
CA HIS A 123 -14.26 -10.65 -35.73
C HIS A 123 -13.09 -10.16 -36.57
N PHE A 124 -12.11 -11.03 -36.73
CA PHE A 124 -10.95 -10.78 -37.57
C PHE A 124 -11.10 -11.80 -38.70
N TYR A 125 -10.73 -11.42 -39.92
CA TYR A 125 -10.81 -12.34 -41.05
C TYR A 125 -9.57 -12.27 -41.93
N ILE A 126 -9.07 -13.44 -42.27
CA ILE A 126 -7.92 -13.55 -43.16
C ILE A 126 -8.47 -14.39 -44.31
N ASN A 127 -8.86 -13.71 -45.38
CA ASN A 127 -9.43 -14.36 -46.55
C ASN A 127 -10.71 -15.12 -46.15
N ASP A 128 -11.63 -14.41 -45.52
CA ASP A 128 -12.90 -14.99 -45.10
C ASP A 128 -12.85 -16.03 -43.97
N ARG A 129 -11.68 -16.34 -43.46
CA ARG A 129 -11.61 -17.30 -42.38
C ARG A 129 -11.58 -16.62 -41.01
N PRO A 130 -12.57 -16.94 -40.14
CA PRO A 130 -12.69 -16.38 -38.79
C PRO A 130 -11.48 -16.68 -37.92
N VAL A 131 -10.84 -15.64 -37.39
CA VAL A 131 -9.71 -15.84 -36.48
C VAL A 131 -9.63 -14.74 -35.42
N GLY A 132 -8.93 -15.04 -34.33
CA GLY A 132 -8.75 -14.07 -33.27
C GLY A 132 -7.26 -13.86 -33.15
N GLU A 133 -6.81 -13.44 -31.97
CA GLU A 133 -5.38 -13.24 -31.73
C GLU A 133 -4.63 -14.53 -32.05
N LEU A 134 -5.18 -15.64 -31.59
CA LEU A 134 -4.57 -16.95 -31.79
C LEU A 134 -4.32 -17.21 -33.27
N GLY A 135 -5.35 -17.01 -34.08
CA GLY A 135 -5.25 -17.25 -35.50
C GLY A 135 -4.28 -16.31 -36.18
N LEU A 136 -4.43 -15.01 -35.95
CA LEU A 136 -3.54 -14.05 -36.57
C LEU A 136 -2.08 -14.34 -36.21
N ASN A 137 -1.81 -14.63 -34.94
CA ASN A 137 -0.44 -14.89 -34.53
C ASN A 137 0.09 -16.19 -35.17
N ALA A 138 -0.81 -17.17 -35.34
CA ALA A 138 -0.41 -18.43 -35.95
C ALA A 138 -0.05 -18.18 -37.41
N TYR A 139 -0.84 -17.33 -38.07
CA TYR A 139 -0.57 -17.00 -39.47
C TYR A 139 0.76 -16.28 -39.63
N VAL A 140 1.11 -15.40 -38.70
CA VAL A 140 2.38 -14.69 -38.79
C VAL A 140 3.49 -15.71 -38.57
N ALA A 141 3.24 -16.68 -37.70
CA ALA A 141 4.23 -17.72 -37.44
C ALA A 141 4.41 -18.50 -38.73
N GLY A 142 3.29 -18.74 -39.43
CA GLY A 142 3.32 -19.47 -40.68
C GLY A 142 4.15 -18.79 -41.74
N TYR A 143 4.08 -17.46 -41.77
CA TYR A 143 4.85 -16.69 -42.74
C TYR A 143 6.32 -17.02 -42.64
N TYR A 144 6.78 -17.33 -41.42
CA TYR A 144 8.18 -17.67 -41.21
C TYR A 144 8.39 -19.17 -41.19
N ASP A 145 7.36 -19.92 -41.59
CA ASP A 145 7.43 -21.37 -41.61
C ASP A 145 7.68 -21.96 -40.24
N VAL A 146 7.16 -21.30 -39.22
CA VAL A 146 7.32 -21.78 -37.87
C VAL A 146 5.98 -22.30 -37.40
N PRO A 147 5.96 -23.55 -36.91
CA PRO A 147 4.72 -24.17 -36.44
C PRO A 147 4.40 -23.85 -34.99
N VAL A 148 3.11 -23.76 -34.69
CA VAL A 148 2.65 -23.48 -33.34
C VAL A 148 2.53 -24.86 -32.68
N LEU A 149 3.54 -25.22 -31.90
CA LEU A 149 3.58 -26.51 -31.25
C LEU A 149 2.59 -26.70 -30.12
N MET A 150 2.38 -25.65 -29.34
CA MET A 150 1.49 -25.73 -28.20
C MET A 150 0.74 -24.43 -27.96
N VAL A 151 -0.46 -24.55 -27.39
CA VAL A 151 -1.30 -23.42 -27.05
C VAL A 151 -1.94 -23.72 -25.70
N ALA A 152 -1.72 -22.84 -24.72
CA ALA A 152 -2.28 -23.02 -23.39
C ALA A 152 -3.21 -21.87 -23.04
N GLY A 153 -4.24 -22.18 -22.27
CA GLY A 153 -5.21 -21.17 -21.87
C GLY A 153 -6.43 -21.89 -21.32
N ASP A 154 -7.62 -21.34 -21.53
CA ASP A 154 -8.82 -21.99 -21.04
C ASP A 154 -9.22 -23.08 -22.04
N ASP A 155 -10.26 -23.83 -21.71
CA ASP A 155 -10.73 -24.90 -22.57
C ASP A 155 -11.20 -24.37 -23.92
N ARG A 156 -11.78 -23.17 -23.96
CA ARG A 156 -12.26 -22.63 -25.23
C ARG A 156 -11.13 -22.21 -26.18
N ALA A 157 -10.03 -21.71 -25.61
CA ALA A 157 -8.89 -21.30 -26.42
C ALA A 157 -8.25 -22.54 -26.99
N ALA A 158 -8.25 -23.61 -26.20
CA ALA A 158 -7.65 -24.86 -26.63
C ALA A 158 -8.43 -25.42 -27.80
N LYS A 159 -9.76 -25.40 -27.68
CA LYS A 159 -10.65 -25.90 -28.72
C LYS A 159 -10.46 -25.09 -29.98
N GLU A 160 -10.36 -23.77 -29.82
CA GLU A 160 -10.17 -22.87 -30.95
C GLU A 160 -8.84 -23.18 -31.64
N ALA A 161 -7.81 -23.45 -30.85
CA ALA A 161 -6.49 -23.77 -31.41
C ALA A 161 -6.50 -25.03 -32.24
N GLU A 162 -7.00 -26.13 -31.66
CA GLU A 162 -7.02 -27.38 -32.37
C GLU A 162 -7.93 -27.42 -33.61
N GLU A 163 -8.90 -26.52 -33.68
CA GLU A 163 -9.78 -26.47 -34.84
C GLU A 163 -9.13 -25.70 -35.97
N LEU A 164 -7.98 -25.09 -35.67
CA LEU A 164 -7.25 -24.31 -36.66
C LEU A 164 -5.93 -24.96 -37.02
N ILE A 165 -5.24 -25.49 -36.03
CA ILE A 165 -3.94 -26.13 -36.24
C ILE A 165 -3.99 -27.63 -35.96
N PRO A 166 -3.89 -28.45 -37.01
CA PRO A 166 -3.92 -29.92 -36.87
C PRO A 166 -2.80 -30.48 -35.99
N ASN A 167 -3.17 -31.40 -35.10
CA ASN A 167 -2.23 -32.06 -34.19
C ASN A 167 -1.58 -31.15 -33.16
N VAL A 168 -2.03 -29.91 -33.07
CA VAL A 168 -1.45 -28.99 -32.11
C VAL A 168 -1.71 -29.50 -30.69
N THR A 169 -0.77 -29.27 -29.79
CA THR A 169 -0.95 -29.70 -28.40
C THR A 169 -1.55 -28.53 -27.62
N THR A 170 -2.59 -28.83 -26.84
CA THR A 170 -3.24 -27.79 -26.06
C THR A 170 -3.25 -28.14 -24.58
N ALA A 171 -3.23 -27.10 -23.75
CA ALA A 171 -3.24 -27.28 -22.31
C ALA A 171 -4.30 -26.37 -21.70
N ALA A 172 -5.40 -26.98 -21.26
CA ALA A 172 -6.50 -26.23 -20.68
C ALA A 172 -6.30 -26.10 -19.18
N VAL A 173 -5.68 -25.00 -18.76
CA VAL A 173 -5.41 -24.82 -17.35
C VAL A 173 -6.66 -24.46 -16.54
N LYS A 174 -7.74 -24.13 -17.23
CA LYS A 174 -8.98 -23.81 -16.53
C LYS A 174 -10.18 -24.01 -17.45
N GLN A 175 -11.35 -24.22 -16.85
CA GLN A 175 -12.58 -24.42 -17.60
C GLN A 175 -13.47 -23.17 -17.54
N THR A 176 -13.93 -22.72 -18.70
CA THR A 176 -14.77 -21.54 -18.77
C THR A 176 -16.23 -21.83 -18.36
N ILE A 177 -16.77 -21.00 -17.47
CA ILE A 177 -18.15 -21.13 -17.05
C ILE A 177 -18.94 -19.93 -17.61
N SER A 178 -18.30 -18.76 -17.64
CA SER A 178 -18.90 -17.54 -18.18
C SER A 178 -17.74 -16.65 -18.65
N ARG A 179 -18.05 -15.48 -19.19
CA ARG A 179 -16.99 -14.61 -19.66
C ARG A 179 -16.15 -14.07 -18.48
N SER A 180 -16.66 -14.20 -17.26
CA SER A 180 -15.92 -13.73 -16.10
C SER A 180 -15.95 -14.74 -14.96
N ALA A 181 -15.90 -16.02 -15.31
CA ALA A 181 -15.95 -17.09 -14.29
C ALA A 181 -15.35 -18.37 -14.84
N VAL A 182 -14.58 -19.05 -14.01
CA VAL A 182 -13.96 -20.29 -14.45
C VAL A 182 -13.77 -21.29 -13.31
N LYS A 183 -13.58 -22.53 -13.68
CA LYS A 183 -13.32 -23.60 -12.73
C LYS A 183 -11.86 -23.86 -13.06
N CYS A 184 -10.97 -23.60 -12.10
CA CYS A 184 -9.54 -23.76 -12.33
C CYS A 184 -8.82 -24.78 -11.49
N LEU A 185 -7.62 -25.13 -11.95
CA LEU A 185 -6.75 -26.08 -11.28
C LEU A 185 -5.86 -25.28 -10.34
N SER A 186 -5.35 -25.94 -9.30
CA SER A 186 -4.46 -25.26 -8.36
C SER A 186 -3.20 -24.89 -9.13
N PRO A 187 -2.51 -23.82 -8.69
CA PRO A 187 -1.29 -23.39 -9.36
C PRO A 187 -0.29 -24.52 -9.59
N ALA A 188 -0.18 -25.43 -8.63
CA ALA A 188 0.75 -26.55 -8.75
C ALA A 188 0.23 -27.57 -9.75
N LYS A 189 -1.08 -27.78 -9.77
CA LYS A 189 -1.70 -28.75 -10.66
C LYS A 189 -1.56 -28.31 -12.11
N ARG A 190 -1.78 -27.03 -12.36
CA ARG A 190 -1.66 -26.47 -13.69
C ARG A 190 -0.20 -26.59 -14.14
N GLY A 191 0.71 -26.48 -13.17
CA GLY A 191 2.13 -26.56 -13.44
C GLY A 191 2.50 -27.90 -14.05
N ARG A 192 1.97 -28.97 -13.47
CA ARG A 192 2.26 -30.31 -13.99
C ARG A 192 1.70 -30.40 -15.39
N LEU A 193 0.44 -30.01 -15.54
CA LEU A 193 -0.21 -30.05 -16.84
C LEU A 193 0.64 -29.34 -17.89
N LEU A 194 1.07 -28.12 -17.58
CA LEU A 194 1.89 -27.36 -18.51
C LEU A 194 3.22 -28.05 -18.77
N THR A 195 3.82 -28.60 -17.71
CA THR A 195 5.09 -29.31 -17.83
C THR A 195 4.97 -30.50 -18.77
N GLU A 196 3.98 -31.36 -18.54
CA GLU A 196 3.75 -32.54 -19.37
C GLU A 196 3.43 -32.13 -20.80
N LYS A 197 2.48 -31.23 -20.96
CA LYS A 197 2.07 -30.77 -22.28
C LYS A 197 3.22 -30.14 -23.07
N THR A 198 4.06 -29.37 -22.39
CA THR A 198 5.17 -28.73 -23.08
C THR A 198 6.14 -29.81 -23.55
N ALA A 199 6.38 -30.81 -22.70
CA ALA A 199 7.29 -31.89 -23.07
C ALA A 199 6.76 -32.65 -24.29
N PHE A 200 5.49 -33.03 -24.25
CA PHE A 200 4.89 -33.76 -25.36
C PHE A 200 4.91 -32.94 -26.64
N ALA A 201 4.61 -31.66 -26.52
CA ALA A 201 4.58 -30.78 -27.68
C ALA A 201 5.91 -30.70 -28.39
N LEU A 202 6.99 -30.61 -27.62
CA LEU A 202 8.32 -30.51 -28.20
C LEU A 202 8.79 -31.81 -28.87
N GLN A 203 8.37 -32.95 -28.34
CA GLN A 203 8.79 -34.22 -28.92
C GLN A 203 7.85 -34.67 -30.05
N ASN A 204 6.65 -34.11 -30.07
CA ASN A 204 5.68 -34.47 -31.10
C ASN A 204 5.63 -33.39 -32.17
N LYS A 205 6.60 -32.48 -32.13
CA LYS A 205 6.67 -31.35 -33.06
C LYS A 205 6.59 -31.68 -34.54
N ASP A 206 7.14 -32.83 -34.93
CA ASP A 206 7.13 -33.20 -36.34
C ASP A 206 5.72 -33.36 -36.91
N LYS A 207 4.73 -33.63 -36.06
CA LYS A 207 3.37 -33.80 -36.52
C LYS A 207 2.60 -32.50 -36.73
N VAL A 208 3.25 -31.38 -36.41
CA VAL A 208 2.60 -30.08 -36.56
C VAL A 208 3.21 -29.25 -37.68
N LYS A 209 2.36 -28.71 -38.53
CA LYS A 209 2.84 -27.91 -39.65
C LYS A 209 2.48 -26.43 -39.50
N PRO A 210 3.31 -25.56 -40.08
CA PRO A 210 3.09 -24.11 -40.02
C PRO A 210 1.76 -23.74 -40.67
N LEU A 211 1.07 -22.77 -40.09
CA LEU A 211 -0.20 -22.32 -40.62
C LEU A 211 0.10 -21.33 -41.74
N THR A 212 0.40 -21.84 -42.92
CA THR A 212 0.74 -21.01 -44.06
C THR A 212 -0.38 -20.05 -44.43
N PRO A 213 -0.08 -18.74 -44.49
CA PRO A 213 -1.08 -17.74 -44.84
C PRO A 213 -1.06 -17.46 -46.34
N PRO A 214 -2.16 -16.90 -46.86
CA PRO A 214 -2.26 -16.58 -48.29
C PRO A 214 -1.14 -15.61 -48.69
N ASP A 215 -0.82 -15.57 -49.97
CA ASP A 215 0.23 -14.69 -50.49
C ASP A 215 -0.14 -13.22 -50.31
N ARG A 216 -1.34 -12.85 -50.75
CA ARG A 216 -1.80 -11.47 -50.63
C ARG A 216 -3.11 -11.51 -49.85
N PRO A 217 -3.02 -11.77 -48.55
CA PRO A 217 -4.19 -11.86 -47.68
C PRO A 217 -5.05 -10.61 -47.61
N VAL A 218 -6.35 -10.83 -47.49
CA VAL A 218 -7.30 -9.75 -47.37
C VAL A 218 -7.74 -9.75 -45.91
N LEU A 219 -7.41 -8.67 -45.22
CA LEU A 219 -7.76 -8.52 -43.82
C LEU A 219 -9.13 -7.90 -43.70
N SER A 220 -9.99 -8.50 -42.90
CA SER A 220 -11.33 -7.97 -42.67
C SER A 220 -11.51 -7.87 -41.16
N ILE A 221 -12.01 -6.72 -40.72
CA ILE A 221 -12.26 -6.52 -39.32
C ILE A 221 -13.67 -6.03 -39.13
N GLU A 222 -14.46 -6.77 -38.38
CA GLU A 222 -15.82 -6.37 -38.10
C GLU A 222 -15.80 -5.74 -36.72
N PHE A 223 -16.20 -4.47 -36.63
CA PHE A 223 -16.21 -3.76 -35.37
C PHE A 223 -17.59 -3.78 -34.72
N ALA A 224 -17.65 -3.48 -33.43
CA ALA A 224 -18.91 -3.48 -32.69
C ALA A 224 -19.90 -2.43 -33.19
N ASN A 225 -19.41 -1.22 -33.49
CA ASN A 225 -20.28 -0.14 -33.97
C ASN A 225 -19.71 0.53 -35.22
N TYR A 226 -20.53 1.33 -35.88
CA TYR A 226 -20.10 2.00 -37.10
C TYR A 226 -19.01 3.07 -36.86
N GLY A 227 -19.03 3.70 -35.69
CA GLY A 227 -18.02 4.68 -35.38
C GLY A 227 -16.61 4.10 -35.44
N GLN A 228 -16.42 2.89 -34.92
CA GLN A 228 -15.10 2.27 -34.93
C GLN A 228 -14.70 1.94 -36.35
N ALA A 229 -15.69 1.59 -37.17
CA ALA A 229 -15.40 1.29 -38.56
C ALA A 229 -14.94 2.58 -39.28
N GLU A 230 -15.62 3.68 -39.03
CA GLU A 230 -15.24 4.95 -39.67
C GLU A 230 -13.80 5.33 -39.32
N TRP A 231 -13.43 5.18 -38.05
CA TRP A 231 -12.06 5.50 -37.63
C TRP A 231 -11.05 4.67 -38.42
N ALA A 232 -11.24 3.36 -38.45
CA ALA A 232 -10.33 2.48 -39.17
C ALA A 232 -10.32 2.79 -40.67
N ASN A 233 -11.48 3.12 -41.20
CA ASN A 233 -11.61 3.43 -42.62
C ASN A 233 -10.88 4.70 -43.02
N LEU A 234 -10.20 5.32 -42.06
CA LEU A 234 -9.42 6.53 -42.32
C LEU A 234 -8.07 6.11 -42.90
N MET A 235 -7.62 4.91 -42.55
CA MET A 235 -6.34 4.42 -43.04
C MET A 235 -6.36 4.18 -44.54
N PRO A 236 -5.36 4.70 -45.27
CA PRO A 236 -5.31 4.51 -46.72
C PRO A 236 -5.34 3.03 -47.08
N GLY A 237 -6.04 2.70 -48.17
CA GLY A 237 -6.12 1.31 -48.60
C GLY A 237 -7.25 0.52 -47.98
N THR A 238 -8.09 1.17 -47.16
CA THR A 238 -9.20 0.49 -46.51
C THR A 238 -10.53 0.85 -47.16
N GLU A 239 -11.55 0.05 -46.88
CA GLU A 239 -12.89 0.29 -47.42
C GLU A 239 -13.92 -0.40 -46.51
N ILE A 240 -15.06 0.26 -46.32
CA ILE A 240 -16.12 -0.30 -45.51
C ILE A 240 -17.11 -1.02 -46.40
N LYS A 241 -17.47 -2.25 -46.03
CA LYS A 241 -18.42 -3.05 -46.79
C LYS A 241 -19.80 -2.47 -46.49
N THR A 242 -20.43 -1.85 -47.48
CA THR A 242 -21.75 -1.26 -47.30
C THR A 242 -22.73 -2.18 -46.57
N GLY A 243 -23.50 -1.60 -45.65
CA GLY A 243 -24.47 -2.38 -44.89
C GLY A 243 -23.85 -3.14 -43.73
N THR A 244 -22.59 -2.86 -43.42
CA THR A 244 -21.90 -3.55 -42.32
C THR A 244 -20.99 -2.61 -41.54
N THR A 245 -20.32 -3.15 -40.54
CA THR A 245 -19.38 -2.39 -39.72
C THR A 245 -18.03 -3.03 -39.92
N THR A 246 -17.87 -3.66 -41.08
CA THR A 246 -16.64 -4.35 -41.43
C THR A 246 -15.80 -3.50 -42.38
N VAL A 247 -14.50 -3.43 -42.10
CA VAL A 247 -13.57 -2.69 -42.92
C VAL A 247 -12.55 -3.67 -43.49
N GLN A 248 -12.26 -3.56 -44.78
CA GLN A 248 -11.33 -4.48 -45.41
C GLN A 248 -10.04 -3.79 -45.88
N PHE A 249 -8.97 -4.57 -45.93
CA PHE A 249 -7.69 -4.06 -46.36
C PHE A 249 -6.92 -5.15 -47.11
N GLN A 250 -6.63 -4.90 -48.38
CA GLN A 250 -5.89 -5.83 -49.21
C GLN A 250 -4.41 -5.60 -48.90
N ALA A 251 -3.75 -6.62 -48.34
CA ALA A 251 -2.34 -6.52 -47.96
C ALA A 251 -1.43 -7.21 -48.96
N LYS A 252 -0.15 -6.84 -48.93
CA LYS A 252 0.85 -7.43 -49.82
C LYS A 252 1.30 -8.79 -49.32
N ASP A 253 1.27 -8.94 -47.99
CA ASP A 253 1.65 -10.19 -47.33
C ASP A 253 1.09 -10.21 -45.90
N MET A 254 1.27 -11.33 -45.22
CA MET A 254 0.75 -11.47 -43.86
C MET A 254 1.33 -10.42 -42.91
N LEU A 255 2.60 -10.09 -43.10
CA LEU A 255 3.23 -9.09 -42.24
C LEU A 255 2.57 -7.72 -42.36
N GLU A 256 2.21 -7.31 -43.58
CA GLU A 256 1.57 -6.02 -43.76
C GLU A 256 0.15 -6.10 -43.21
N ALA A 257 -0.46 -7.28 -43.35
CA ALA A 257 -1.82 -7.49 -42.88
C ALA A 257 -1.85 -7.36 -41.35
N TYR A 258 -0.80 -7.86 -40.70
CA TYR A 258 -0.75 -7.81 -39.26
C TYR A 258 -0.65 -6.36 -38.79
N GLN A 259 0.28 -5.62 -39.38
CA GLN A 259 0.43 -4.22 -39.00
C GLN A 259 -0.79 -3.38 -39.34
N ALA A 260 -1.49 -3.74 -40.40
CA ALA A 260 -2.70 -3.02 -40.75
C ALA A 260 -3.69 -3.24 -39.62
N MET A 261 -3.69 -4.45 -39.05
CA MET A 261 -4.58 -4.76 -37.94
C MET A 261 -4.25 -3.87 -36.74
N LEU A 262 -2.96 -3.75 -36.45
CA LEU A 262 -2.52 -2.91 -35.33
C LEU A 262 -3.00 -1.48 -35.45
N VAL A 263 -2.80 -0.89 -36.62
CA VAL A 263 -3.23 0.48 -36.87
C VAL A 263 -4.75 0.65 -36.85
N MET A 264 -5.46 -0.19 -37.59
CA MET A 264 -6.93 -0.13 -37.64
C MET A 264 -7.57 -0.29 -36.27
N THR A 265 -7.06 -1.21 -35.46
CA THR A 265 -7.65 -1.39 -34.13
C THR A 265 -7.26 -0.20 -33.24
N GLU A 266 -6.04 0.31 -33.43
CA GLU A 266 -5.57 1.45 -32.65
C GLU A 266 -6.49 2.65 -32.92
N LEU A 267 -6.88 2.83 -34.18
CA LEU A 267 -7.75 3.92 -34.56
C LEU A 267 -9.14 3.70 -33.96
N ALA A 268 -9.61 2.46 -34.04
CA ALA A 268 -10.93 2.13 -33.54
C ALA A 268 -11.02 2.37 -32.04
N MET A 269 -9.91 2.19 -31.35
CA MET A 269 -9.87 2.39 -29.90
C MET A 269 -10.25 3.81 -29.46
N ARG A 270 -10.08 4.78 -30.36
CA ARG A 270 -10.39 6.17 -30.06
C ARG A 270 -11.89 6.49 -30.11
N THR A 271 -12.68 5.59 -30.67
CA THR A 271 -14.12 5.80 -30.79
C THR A 271 -14.81 6.15 -29.48
N SER A 272 -15.59 7.22 -29.52
CA SER A 272 -16.32 7.69 -28.34
C SER A 272 -17.80 7.26 -28.43
N PHE A 273 -18.54 7.49 -27.34
CA PHE A 273 -19.96 7.15 -27.28
C PHE A 273 -20.17 5.64 -27.47
N CYS A 274 -19.49 4.85 -26.64
CA CYS A 274 -19.61 3.40 -26.69
C CYS A 274 -18.96 2.79 -25.45
N MET B 1 42.94 3.90 -6.30
CA MET B 1 42.48 4.77 -7.43
C MET B 1 41.00 5.12 -7.25
N LYS B 2 40.67 6.38 -7.49
CA LYS B 2 39.29 6.85 -7.35
C LYS B 2 38.51 6.69 -8.65
N LEU B 3 37.32 6.10 -8.54
CA LEU B 3 36.47 5.89 -9.71
C LEU B 3 35.16 6.65 -9.50
N TYR B 4 34.76 7.40 -10.52
CA TYR B 4 33.51 8.17 -10.48
C TYR B 4 32.40 7.43 -11.23
N MET B 5 31.20 7.40 -10.64
CA MET B 5 30.05 6.73 -11.24
C MET B 5 28.83 7.63 -11.36
N SER B 6 28.29 7.73 -12.57
CA SER B 6 27.08 8.51 -12.85
C SER B 6 26.05 7.46 -13.24
N VAL B 7 25.00 7.33 -12.43
CA VAL B 7 23.96 6.33 -12.68
C VAL B 7 22.60 6.90 -13.05
N ASP B 8 22.17 6.64 -14.29
CA ASP B 8 20.87 7.09 -14.77
C ASP B 8 19.92 5.89 -14.64
N MET B 9 18.66 6.04 -15.04
CA MET B 9 17.70 4.94 -14.91
C MET B 9 17.16 4.31 -16.19
N GLU B 10 16.86 5.13 -17.20
CA GLU B 10 16.29 4.61 -18.44
C GLU B 10 17.06 3.49 -19.08
N GLY B 11 18.37 3.49 -18.89
CA GLY B 11 19.20 2.46 -19.49
C GLY B 11 19.40 1.27 -18.59
N ILE B 12 18.83 1.30 -17.39
CA ILE B 12 19.01 0.18 -16.49
C ILE B 12 18.42 -1.07 -17.13
N SER B 13 19.00 -2.21 -16.79
CA SER B 13 18.55 -3.46 -17.38
C SER B 13 17.15 -3.87 -16.91
N GLY B 14 16.41 -4.50 -17.81
CA GLY B 14 15.07 -4.96 -17.51
C GLY B 14 13.98 -3.92 -17.60
N LEU B 15 14.34 -2.63 -17.55
CA LEU B 15 13.34 -1.57 -17.61
C LEU B 15 12.94 -1.21 -19.04
N PRO B 16 11.67 -1.49 -19.40
CA PRO B 16 11.16 -1.19 -20.75
C PRO B 16 10.52 0.15 -20.97
N ASP B 17 9.85 0.67 -19.94
CA ASP B 17 9.16 1.95 -20.08
C ASP B 17 9.24 2.83 -18.85
N ASP B 18 8.59 3.99 -18.91
CA ASP B 18 8.65 4.92 -17.80
C ASP B 18 7.87 4.53 -16.53
N THR B 19 7.12 3.43 -16.56
CA THR B 19 6.41 3.04 -15.35
C THR B 19 7.44 2.56 -14.34
N PHE B 20 8.65 2.31 -14.83
CA PHE B 20 9.74 1.86 -13.97
C PHE B 20 10.69 2.99 -13.56
N VAL B 21 10.62 4.15 -14.21
CA VAL B 21 11.51 5.25 -13.88
C VAL B 21 10.85 6.51 -13.34
N ASP B 22 9.54 6.61 -13.45
CA ASP B 22 8.79 7.78 -12.99
C ASP B 22 8.37 7.51 -11.54
N SER B 23 8.93 8.27 -10.60
CA SER B 23 8.61 8.07 -9.18
C SER B 23 7.11 8.02 -8.89
N GLY B 24 6.31 8.61 -9.76
CA GLY B 24 4.88 8.60 -9.55
C GLY B 24 4.14 7.43 -10.20
N LYS B 25 4.88 6.46 -10.73
CA LYS B 25 4.23 5.31 -11.39
C LYS B 25 4.40 3.96 -10.71
N ARG B 26 3.46 3.08 -11.04
CA ARG B 26 3.35 1.72 -10.49
C ARG B 26 4.59 0.83 -10.35
N ASN B 27 5.50 0.87 -11.32
CA ASN B 27 6.67 0.01 -11.23
C ASN B 27 7.96 0.67 -10.78
N TYR B 28 7.84 1.91 -10.30
CA TYR B 28 9.00 2.65 -9.83
C TYR B 28 9.79 1.98 -8.71
N GLU B 29 9.10 1.54 -7.67
CA GLU B 29 9.79 0.91 -6.54
C GLU B 29 10.62 -0.29 -6.98
N ARG B 30 10.12 -1.06 -7.93
CA ARG B 30 10.89 -2.22 -8.42
C ARG B 30 12.07 -1.67 -9.22
N GLY B 31 11.82 -0.59 -9.95
CA GLY B 31 12.85 0.00 -10.77
C GLY B 31 14.07 0.45 -9.98
N ARG B 32 13.85 1.20 -8.90
CA ARG B 32 14.97 1.68 -8.11
C ARG B 32 15.70 0.56 -7.39
N LEU B 33 15.01 -0.54 -7.16
CA LEU B 33 15.63 -1.70 -6.50
C LEU B 33 16.62 -2.31 -7.50
N ILE B 34 16.14 -2.53 -8.72
CA ILE B 34 16.98 -3.09 -9.77
C ILE B 34 18.13 -2.15 -10.08
N MET B 35 17.85 -0.84 -10.06
CA MET B 35 18.86 0.17 -10.34
C MET B 35 19.98 0.13 -9.31
N THR B 36 19.61 0.06 -8.04
CA THR B 36 20.58 0.01 -6.97
C THR B 36 21.43 -1.25 -7.10
N GLU B 37 20.79 -2.38 -7.36
CA GLU B 37 21.55 -3.62 -7.49
C GLU B 37 22.46 -3.61 -8.70
N GLU B 38 22.00 -3.01 -9.80
CA GLU B 38 22.83 -2.91 -10.99
C GLU B 38 24.11 -2.13 -10.68
N ALA B 39 23.97 -1.05 -9.93
CA ALA B 39 25.12 -0.23 -9.58
C ALA B 39 26.06 -1.03 -8.67
N ASN B 40 25.50 -1.84 -7.78
CA ASN B 40 26.31 -2.65 -6.88
C ASN B 40 27.24 -3.60 -7.62
N TYR B 41 26.77 -4.15 -8.73
CA TYR B 41 27.62 -5.06 -9.50
C TYR B 41 28.89 -4.34 -9.92
N CYS B 42 28.74 -3.13 -10.45
CA CYS B 42 29.90 -2.36 -10.89
C CYS B 42 30.78 -1.92 -9.72
N ILE B 43 30.15 -1.47 -8.65
CA ILE B 43 30.90 -1.02 -7.47
C ILE B 43 31.73 -2.18 -6.92
N ALA B 44 31.09 -3.33 -6.74
CA ALA B 44 31.76 -4.51 -6.21
C ALA B 44 32.96 -4.88 -7.06
N GLU B 45 32.80 -4.86 -8.37
CA GLU B 45 33.90 -5.20 -9.25
C GLU B 45 34.95 -4.10 -9.29
N ALA B 46 34.53 -2.86 -9.02
CA ALA B 46 35.46 -1.74 -9.03
C ALA B 46 36.47 -1.95 -7.92
N PHE B 47 35.97 -2.20 -6.71
CA PHE B 47 36.81 -2.43 -5.55
C PHE B 47 37.65 -3.68 -5.79
N ASN B 48 37.02 -4.72 -6.30
CA ASN B 48 37.70 -5.98 -6.57
C ASN B 48 38.83 -5.80 -7.57
N SER B 49 38.77 -4.73 -8.36
CA SER B 49 39.80 -4.48 -9.36
C SER B 49 40.86 -3.47 -8.90
N GLY B 50 40.89 -3.18 -7.61
CA GLY B 50 41.88 -2.26 -7.10
C GLY B 50 41.42 -0.90 -6.64
N CYS B 51 40.30 -0.41 -7.17
CA CYS B 51 39.81 0.91 -6.78
C CYS B 51 39.69 1.03 -5.27
N THR B 52 40.16 2.16 -4.74
CA THR B 52 40.10 2.40 -3.30
C THR B 52 38.91 3.28 -2.92
N GLU B 53 38.38 3.98 -3.91
CA GLU B 53 37.23 4.86 -3.71
C GLU B 53 36.29 4.83 -4.90
N VAL B 54 35.00 4.83 -4.60
CA VAL B 54 33.97 4.83 -5.64
C VAL B 54 32.87 5.82 -5.27
N LEU B 55 32.82 6.93 -5.99
CA LEU B 55 31.81 7.96 -5.75
C LEU B 55 30.64 7.67 -6.69
N VAL B 56 29.45 7.47 -6.11
CA VAL B 56 28.24 7.18 -6.91
C VAL B 56 27.27 8.35 -6.90
N ASN B 57 27.05 8.94 -8.06
CA ASN B 57 26.15 10.07 -8.21
C ASN B 57 24.84 9.66 -8.89
N ASP B 58 23.74 9.75 -8.15
CA ASP B 58 22.42 9.44 -8.69
C ASP B 58 22.19 10.53 -9.74
N SER B 59 22.01 10.14 -11.00
CA SER B 59 21.84 11.14 -12.04
C SER B 59 20.51 11.13 -12.75
N HIS B 60 19.49 10.62 -12.07
CA HIS B 60 18.16 10.53 -12.69
C HIS B 60 17.05 11.34 -12.03
N SER B 61 16.37 12.17 -12.82
CA SER B 61 15.25 12.97 -12.33
C SER B 61 15.57 13.68 -11.01
N LYS B 62 14.86 13.33 -9.93
CA LYS B 62 15.08 13.97 -8.62
C LYS B 62 16.34 13.44 -7.95
N MET B 63 16.98 12.48 -8.61
CA MET B 63 18.22 11.89 -8.13
C MET B 63 18.18 11.37 -6.70
N ASN B 64 17.03 10.83 -6.32
CA ASN B 64 16.83 10.25 -5.00
C ASN B 64 16.28 8.82 -5.20
N ASN B 65 16.75 8.18 -6.27
CA ASN B 65 16.36 6.83 -6.68
C ASN B 65 17.20 5.72 -6.05
N LEU B 66 18.51 5.81 -6.18
CA LEU B 66 19.38 4.81 -5.60
C LEU B 66 19.04 4.73 -4.11
N MET B 67 18.92 3.50 -3.60
CA MET B 67 18.57 3.30 -2.21
C MET B 67 19.80 3.24 -1.30
N VAL B 68 19.96 4.28 -0.51
CA VAL B 68 21.11 4.36 0.39
C VAL B 68 21.24 3.17 1.34
N GLU B 69 20.12 2.56 1.72
CA GLU B 69 20.17 1.43 2.64
C GLU B 69 20.52 0.11 1.97
N LYS B 70 20.63 0.10 0.64
CA LYS B 70 20.96 -1.13 -0.09
C LYS B 70 22.16 -1.00 -1.00
N LEU B 71 22.69 0.21 -1.13
CA LEU B 71 23.86 0.41 -1.98
C LEU B 71 25.07 -0.19 -1.29
N HIS B 72 26.10 -0.52 -2.07
CA HIS B 72 27.32 -1.09 -1.52
C HIS B 72 27.77 -0.17 -0.40
N PRO B 73 27.92 -0.70 0.82
CA PRO B 73 28.33 0.04 2.02
C PRO B 73 29.66 0.79 1.90
N GLU B 74 30.59 0.26 1.12
CA GLU B 74 31.89 0.91 0.96
C GLU B 74 31.92 1.99 -0.11
N ALA B 75 30.76 2.31 -0.66
CA ALA B 75 30.68 3.34 -1.68
C ALA B 75 30.09 4.61 -1.10
N ASP B 76 30.42 5.75 -1.70
CA ASP B 76 29.91 7.03 -1.24
C ASP B 76 28.83 7.49 -2.20
N LEU B 77 27.62 7.70 -1.67
CA LEU B 77 26.50 8.12 -2.51
C LEU B 77 26.14 9.60 -2.45
N ILE B 78 25.92 10.18 -3.62
CA ILE B 78 25.51 11.57 -3.73
C ILE B 78 24.04 11.48 -4.12
N SER B 79 23.18 11.87 -3.20
CA SER B 79 21.75 11.80 -3.41
C SER B 79 21.13 13.19 -3.31
N GLY B 80 20.16 13.46 -4.17
CA GLY B 80 19.51 14.76 -4.13
C GLY B 80 19.72 15.53 -5.41
N ASP B 81 18.89 16.56 -5.64
CA ASP B 81 19.00 17.37 -6.85
C ASP B 81 19.44 18.81 -6.59
N VAL B 82 19.31 19.66 -7.60
CA VAL B 82 19.74 21.04 -7.52
C VAL B 82 21.24 21.08 -7.22
N LYS B 83 21.98 20.15 -7.82
CA LYS B 83 23.43 20.10 -7.64
C LYS B 83 24.06 20.95 -8.74
N PRO B 84 25.06 21.78 -8.38
CA PRO B 84 25.75 22.66 -9.32
C PRO B 84 26.04 22.00 -10.68
N PHE B 85 26.46 20.74 -10.67
CA PHE B 85 26.75 20.06 -11.93
C PHE B 85 25.93 18.81 -12.25
N SER B 86 24.69 18.81 -11.75
CA SER B 86 23.71 17.74 -11.99
C SER B 86 24.28 16.32 -12.11
N MET B 87 24.20 15.76 -13.31
CA MET B 87 24.69 14.40 -13.56
C MET B 87 26.18 14.15 -13.30
N VAL B 88 27.00 15.20 -13.34
CA VAL B 88 28.43 15.02 -13.09
C VAL B 88 28.94 15.68 -11.80
N GLU B 89 28.02 15.91 -10.88
CA GLU B 89 28.35 16.52 -9.60
C GLU B 89 29.35 15.66 -8.87
N GLY B 90 30.39 16.30 -8.32
CA GLY B 90 31.40 15.57 -7.56
C GLY B 90 32.58 15.05 -8.36
N LEU B 91 32.53 15.24 -9.67
CA LEU B 91 33.61 14.78 -10.55
C LEU B 91 34.69 15.86 -10.71
N ASP B 92 35.91 15.55 -10.31
CA ASP B 92 37.03 16.48 -10.42
C ASP B 92 38.24 15.78 -11.03
N ASP B 93 39.38 16.47 -11.09
CA ASP B 93 40.59 15.91 -11.67
C ASP B 93 41.31 14.90 -10.80
N THR B 94 40.73 14.53 -9.66
CA THR B 94 41.36 13.56 -8.78
C THR B 94 40.88 12.15 -9.05
N PHE B 95 40.04 11.98 -10.06
CA PHE B 95 39.52 10.66 -10.40
C PHE B 95 40.28 10.01 -11.54
N ARG B 96 40.51 8.71 -11.41
CA ARG B 96 41.23 7.91 -12.40
C ARG B 96 40.38 7.72 -13.64
N GLY B 97 39.07 7.66 -13.45
CA GLY B 97 38.17 7.48 -14.58
C GLY B 97 36.71 7.57 -14.19
N ALA B 98 35.86 7.61 -15.20
CA ALA B 98 34.42 7.70 -14.96
C ALA B 98 33.69 6.51 -15.57
N LEU B 99 32.56 6.16 -14.96
CA LEU B 99 31.74 5.04 -15.41
C LEU B 99 30.28 5.47 -15.45
N PHE B 100 29.70 5.48 -16.66
CA PHE B 100 28.31 5.87 -16.85
C PHE B 100 27.44 4.62 -16.87
N LEU B 101 26.50 4.54 -15.93
CA LEU B 101 25.62 3.38 -15.82
C LEU B 101 24.16 3.73 -16.09
N GLY B 102 23.43 2.79 -16.70
CA GLY B 102 22.03 3.01 -17.00
C GLY B 102 21.78 4.15 -17.94
N TYR B 103 22.72 4.39 -18.86
CA TYR B 103 22.54 5.47 -19.81
C TYR B 103 21.63 5.09 -20.97
N HIS B 104 21.15 6.12 -21.68
CA HIS B 104 20.24 5.92 -22.79
C HIS B 104 20.65 6.78 -23.96
N ALA B 105 20.02 6.56 -25.11
CA ALA B 105 20.35 7.31 -26.32
C ALA B 105 19.91 8.76 -26.23
N ARG B 106 20.55 9.61 -27.01
CA ARG B 106 20.20 11.02 -27.03
C ARG B 106 18.89 11.24 -27.78
N ALA B 107 18.27 12.40 -27.56
CA ALA B 107 17.00 12.73 -28.16
C ALA B 107 17.00 12.64 -29.69
N SER B 108 15.84 12.32 -30.25
CA SER B 108 15.68 12.25 -31.69
C SER B 108 16.36 11.08 -32.39
N THR B 109 16.83 10.08 -31.63
CA THR B 109 17.49 8.93 -32.24
C THR B 109 16.89 7.63 -31.69
N PRO B 110 17.14 6.51 -32.39
CA PRO B 110 16.62 5.21 -31.96
C PRO B 110 17.15 4.90 -30.56
N GLY B 111 16.39 4.15 -29.78
CA GLY B 111 16.83 3.81 -28.43
C GLY B 111 15.68 3.92 -27.43
N VAL B 112 15.61 2.96 -26.53
CA VAL B 112 14.54 2.96 -25.54
C VAL B 112 14.59 4.24 -24.67
N MET B 113 13.44 4.86 -24.49
CA MET B 113 13.30 6.08 -23.68
C MET B 113 14.31 7.18 -24.05
N SER B 114 14.59 7.31 -25.34
CA SER B 114 15.53 8.31 -25.81
C SER B 114 15.10 9.74 -25.49
N HIS B 115 16.05 10.55 -25.03
CA HIS B 115 15.80 11.94 -24.69
C HIS B 115 17.09 12.56 -24.20
N SER B 116 17.08 13.87 -23.97
CA SER B 116 18.25 14.59 -23.46
C SER B 116 17.83 15.60 -22.40
N MET B 117 18.01 15.20 -21.13
CA MET B 117 17.67 16.01 -19.96
C MET B 117 16.18 16.24 -19.79
N ILE B 118 15.55 16.90 -20.75
CA ILE B 118 14.12 17.16 -20.68
C ILE B 118 13.48 16.73 -21.99
N PHE B 119 12.18 16.48 -21.96
CA PHE B 119 11.45 16.05 -23.15
C PHE B 119 11.52 17.11 -24.25
N GLY B 120 11.67 18.35 -23.84
CA GLY B 120 11.70 19.45 -24.80
C GLY B 120 12.91 19.62 -25.71
N VAL B 121 14.02 18.96 -25.42
CA VAL B 121 15.17 19.15 -26.31
C VAL B 121 15.24 18.08 -27.40
N ARG B 122 15.63 18.52 -28.59
CA ARG B 122 15.79 17.62 -29.72
C ARG B 122 17.26 17.30 -29.91
N HIS B 123 18.10 18.31 -29.75
CA HIS B 123 19.55 18.14 -29.89
C HIS B 123 20.37 19.10 -29.06
N PHE B 124 21.52 18.60 -28.59
CA PHE B 124 22.50 19.38 -27.82
C PHE B 124 23.69 19.50 -28.77
N TYR B 125 24.36 20.65 -28.78
CA TYR B 125 25.52 20.84 -29.64
C TYR B 125 26.67 21.54 -28.92
N ILE B 126 27.85 20.96 -29.03
CA ILE B 126 29.05 21.54 -28.45
C ILE B 126 29.94 21.80 -29.65
N ASN B 127 29.92 23.03 -30.14
CA ASN B 127 30.70 23.41 -31.31
C ASN B 127 30.26 22.58 -32.53
N ASP B 128 28.96 22.61 -32.81
CA ASP B 128 28.40 21.88 -33.95
C ASP B 128 28.40 20.35 -33.85
N ARG B 129 28.94 19.78 -32.79
CA ARG B 129 28.93 18.33 -32.68
C ARG B 129 27.72 17.83 -31.89
N PRO B 130 26.89 16.97 -32.51
CA PRO B 130 25.70 16.38 -31.90
C PRO B 130 26.03 15.55 -30.66
N VAL B 131 25.40 15.88 -29.53
CA VAL B 131 25.61 15.13 -28.30
C VAL B 131 24.39 15.14 -27.40
N GLY B 132 24.31 14.18 -26.50
CA GLY B 132 23.20 14.10 -25.58
C GLY B 132 23.80 14.14 -24.20
N GLU B 133 23.10 13.58 -23.22
CA GLU B 133 23.60 13.56 -21.86
C GLU B 133 24.98 12.89 -21.84
N LEU B 134 25.10 11.78 -22.55
CA LEU B 134 26.35 11.04 -22.60
C LEU B 134 27.51 11.94 -23.05
N GLY B 135 27.30 12.62 -24.16
CA GLY B 135 28.30 13.51 -24.71
C GLY B 135 28.65 14.64 -23.76
N LEU B 136 27.65 15.40 -23.32
CA LEU B 136 27.89 16.51 -22.42
C LEU B 136 28.63 16.06 -21.17
N ASN B 137 28.20 14.95 -20.56
CA ASN B 137 28.87 14.50 -19.35
C ASN B 137 30.31 14.07 -19.65
N ALA B 138 30.53 13.49 -20.83
CA ALA B 138 31.89 13.08 -21.19
C ALA B 138 32.77 14.32 -21.32
N TYR B 139 32.23 15.36 -21.97
CA TYR B 139 32.97 16.60 -22.13
C TYR B 139 33.35 17.23 -20.80
N VAL B 140 32.44 17.20 -19.83
CA VAL B 140 32.74 17.76 -18.51
C VAL B 140 33.83 16.90 -17.85
N ALA B 141 33.78 15.59 -18.11
CA ALA B 141 34.79 14.71 -17.56
C ALA B 141 36.13 15.07 -18.22
N GLY B 142 36.08 15.43 -19.50
CA GLY B 142 37.26 15.80 -20.23
C GLY B 142 37.93 17.05 -19.68
N TYR B 143 37.10 18.00 -19.24
CA TYR B 143 37.58 19.24 -18.67
C TYR B 143 38.52 18.95 -17.50
N TYR B 144 38.24 17.87 -16.78
CA TYR B 144 39.07 17.49 -15.64
C TYR B 144 40.08 16.42 -16.04
N ASP B 145 40.25 16.23 -17.34
CA ASP B 145 41.18 15.24 -17.84
C ASP B 145 40.89 13.84 -17.33
N VAL B 146 39.62 13.55 -17.11
CA VAL B 146 39.21 12.24 -16.65
C VAL B 146 38.55 11.52 -17.81
N PRO B 147 39.02 10.32 -18.11
CA PRO B 147 38.47 9.53 -19.22
C PRO B 147 37.24 8.70 -18.82
N VAL B 148 36.32 8.53 -19.77
CA VAL B 148 35.13 7.74 -19.54
C VAL B 148 35.53 6.32 -19.91
N LEU B 149 35.85 5.53 -18.90
CA LEU B 149 36.30 4.15 -19.11
C LEU B 149 35.21 3.18 -19.59
N MET B 150 34.01 3.32 -19.05
CA MET B 150 32.89 2.44 -19.39
C MET B 150 31.55 3.15 -19.45
N VAL B 151 30.67 2.64 -20.31
CA VAL B 151 29.33 3.18 -20.47
C VAL B 151 28.39 1.99 -20.62
N ALA B 152 27.39 1.90 -19.73
CA ALA B 152 26.42 0.80 -19.75
C ALA B 152 25.01 1.34 -19.99
N GLY B 153 24.20 0.55 -20.67
CA GLY B 153 22.83 0.94 -20.97
C GLY B 153 22.29 0.02 -22.05
N ASP B 154 21.46 0.54 -22.94
CA ASP B 154 20.93 -0.28 -24.01
C ASP B 154 21.96 -0.31 -25.14
N ASP B 155 21.67 -1.07 -26.19
CA ASP B 155 22.59 -1.19 -27.31
C ASP B 155 22.81 0.16 -28.01
N ARG B 156 21.77 1.00 -28.03
CA ARG B 156 21.88 2.30 -28.68
C ARG B 156 22.79 3.28 -27.97
N ALA B 157 22.76 3.23 -26.64
CA ALA B 157 23.60 4.11 -25.84
C ALA B 157 25.05 3.66 -26.01
N ALA B 158 25.25 2.35 -26.05
CA ALA B 158 26.58 1.79 -26.21
C ALA B 158 27.17 2.25 -27.54
N LYS B 159 26.38 2.15 -28.61
CA LYS B 159 26.82 2.54 -29.93
C LYS B 159 27.18 4.02 -29.95
N GLU B 160 26.31 4.83 -29.33
CA GLU B 160 26.50 6.27 -29.26
C GLU B 160 27.79 6.60 -28.50
N ALA B 161 28.07 5.82 -27.44
CA ALA B 161 29.28 6.02 -26.63
C ALA B 161 30.55 5.76 -27.44
N GLU B 162 30.63 4.57 -28.04
CA GLU B 162 31.80 4.20 -28.80
C GLU B 162 32.05 5.05 -30.03
N GLU B 163 31.02 5.71 -30.55
CA GLU B 163 31.17 6.56 -31.72
C GLU B 163 31.71 7.93 -31.32
N LEU B 164 31.81 8.15 -30.01
CA LEU B 164 32.28 9.40 -29.47
C LEU B 164 33.60 9.26 -28.72
N ILE B 165 33.72 8.17 -27.96
CA ILE B 165 34.92 7.90 -27.18
C ILE B 165 35.67 6.66 -27.65
N PRO B 166 36.81 6.85 -28.33
CA PRO B 166 37.63 5.75 -28.85
C PRO B 166 38.05 4.72 -27.78
N ASN B 167 37.92 3.44 -28.11
CA ASN B 167 38.29 2.32 -27.24
C ASN B 167 37.48 2.21 -25.95
N VAL B 168 36.44 3.02 -25.81
CA VAL B 168 35.61 2.97 -24.62
C VAL B 168 34.95 1.60 -24.50
N THR B 169 34.81 1.11 -23.27
CA THR B 169 34.17 -0.17 -23.06
C THR B 169 32.67 0.08 -22.85
N THR B 170 31.83 -0.71 -23.55
CA THR B 170 30.38 -0.56 -23.41
C THR B 170 29.76 -1.88 -22.99
N ALA B 171 28.67 -1.78 -22.23
CA ALA B 171 27.94 -2.96 -21.76
C ALA B 171 26.47 -2.78 -22.09
N ALA B 172 26.01 -3.51 -23.11
CA ALA B 172 24.60 -3.42 -23.52
C ALA B 172 23.76 -4.43 -22.75
N VAL B 173 23.17 -3.98 -21.65
CA VAL B 173 22.36 -4.86 -20.81
C VAL B 173 21.01 -5.21 -21.44
N LYS B 174 20.63 -4.50 -22.49
CA LYS B 174 19.38 -4.78 -23.15
C LYS B 174 19.40 -4.27 -24.59
N GLN B 175 18.54 -4.86 -25.42
CA GLN B 175 18.43 -4.48 -26.82
C GLN B 175 17.16 -3.69 -27.06
N THR B 176 17.30 -2.55 -27.72
CA THR B 176 16.15 -1.70 -28.01
C THR B 176 15.31 -2.21 -29.18
N ILE B 177 14.00 -2.25 -28.99
CA ILE B 177 13.08 -2.68 -30.04
C ILE B 177 12.26 -1.46 -30.47
N SER B 178 11.91 -0.63 -29.49
CA SER B 178 11.16 0.61 -29.73
C SER B 178 11.50 1.59 -28.62
N ARG B 179 10.93 2.78 -28.66
CA ARG B 179 11.24 3.74 -27.62
C ARG B 179 10.69 3.28 -26.24
N SER B 180 9.80 2.28 -26.24
CA SER B 180 9.23 1.79 -24.99
C SER B 180 9.16 0.27 -24.95
N ALA B 181 10.15 -0.38 -25.54
CA ALA B 181 10.21 -1.84 -25.59
C ALA B 181 11.63 -2.31 -25.80
N VAL B 182 11.99 -3.37 -25.11
CA VAL B 182 13.34 -3.91 -25.24
C VAL B 182 13.38 -5.41 -25.02
N LYS B 183 14.48 -6.00 -25.45
CA LYS B 183 14.73 -7.43 -25.26
C LYS B 183 15.86 -7.37 -24.24
N CYS B 184 15.61 -7.86 -23.04
CA CYS B 184 16.61 -7.78 -22.00
C CYS B 184 17.14 -9.10 -21.48
N LEU B 185 18.25 -8.99 -20.75
CA LEU B 185 18.90 -10.13 -20.14
C LEU B 185 18.36 -10.25 -18.71
N SER B 186 18.42 -11.44 -18.14
CA SER B 186 17.94 -11.64 -16.78
C SER B 186 18.83 -10.81 -15.85
N PRO B 187 18.28 -10.38 -14.70
CA PRO B 187 19.06 -9.59 -13.75
C PRO B 187 20.44 -10.19 -13.44
N ALA B 188 20.49 -11.51 -13.30
CA ALA B 188 21.74 -12.19 -13.01
C ALA B 188 22.67 -12.17 -14.21
N LYS B 189 22.10 -12.32 -15.40
CA LYS B 189 22.89 -12.35 -16.63
C LYS B 189 23.54 -11.00 -16.89
N ARG B 190 22.78 -9.93 -16.69
CA ARG B 190 23.29 -8.58 -16.90
C ARG B 190 24.40 -8.32 -15.88
N GLY B 191 24.25 -8.92 -14.69
CA GLY B 191 25.23 -8.75 -13.64
C GLY B 191 26.59 -9.25 -14.06
N ARG B 192 26.63 -10.42 -14.68
CA ARG B 192 27.89 -10.99 -15.15
C ARG B 192 28.48 -10.06 -16.21
N LEU B 193 27.64 -9.67 -17.16
CA LEU B 193 28.08 -8.77 -18.22
C LEU B 193 28.72 -7.52 -17.62
N LEU B 194 28.01 -6.89 -16.69
CA LEU B 194 28.51 -5.68 -16.04
C LEU B 194 29.78 -5.96 -15.25
N THR B 195 29.83 -7.10 -14.58
CA THR B 195 31.02 -7.47 -13.80
C THR B 195 32.23 -7.62 -14.72
N GLU B 196 32.09 -8.38 -15.81
CA GLU B 196 33.18 -8.59 -16.75
C GLU B 196 33.57 -7.28 -17.39
N LYS B 197 32.60 -6.57 -17.93
CA LYS B 197 32.88 -5.30 -18.60
C LYS B 197 33.57 -4.27 -17.70
N THR B 198 33.15 -4.22 -16.44
CA THR B 198 33.76 -3.28 -15.51
C THR B 198 35.22 -3.66 -15.26
N ALA B 199 35.47 -4.97 -15.11
CA ALA B 199 36.83 -5.45 -14.90
C ALA B 199 37.74 -5.10 -16.09
N PHE B 200 37.26 -5.39 -17.30
CA PHE B 200 38.03 -5.11 -18.50
C PHE B 200 38.27 -3.62 -18.66
N ALA B 201 37.25 -2.81 -18.38
CA ALA B 201 37.35 -1.37 -18.51
C ALA B 201 38.44 -0.77 -17.63
N LEU B 202 38.52 -1.25 -16.40
CA LEU B 202 39.51 -0.75 -15.45
C LEU B 202 40.94 -1.16 -15.80
N GLN B 203 41.12 -2.35 -16.37
CA GLN B 203 42.45 -2.79 -16.73
C GLN B 203 42.88 -2.31 -18.10
N ASN B 204 41.93 -1.93 -18.94
CA ASN B 204 42.22 -1.45 -20.28
C ASN B 204 42.13 0.08 -20.33
N LYS B 205 42.08 0.69 -19.15
CA LYS B 205 41.95 2.15 -19.02
C LYS B 205 42.97 2.99 -19.76
N ASP B 206 44.19 2.47 -19.90
CA ASP B 206 45.24 3.21 -20.58
C ASP B 206 44.92 3.51 -22.04
N LYS B 207 44.06 2.69 -22.65
CA LYS B 207 43.71 2.90 -24.04
C LYS B 207 42.62 3.94 -24.27
N VAL B 208 42.09 4.48 -23.18
CA VAL B 208 41.03 5.48 -23.29
C VAL B 208 41.50 6.86 -22.87
N LYS B 209 41.22 7.85 -23.71
CA LYS B 209 41.61 9.22 -23.43
C LYS B 209 40.42 10.13 -23.12
N PRO B 210 40.66 11.19 -22.31
CA PRO B 210 39.62 12.14 -21.94
C PRO B 210 39.05 12.84 -23.15
N LEU B 211 37.74 13.07 -23.14
CA LEU B 211 37.10 13.75 -24.25
C LEU B 211 37.28 15.25 -24.03
N THR B 212 38.46 15.74 -24.41
CA THR B 212 38.78 17.14 -24.24
C THR B 212 37.82 18.05 -25.00
N PRO B 213 37.21 19.01 -24.29
CA PRO B 213 36.26 19.96 -24.88
C PRO B 213 36.96 21.22 -25.34
N PRO B 214 36.31 21.98 -26.24
CA PRO B 214 36.89 23.23 -26.75
C PRO B 214 37.13 24.21 -25.60
N ASP B 215 38.03 25.15 -25.81
CA ASP B 215 38.36 26.16 -24.78
C ASP B 215 37.16 27.05 -24.45
N ARG B 216 36.54 27.61 -25.48
CA ARG B 216 35.38 28.47 -25.32
C ARG B 216 34.24 27.85 -26.12
N PRO B 217 33.72 26.72 -25.65
CA PRO B 217 32.64 26.03 -26.35
C PRO B 217 31.36 26.84 -26.57
N VAL B 218 30.73 26.60 -27.71
CA VAL B 218 29.49 27.23 -28.08
C VAL B 218 28.41 26.18 -27.91
N LEU B 219 27.53 26.40 -26.94
CA LEU B 219 26.43 25.48 -26.66
C LEU B 219 25.25 25.84 -27.54
N SER B 220 24.69 24.82 -28.20
CA SER B 220 23.53 25.02 -29.03
C SER B 220 22.47 24.01 -28.60
N ILE B 221 21.24 24.48 -28.40
CA ILE B 221 20.16 23.60 -27.99
C ILE B 221 19.00 23.78 -28.92
N GLU B 222 18.61 22.69 -29.59
CA GLU B 222 17.47 22.75 -30.48
C GLU B 222 16.30 22.20 -29.67
N PHE B 223 15.24 22.98 -29.53
CA PHE B 223 14.06 22.58 -28.79
C PHE B 223 12.94 22.09 -29.70
N ALA B 224 12.00 21.34 -29.15
CA ALA B 224 10.88 20.81 -29.93
C ALA B 224 10.02 21.89 -30.56
N ASN B 225 9.69 22.94 -29.79
CA ASN B 225 8.87 24.02 -30.32
C ASN B 225 9.49 25.39 -30.08
N TYR B 226 8.94 26.42 -30.70
CA TYR B 226 9.47 27.77 -30.55
C TYR B 226 9.25 28.34 -29.13
N GLY B 227 8.18 27.90 -28.47
CA GLY B 227 7.92 28.37 -27.13
C GLY B 227 9.06 28.04 -26.19
N GLN B 228 9.60 26.84 -26.29
CA GLN B 228 10.70 26.44 -25.42
C GLN B 228 11.95 27.23 -25.73
N ALA B 229 12.10 27.61 -27.00
CA ALA B 229 13.25 28.39 -27.41
C ALA B 229 13.11 29.80 -26.81
N GLU B 230 11.91 30.39 -26.86
CA GLU B 230 11.71 31.73 -26.29
C GLU B 230 12.07 31.75 -24.80
N TRP B 231 11.62 30.73 -24.06
CA TRP B 231 11.92 30.66 -22.64
C TRP B 231 13.41 30.69 -22.39
N ALA B 232 14.14 29.80 -23.05
CA ALA B 232 15.59 29.73 -22.89
C ALA B 232 16.28 31.01 -23.35
N ASN B 233 15.74 31.62 -24.40
CA ASN B 233 16.33 32.84 -24.93
C ASN B 233 16.19 34.02 -23.97
N LEU B 234 15.62 33.77 -22.80
CA LEU B 234 15.43 34.80 -21.79
C LEU B 234 16.74 34.95 -21.03
N MET B 235 17.50 33.86 -20.95
CA MET B 235 18.77 33.89 -20.23
C MET B 235 19.78 34.81 -20.91
N PRO B 236 20.43 35.70 -20.14
CA PRO B 236 21.42 36.61 -20.73
C PRO B 236 22.53 35.88 -21.49
N GLY B 237 22.94 36.42 -22.63
CA GLY B 237 24.00 35.82 -23.41
C GLY B 237 23.55 34.79 -24.41
N THR B 238 22.24 34.64 -24.57
CA THR B 238 21.68 33.67 -25.50
C THR B 238 21.11 34.37 -26.72
N GLU B 239 20.91 33.62 -27.79
CA GLU B 239 20.34 34.15 -29.01
C GLU B 239 19.70 33.02 -29.81
N ILE B 240 18.58 33.32 -30.45
CA ILE B 240 17.89 32.31 -31.26
C ILE B 240 18.32 32.44 -32.71
N LYS B 241 18.67 31.32 -33.31
CA LYS B 241 19.09 31.30 -34.71
C LYS B 241 17.82 31.45 -35.58
N THR B 242 17.67 32.60 -36.23
CA THR B 242 16.50 32.86 -37.07
C THR B 242 16.11 31.69 -37.97
N GLY B 243 14.81 31.42 -38.03
CA GLY B 243 14.33 30.31 -38.86
C GLY B 243 14.47 28.96 -38.18
N THR B 244 14.78 28.95 -36.88
CA THR B 244 14.94 27.69 -36.14
C THR B 244 14.40 27.79 -34.73
N THR B 245 14.51 26.70 -33.99
CA THR B 245 14.06 26.64 -32.60
C THR B 245 15.29 26.35 -31.79
N THR B 246 16.43 26.76 -32.33
CA THR B 246 17.71 26.55 -31.69
C THR B 246 18.21 27.82 -30.99
N VAL B 247 18.72 27.66 -29.77
CA VAL B 247 19.23 28.78 -29.01
C VAL B 247 20.69 28.53 -28.71
N GLN B 248 21.53 29.54 -28.97
CA GLN B 248 22.97 29.40 -28.76
C GLN B 248 23.50 30.23 -27.60
N PHE B 249 24.58 29.75 -27.00
CA PHE B 249 25.22 30.42 -25.89
C PHE B 249 26.73 30.23 -25.91
N GLN B 250 27.45 31.34 -26.06
CA GLN B 250 28.90 31.29 -26.07
C GLN B 250 29.36 31.22 -24.62
N ALA B 251 30.02 30.11 -24.25
CA ALA B 251 30.49 29.93 -22.90
C ALA B 251 31.99 30.22 -22.76
N LYS B 252 32.42 30.45 -21.52
CA LYS B 252 33.82 30.71 -21.24
C LYS B 252 34.59 29.40 -21.20
N ASP B 253 33.92 28.35 -20.75
CA ASP B 253 34.50 27.01 -20.66
C ASP B 253 33.39 25.95 -20.62
N MET B 254 33.79 24.68 -20.63
CA MET B 254 32.82 23.60 -20.61
C MET B 254 31.91 23.66 -19.38
N LEU B 255 32.50 24.03 -18.24
CA LEU B 255 31.74 24.11 -16.99
C LEU B 255 30.62 25.14 -17.07
N GLU B 256 30.89 26.28 -17.69
CA GLU B 256 29.86 27.31 -17.81
C GLU B 256 28.82 26.86 -18.84
N ALA B 257 29.28 26.14 -19.84
CA ALA B 257 28.39 25.64 -20.89
C ALA B 257 27.43 24.61 -20.28
N TYR B 258 27.92 23.81 -19.35
CA TYR B 258 27.08 22.80 -18.73
C TYR B 258 25.96 23.47 -17.92
N GLN B 259 26.34 24.41 -17.07
CA GLN B 259 25.35 25.10 -16.26
C GLN B 259 24.38 25.88 -17.13
N ALA B 260 24.87 26.39 -18.25
CA ALA B 260 23.97 27.14 -19.14
C ALA B 260 22.92 26.17 -19.67
N MET B 261 23.31 24.92 -19.85
CA MET B 261 22.41 23.88 -20.32
C MET B 261 21.33 23.64 -19.26
N LEU B 262 21.77 23.51 -18.02
CA LEU B 262 20.86 23.29 -16.90
C LEU B 262 19.80 24.38 -16.82
N VAL B 263 20.23 25.64 -16.86
CA VAL B 263 19.30 26.75 -16.79
C VAL B 263 18.37 26.85 -17.99
N MET B 264 18.93 26.76 -19.20
CA MET B 264 18.13 26.85 -20.43
C MET B 264 17.08 25.73 -20.51
N THR B 265 17.44 24.52 -20.11
CA THR B 265 16.48 23.43 -20.16
C THR B 265 15.45 23.62 -19.06
N GLU B 266 15.91 24.12 -17.91
CA GLU B 266 15.00 24.36 -16.80
C GLU B 266 13.94 25.37 -17.24
N LEU B 267 14.35 26.40 -17.96
CA LEU B 267 13.41 27.41 -18.42
C LEU B 267 12.45 26.83 -19.45
N ALA B 268 13.00 26.04 -20.36
CA ALA B 268 12.20 25.42 -21.43
C ALA B 268 11.13 24.49 -20.85
N MET B 269 11.44 23.88 -19.71
CA MET B 269 10.51 22.97 -19.03
C MET B 269 9.20 23.63 -18.64
N ARG B 270 9.21 24.97 -18.50
CA ARG B 270 8.03 25.71 -18.10
C ARG B 270 7.05 25.95 -19.25
N THR B 271 7.50 25.68 -20.48
CA THR B 271 6.67 25.91 -21.66
C THR B 271 5.32 25.20 -21.61
N SER B 272 4.27 25.96 -21.90
CA SER B 272 2.92 25.45 -21.89
C SER B 272 2.42 25.20 -23.32
N PHE B 273 1.27 24.55 -23.45
CA PHE B 273 0.66 24.24 -24.75
C PHE B 273 1.58 23.33 -25.57
N CYS B 274 1.97 22.20 -24.98
CA CYS B 274 2.83 21.24 -25.65
C CYS B 274 2.86 19.93 -24.88
N MET C 1 24.08 7.75 35.28
CA MET C 1 23.98 9.15 34.77
C MET C 1 22.88 9.25 33.72
N LYS C 2 22.08 10.30 33.81
CA LYS C 2 20.97 10.51 32.87
C LYS C 2 21.41 11.31 31.66
N LEU C 3 21.08 10.81 30.48
CA LEU C 3 21.42 11.48 29.24
C LEU C 3 20.13 11.85 28.50
N TYR C 4 20.08 13.09 28.01
CA TYR C 4 18.92 13.58 27.28
C TYR C 4 19.21 13.58 25.79
N MET C 5 18.24 13.12 24.99
CA MET C 5 18.40 13.08 23.54
C MET C 5 17.27 13.80 22.80
N SER C 6 17.64 14.69 21.90
CA SER C 6 16.67 15.41 21.09
C SER C 6 16.96 14.93 19.68
N VAL C 7 15.99 14.26 19.06
CA VAL C 7 16.19 13.74 17.71
C VAL C 7 15.33 14.42 16.64
N ASP C 8 15.98 15.06 15.69
CA ASP C 8 15.30 15.71 14.58
C ASP C 8 15.45 14.76 13.37
N MET C 9 14.93 15.16 12.22
CA MET C 9 15.00 14.29 11.05
C MET C 9 15.85 14.74 9.87
N GLU C 10 15.76 16.03 9.52
CA GLU C 10 16.51 16.52 8.37
C GLU C 10 17.98 16.16 8.35
N GLY C 11 18.57 16.08 9.53
CA GLY C 11 19.99 15.77 9.61
C GLY C 11 20.31 14.30 9.68
N ILE C 12 19.28 13.46 9.70
CA ILE C 12 19.53 12.02 9.77
C ILE C 12 20.33 11.59 8.56
N SER C 13 21.14 10.56 8.75
CA SER C 13 21.99 10.07 7.66
C SER C 13 21.21 9.43 6.52
N GLY C 14 21.70 9.63 5.30
CA GLY C 14 21.07 9.08 4.13
C GLY C 14 19.92 9.87 3.55
N LEU C 15 19.30 10.73 4.36
CA LEU C 15 18.16 11.52 3.89
C LEU C 15 18.58 12.77 3.13
N PRO C 16 18.28 12.83 1.82
CA PRO C 16 18.63 13.97 0.97
C PRO C 16 17.59 15.08 0.83
N ASP C 17 16.31 14.73 0.89
CA ASP C 17 15.27 15.71 0.72
C ASP C 17 14.04 15.45 1.60
N ASP C 18 13.03 16.31 1.47
CA ASP C 18 11.83 16.19 2.30
C ASP C 18 10.92 15.02 1.98
N THR C 19 11.18 14.27 0.92
CA THR C 19 10.32 13.12 0.64
C THR C 19 10.59 12.08 1.72
N PHE C 20 11.69 12.24 2.45
CA PHE C 20 12.03 11.32 3.54
C PHE C 20 11.60 11.82 4.91
N VAL C 21 11.24 13.09 5.02
CA VAL C 21 10.87 13.65 6.32
C VAL C 21 9.43 14.15 6.44
N ASP C 22 8.75 14.31 5.31
CA ASP C 22 7.38 14.78 5.31
C ASP C 22 6.44 13.56 5.42
N SER C 23 5.74 13.42 6.55
CA SER C 23 4.85 12.28 6.76
C SER C 23 3.88 12.02 5.59
N GLY C 24 3.62 13.04 4.78
CA GLY C 24 2.72 12.86 3.67
C GLY C 24 3.42 12.49 2.37
N LYS C 25 4.72 12.18 2.43
CA LYS C 25 5.45 11.85 1.21
C LYS C 25 5.96 10.41 1.09
N ARG C 26 6.17 10.01 -0.17
CA ARG C 26 6.61 8.67 -0.56
C ARG C 26 7.74 7.97 0.21
N ASN C 27 8.77 8.70 0.61
CA ASN C 27 9.87 8.03 1.31
C ASN C 27 9.88 8.19 2.81
N TYR C 28 8.80 8.72 3.37
CA TYR C 28 8.70 8.94 4.81
C TYR C 28 8.86 7.68 5.65
N GLU C 29 8.15 6.61 5.29
CA GLU C 29 8.24 5.39 6.08
C GLU C 29 9.67 4.84 6.17
N ARG C 30 10.44 4.98 5.09
CA ARG C 30 11.82 4.52 5.12
C ARG C 30 12.61 5.49 6.01
N GLY C 31 12.28 6.76 5.89
CA GLY C 31 12.93 7.77 6.69
C GLY C 31 12.85 7.56 8.18
N ARG C 32 11.64 7.30 8.69
CA ARG C 32 11.49 7.12 10.14
C ARG C 32 12.11 5.82 10.61
N LEU C 33 12.32 4.88 9.69
CA LEU C 33 12.93 3.61 10.04
C LEU C 33 14.41 3.91 10.27
N ILE C 34 15.01 4.61 9.31
CA ILE C 34 16.41 4.96 9.41
C ILE C 34 16.65 5.86 10.63
N MET C 35 15.71 6.77 10.87
CA MET C 35 15.78 7.68 12.01
C MET C 35 15.79 6.92 13.32
N THR C 36 14.88 5.97 13.47
CA THR C 36 14.81 5.19 14.69
C THR C 36 16.11 4.40 14.90
N GLU C 37 16.60 3.78 13.83
CA GLU C 37 17.82 3.01 13.95
C GLU C 37 19.02 3.88 14.28
N GLU C 38 19.07 5.08 13.69
CA GLU C 38 20.16 6.02 13.95
C GLU C 38 20.19 6.36 15.43
N ALA C 39 19.02 6.57 16.01
CA ALA C 39 18.94 6.91 17.42
C ALA C 39 19.38 5.73 18.28
N ASN C 40 19.07 4.51 17.84
CA ASN C 40 19.46 3.32 18.58
C ASN C 40 20.97 3.18 18.71
N TYR C 41 21.71 3.57 17.66
CA TYR C 41 23.15 3.47 17.74
C TYR C 41 23.65 4.29 18.94
N CYS C 42 23.16 5.52 19.06
CA CYS C 42 23.56 6.41 20.16
C CYS C 42 23.08 5.92 21.52
N ILE C 43 21.84 5.44 21.57
CA ILE C 43 21.28 4.94 22.82
C ILE C 43 22.10 3.76 23.29
N ALA C 44 22.36 2.83 22.39
CA ALA C 44 23.11 1.62 22.71
C ALA C 44 24.48 1.96 23.27
N GLU C 45 25.16 2.90 22.63
CA GLU C 45 26.47 3.30 23.09
C GLU C 45 26.37 4.12 24.38
N ALA C 46 25.25 4.80 24.58
CA ALA C 46 25.06 5.60 25.79
C ALA C 46 25.07 4.68 26.99
N PHE C 47 24.26 3.63 26.92
CA PHE C 47 24.18 2.65 28.00
C PHE C 47 25.52 1.94 28.16
N ASN C 48 26.11 1.56 27.03
CA ASN C 48 27.38 0.87 27.04
C ASN C 48 28.48 1.74 27.66
N SER C 49 28.25 3.04 27.71
CA SER C 49 29.24 3.95 28.29
C SER C 49 28.94 4.34 29.74
N GLY C 50 28.02 3.63 30.37
CA GLY C 50 27.71 3.93 31.77
C GLY C 50 26.37 4.55 32.05
N CYS C 51 25.80 5.30 31.11
CA CYS C 51 24.50 5.93 31.33
C CYS C 51 23.47 4.93 31.85
N THR C 52 22.72 5.36 32.86
CA THR C 52 21.70 4.52 33.48
C THR C 52 20.30 4.84 32.95
N GLU C 53 20.17 6.02 32.36
CA GLU C 53 18.90 6.49 31.82
C GLU C 53 19.11 7.30 30.55
N VAL C 54 18.25 7.08 29.57
CA VAL C 54 18.34 7.81 28.31
C VAL C 54 16.93 8.23 27.90
N LEU C 55 16.66 9.53 27.96
CA LEU C 55 15.36 10.08 27.59
C LEU C 55 15.45 10.52 26.14
N VAL C 56 14.59 9.96 25.29
CA VAL C 56 14.59 10.30 23.87
C VAL C 56 13.34 11.09 23.51
N ASN C 57 13.56 12.31 23.03
CA ASN C 57 12.48 13.21 22.66
C ASN C 57 12.43 13.40 21.17
N ASP C 58 11.33 12.96 20.56
CA ASP C 58 11.14 13.10 19.11
C ASP C 58 10.98 14.59 18.91
N SER C 59 11.88 15.21 18.15
CA SER C 59 11.82 16.65 17.95
C SER C 59 11.51 17.12 16.55
N HIS C 60 10.86 16.28 15.76
CA HIS C 60 10.56 16.64 14.38
C HIS C 60 9.08 16.72 14.02
N SER C 61 8.68 17.84 13.41
CA SER C 61 7.31 18.03 12.95
C SER C 61 6.26 17.63 13.98
N LYS C 62 5.48 16.58 13.68
CA LYS C 62 4.44 16.12 14.61
C LYS C 62 5.04 15.30 15.74
N MET C 63 6.35 15.09 15.67
CA MET C 63 7.09 14.35 16.69
C MET C 63 6.52 12.97 17.02
N ASN C 64 6.03 12.30 15.99
CA ASN C 64 5.49 10.96 16.11
C ASN C 64 6.17 10.09 15.04
N ASN C 65 7.44 10.41 14.79
CA ASN C 65 8.27 9.75 13.79
C ASN C 65 9.00 8.52 14.32
N LEU C 66 9.71 8.69 15.43
CA LEU C 66 10.44 7.58 16.03
C LEU C 66 9.44 6.47 16.27
N MET C 67 9.81 5.24 15.89
CA MET C 67 8.92 4.09 16.06
C MET C 67 9.09 3.44 17.41
N VAL C 68 8.09 3.62 18.27
CA VAL C 68 8.13 3.07 19.61
C VAL C 68 8.38 1.56 19.65
N GLU C 69 7.90 0.84 18.64
CA GLU C 69 8.07 -0.62 18.62
C GLU C 69 9.46 -1.07 18.16
N LYS C 70 10.29 -0.15 17.70
CA LYS C 70 11.64 -0.51 17.25
C LYS C 70 12.75 0.26 17.97
N LEU C 71 12.38 1.21 18.81
CA LEU C 71 13.39 1.98 19.54
C LEU C 71 13.99 1.08 20.60
N HIS C 72 15.21 1.40 21.05
CA HIS C 72 15.88 0.61 22.08
C HIS C 72 14.91 0.46 23.25
N PRO C 73 14.59 -0.77 23.63
CA PRO C 73 13.67 -1.07 24.73
C PRO C 73 13.99 -0.47 26.09
N GLU C 74 15.27 -0.23 26.35
CA GLU C 74 15.67 0.35 27.64
C GLU C 74 15.64 1.87 27.66
N ALA C 75 15.19 2.48 26.57
CA ALA C 75 15.12 3.93 26.52
C ALA C 75 13.69 4.40 26.71
N ASP C 76 13.53 5.62 27.19
CA ASP C 76 12.21 6.20 27.40
C ASP C 76 11.93 7.19 26.28
N LEU C 77 10.83 6.97 25.56
CA LEU C 77 10.48 7.83 24.43
C LEU C 77 9.37 8.82 24.72
N ILE C 78 9.59 10.06 24.28
CA ILE C 78 8.60 11.11 24.43
C ILE C 78 8.09 11.28 23.01
N SER C 79 6.83 10.91 22.80
CA SER C 79 6.25 11.01 21.47
C SER C 79 5.02 11.89 21.49
N GLY C 80 4.86 12.70 20.45
CA GLY C 80 3.71 13.58 20.36
C GLY C 80 4.09 15.04 20.34
N ASP C 81 3.15 15.89 19.96
CA ASP C 81 3.41 17.32 19.89
C ASP C 81 2.63 18.16 20.89
N VAL C 82 2.67 19.47 20.71
CA VAL C 82 2.01 20.42 21.61
C VAL C 82 2.63 20.27 23.02
N LYS C 83 3.94 20.03 23.06
CA LYS C 83 4.65 19.88 24.32
C LYS C 83 5.09 21.27 24.76
N PRO C 84 4.94 21.58 26.06
CA PRO C 84 5.33 22.87 26.62
C PRO C 84 6.69 23.39 26.08
N PHE C 85 7.67 22.49 25.97
CA PHE C 85 8.97 22.91 25.47
C PHE C 85 9.48 22.25 24.19
N SER C 86 8.52 21.85 23.34
CA SER C 86 8.80 21.28 22.03
C SER C 86 10.05 20.37 21.95
N MET C 87 11.04 20.81 21.19
CA MET C 87 12.27 20.06 20.98
C MET C 87 13.07 19.72 22.25
N VAL C 88 12.90 20.48 23.33
CA VAL C 88 13.62 20.19 24.56
C VAL C 88 12.74 19.76 25.73
N GLU C 89 11.55 19.28 25.40
CA GLU C 89 10.61 18.81 26.39
C GLU C 89 11.22 17.68 27.22
N GLY C 90 11.06 17.76 28.54
CA GLY C 90 11.58 16.73 29.42
C GLY C 90 13.01 16.94 29.90
N LEU C 91 13.65 18.00 29.43
CA LEU C 91 15.03 18.29 29.82
C LEU C 91 15.05 19.18 31.08
N ASP C 92 15.67 18.69 32.14
CA ASP C 92 15.77 19.45 33.40
C ASP C 92 17.20 19.40 33.91
N ASP C 93 17.43 19.94 35.11
CA ASP C 93 18.77 19.98 35.69
C ASP C 93 19.27 18.65 36.26
N THR C 94 18.50 17.59 36.08
CA THR C 94 18.90 16.30 36.60
C THR C 94 19.65 15.49 35.55
N PHE C 95 19.89 16.08 34.39
CA PHE C 95 20.60 15.37 33.32
C PHE C 95 22.07 15.74 33.27
N ARG C 96 22.88 14.72 33.03
CA ARG C 96 24.32 14.86 32.95
C ARG C 96 24.73 15.59 31.68
N GLY C 97 23.94 15.41 30.63
CA GLY C 97 24.26 16.06 29.38
C GLY C 97 23.19 15.83 28.33
N ALA C 98 23.31 16.56 27.22
CA ALA C 98 22.35 16.44 26.15
C ALA C 98 23.03 16.02 24.86
N LEU C 99 22.27 15.33 24.01
CA LEU C 99 22.78 14.85 22.73
C LEU C 99 21.75 15.19 21.63
N PHE C 100 22.16 16.02 20.69
CA PHE C 100 21.30 16.42 19.59
C PHE C 100 21.59 15.52 18.38
N LEU C 101 20.56 14.82 17.91
CA LEU C 101 20.72 13.90 16.77
C LEU C 101 19.88 14.31 15.57
N GLY C 102 20.44 14.11 14.38
CA GLY C 102 19.72 14.43 13.16
C GLY C 102 19.44 15.90 13.00
N TYR C 103 20.33 16.73 13.52
CA TYR C 103 20.13 18.17 13.42
C TYR C 103 20.57 18.71 12.07
N HIS C 104 20.14 19.92 11.77
CA HIS C 104 20.42 20.56 10.49
C HIS C 104 20.84 21.99 10.72
N ALA C 105 21.30 22.64 9.66
CA ALA C 105 21.76 24.03 9.74
C ALA C 105 20.57 24.97 9.95
N ARG C 106 20.85 26.15 10.50
CA ARG C 106 19.82 27.14 10.74
C ARG C 106 19.42 27.80 9.43
N ALA C 107 18.27 28.48 9.43
CA ALA C 107 17.76 29.12 8.23
C ALA C 107 18.70 30.14 7.61
N SER C 108 18.60 30.29 6.29
CA SER C 108 19.41 31.25 5.57
C SER C 108 20.91 30.92 5.44
N THR C 109 21.30 29.70 5.77
CA THR C 109 22.71 29.33 5.66
C THR C 109 22.85 28.01 4.89
N PRO C 110 24.08 27.72 4.41
CA PRO C 110 24.33 26.49 3.65
C PRO C 110 23.98 25.30 4.53
N GLY C 111 23.55 24.21 3.91
CA GLY C 111 23.18 23.03 4.68
C GLY C 111 21.92 22.40 4.12
N VAL C 112 21.91 21.08 4.05
CA VAL C 112 20.77 20.35 3.54
C VAL C 112 19.52 20.62 4.39
N MET C 113 18.41 20.93 3.72
CA MET C 113 17.13 21.22 4.38
C MET C 113 17.23 22.24 5.51
N SER C 114 18.05 23.26 5.30
CA SER C 114 18.24 24.30 6.29
C SER C 114 16.95 25.07 6.57
N HIS C 115 16.68 25.33 7.85
CA HIS C 115 15.52 26.10 8.27
C HIS C 115 15.56 26.18 9.78
N SER C 116 14.65 26.97 10.35
CA SER C 116 14.54 27.13 11.80
C SER C 116 13.07 27.07 12.23
N MET C 117 12.66 25.91 12.74
CA MET C 117 11.30 25.67 13.22
C MET C 117 10.25 25.69 12.11
N ILE C 118 10.08 26.83 11.44
CA ILE C 118 9.12 26.92 10.35
C ILE C 118 9.80 27.54 9.14
N PHE C 119 9.24 27.32 7.96
CA PHE C 119 9.80 27.85 6.73
C PHE C 119 9.85 29.38 6.74
N GLY C 120 8.95 29.98 7.51
CA GLY C 120 8.87 31.42 7.57
C GLY C 120 9.95 32.21 8.30
N VAL C 121 10.77 31.57 9.11
CA VAL C 121 11.80 32.33 9.80
C VAL C 121 13.13 32.36 9.06
N ARG C 122 13.77 33.52 9.07
CA ARG C 122 15.08 33.67 8.44
C ARG C 122 16.18 33.59 9.49
N HIS C 123 15.92 34.18 10.66
CA HIS C 123 16.90 34.16 11.74
C HIS C 123 16.26 34.26 13.13
N PHE C 124 16.90 33.60 14.09
CA PHE C 124 16.50 33.64 15.48
C PHE C 124 17.63 34.41 16.16
N TYR C 125 17.29 35.25 17.16
CA TYR C 125 18.30 36.01 17.88
C TYR C 125 18.07 35.99 19.38
N ILE C 126 19.13 35.70 20.12
CA ILE C 126 19.09 35.71 21.56
C ILE C 126 20.14 36.74 21.94
N ASN C 127 19.68 37.96 22.21
CA ASN C 127 20.55 39.07 22.56
C ASN C 127 21.54 39.33 21.42
N ASP C 128 20.98 39.54 20.23
CA ASP C 128 21.79 39.82 19.04
C ASP C 128 22.66 38.68 18.51
N ARG C 129 22.64 37.52 19.16
CA ARG C 129 23.45 36.44 18.64
C ARG C 129 22.64 35.49 17.74
N PRO C 130 23.08 35.31 16.48
CA PRO C 130 22.42 34.45 15.49
C PRO C 130 22.37 32.99 15.92
N VAL C 131 21.18 32.42 15.98
CA VAL C 131 21.04 31.01 16.34
C VAL C 131 19.84 30.35 15.64
N GLY C 132 19.87 29.04 15.59
CA GLY C 132 18.78 28.30 14.98
C GLY C 132 18.25 27.39 16.04
N GLU C 133 17.61 26.31 15.61
CA GLU C 133 17.07 25.32 16.55
C GLU C 133 18.17 24.83 17.48
N LEU C 134 19.34 24.60 16.89
CA LEU C 134 20.49 24.11 17.64
C LEU C 134 20.82 25.07 18.77
N GLY C 135 21.00 26.34 18.41
CA GLY C 135 21.32 27.35 19.38
C GLY C 135 20.27 27.48 20.45
N LEU C 136 19.01 27.70 20.07
CA LEU C 136 17.95 27.84 21.05
C LEU C 136 17.88 26.64 21.98
N ASN C 137 17.98 25.43 21.45
CA ASN C 137 17.88 24.27 22.32
C ASN C 137 19.07 24.19 23.25
N ALA C 138 20.24 24.62 22.78
CA ALA C 138 21.44 24.60 23.62
C ALA C 138 21.25 25.60 24.77
N TYR C 139 20.68 26.77 24.45
CA TYR C 139 20.44 27.78 25.48
C TYR C 139 19.47 27.28 26.55
N VAL C 140 18.43 26.56 26.13
CA VAL C 140 17.48 26.03 27.10
C VAL C 140 18.21 25.00 27.96
N ALA C 141 19.10 24.25 27.34
CA ALA C 141 19.87 23.25 28.06
C ALA C 141 20.73 23.99 29.09
N GLY C 142 21.25 25.15 28.68
CA GLY C 142 22.10 25.94 29.55
C GLY C 142 21.38 26.44 30.78
N TYR C 143 20.11 26.78 30.61
CA TYR C 143 19.28 27.27 31.69
C TYR C 143 19.26 26.26 32.83
N TYR C 144 19.34 24.97 32.47
CA TYR C 144 19.35 23.91 33.47
C TYR C 144 20.77 23.44 33.77
N ASP C 145 21.75 24.22 33.31
CA ASP C 145 23.15 23.88 33.54
C ASP C 145 23.52 22.53 32.96
N VAL C 146 22.89 22.18 31.86
CA VAL C 146 23.17 20.91 31.22
C VAL C 146 23.94 21.22 29.94
N PRO C 147 25.10 20.58 29.77
CA PRO C 147 25.93 20.79 28.59
C PRO C 147 25.54 19.91 27.42
N VAL C 148 25.71 20.45 26.22
CA VAL C 148 25.42 19.72 25.00
C VAL C 148 26.71 18.98 24.67
N LEU C 149 26.77 17.71 25.02
CA LEU C 149 27.95 16.89 24.80
C LEU C 149 28.24 16.54 23.36
N MET C 150 27.18 16.26 22.59
CA MET C 150 27.33 15.86 21.20
C MET C 150 26.21 16.38 20.30
N VAL C 151 26.54 16.61 19.04
CA VAL C 151 25.60 17.08 18.04
C VAL C 151 25.89 16.34 16.74
N ALA C 152 24.89 15.65 16.21
CA ALA C 152 25.05 14.89 14.97
C ALA C 152 24.10 15.40 13.90
N GLY C 153 24.55 15.34 12.65
CA GLY C 153 23.74 15.81 11.55
C GLY C 153 24.64 15.92 10.34
N ASP C 154 24.39 16.88 9.47
CA ASP C 154 25.24 17.05 8.30
C ASP C 154 26.48 17.83 8.72
N ASP C 155 27.40 18.06 7.78
CA ASP C 155 28.62 18.77 8.08
C ASP C 155 28.35 20.21 8.50
N ARG C 156 27.34 20.84 7.92
CA ARG C 156 27.03 22.23 8.25
C ARG C 156 26.48 22.38 9.67
N ALA C 157 25.69 21.40 10.11
CA ALA C 157 25.14 21.47 11.46
C ALA C 157 26.26 21.31 12.45
N ALA C 158 27.19 20.41 12.12
CA ALA C 158 28.34 20.15 12.98
C ALA C 158 29.17 21.42 13.15
N LYS C 159 29.43 22.10 12.04
CA LYS C 159 30.21 23.33 12.03
C LYS C 159 29.51 24.39 12.87
N GLU C 160 28.20 24.48 12.70
CA GLU C 160 27.39 25.45 13.43
C GLU C 160 27.45 25.15 14.94
N ALA C 161 27.44 23.87 15.29
CA ALA C 161 27.49 23.48 16.69
C ALA C 161 28.80 23.86 17.36
N GLU C 162 29.91 23.45 16.75
CA GLU C 162 31.22 23.74 17.31
C GLU C 162 31.59 25.24 17.36
N GLU C 163 30.94 26.05 16.51
CA GLU C 163 31.21 27.47 16.52
C GLU C 163 30.45 28.15 17.65
N LEU C 164 29.56 27.38 18.29
CA LEU C 164 28.74 27.90 19.37
C LEU C 164 29.08 27.27 20.71
N ILE C 165 29.37 25.97 20.69
CA ILE C 165 29.71 25.25 21.91
C ILE C 165 31.15 24.73 21.89
N PRO C 166 32.03 25.34 22.70
CA PRO C 166 33.44 24.94 22.76
C PRO C 166 33.66 23.46 23.16
N ASN C 167 34.56 22.80 22.43
CA ASN C 167 34.91 21.40 22.68
C ASN C 167 33.78 20.39 22.44
N VAL C 168 32.65 20.85 21.91
CA VAL C 168 31.54 19.95 21.65
C VAL C 168 31.92 18.88 20.63
N THR C 169 31.41 17.67 20.81
CA THR C 169 31.71 16.60 19.87
C THR C 169 30.63 16.58 18.79
N THR C 170 31.07 16.56 17.53
CA THR C 170 30.14 16.53 16.41
C THR C 170 30.35 15.30 15.55
N ALA C 171 29.26 14.84 14.92
CA ALA C 171 29.28 13.66 14.06
C ALA C 171 28.59 14.01 12.76
N ALA C 172 29.37 14.21 11.71
CA ALA C 172 28.83 14.55 10.40
C ALA C 172 28.53 13.28 9.61
N VAL C 173 27.28 12.80 9.73
CA VAL C 173 26.88 11.58 9.03
C VAL C 173 26.72 11.76 7.53
N LYS C 174 26.73 13.00 7.07
CA LYS C 174 26.62 13.25 5.64
C LYS C 174 27.15 14.62 5.30
N GLN C 175 27.52 14.80 4.04
CA GLN C 175 28.07 16.07 3.56
C GLN C 175 27.04 16.77 2.69
N THR C 176 26.84 18.05 2.95
CA THR C 176 25.89 18.85 2.19
C THR C 176 26.44 19.30 0.84
N ILE C 177 25.64 19.13 -0.20
CA ILE C 177 26.03 19.56 -1.54
C ILE C 177 25.11 20.70 -1.95
N SER C 178 23.84 20.60 -1.56
CA SER C 178 22.85 21.64 -1.83
C SER C 178 21.78 21.53 -0.75
N ARG C 179 20.79 22.41 -0.78
CA ARG C 179 19.76 22.34 0.22
C ARG C 179 18.93 21.05 0.12
N SER C 180 19.04 20.35 -1.01
CA SER C 180 18.30 19.09 -1.20
C SER C 180 19.17 18.00 -1.82
N ALA C 181 20.44 17.96 -1.41
CA ALA C 181 21.36 16.98 -1.95
C ALA C 181 22.54 16.79 -1.02
N VAL C 182 22.94 15.54 -0.83
CA VAL C 182 24.07 15.26 0.05
C VAL C 182 24.87 14.04 -0.38
N LYS C 183 26.07 13.95 0.16
CA LYS C 183 26.96 12.82 -0.08
C LYS C 183 26.92 12.17 1.29
N CYS C 184 26.37 10.97 1.37
CA CYS C 184 26.25 10.30 2.66
C CYS C 184 27.02 9.00 2.80
N LEU C 185 27.11 8.56 4.06
CA LEU C 185 27.78 7.33 4.42
C LEU C 185 26.73 6.22 4.47
N SER C 186 27.16 4.98 4.30
CA SER C 186 26.23 3.86 4.34
C SER C 186 25.65 3.78 5.74
N PRO C 187 24.42 3.29 5.88
CA PRO C 187 23.80 3.18 7.21
C PRO C 187 24.72 2.56 8.25
N ALA C 188 25.47 1.55 7.85
CA ALA C 188 26.36 0.88 8.78
C ALA C 188 27.57 1.74 9.10
N LYS C 189 28.05 2.48 8.11
CA LYS C 189 29.21 3.35 8.28
C LYS C 189 28.91 4.49 9.25
N ARG C 190 27.73 5.08 9.09
CA ARG C 190 27.30 6.18 9.94
C ARG C 190 27.15 5.64 11.36
N GLY C 191 26.72 4.38 11.46
CA GLY C 191 26.52 3.77 12.75
C GLY C 191 27.80 3.71 13.56
N ARG C 192 28.90 3.36 12.91
CA ARG C 192 30.17 3.30 13.60
C ARG C 192 30.55 4.71 14.04
N LEU C 193 30.45 5.65 13.11
CA LEU C 193 30.77 7.03 13.40
C LEU C 193 30.01 7.50 14.63
N LEU C 194 28.70 7.28 14.64
CA LEU C 194 27.87 7.69 15.76
C LEU C 194 28.26 6.95 17.04
N THR C 195 28.58 5.68 16.92
CA THR C 195 28.98 4.88 18.07
C THR C 195 30.26 5.44 18.69
N GLU C 196 31.27 5.65 17.86
CA GLU C 196 32.55 6.19 18.33
C GLU C 196 32.35 7.59 18.91
N LYS C 197 31.72 8.48 18.15
CA LYS C 197 31.48 9.85 18.59
C LYS C 197 30.70 9.93 19.91
N THR C 198 29.71 9.06 20.06
CA THR C 198 28.91 9.06 21.28
C THR C 198 29.78 8.64 22.46
N ALA C 199 30.64 7.64 22.24
CA ALA C 199 31.53 7.16 23.29
C ALA C 199 32.50 8.25 23.73
N PHE C 200 33.13 8.90 22.76
CA PHE C 200 34.09 9.96 23.05
C PHE C 200 33.42 11.12 23.76
N ALA C 201 32.23 11.50 23.28
CA ALA C 201 31.49 12.61 23.86
C ALA C 201 31.20 12.41 25.35
N LEU C 202 30.79 11.19 25.71
CA LEU C 202 30.46 10.88 27.09
C LEU C 202 31.67 10.84 28.01
N GLN C 203 32.82 10.44 27.49
CA GLN C 203 34.02 10.38 28.31
C GLN C 203 34.78 11.71 28.34
N ASN C 204 34.52 12.56 27.36
CA ASN C 204 35.19 13.85 27.25
C ASN C 204 34.25 14.96 27.72
N LYS C 205 33.16 14.55 28.38
CA LYS C 205 32.13 15.48 28.86
C LYS C 205 32.61 16.62 29.76
N ASP C 206 33.66 16.37 30.53
CA ASP C 206 34.19 17.38 31.43
C ASP C 206 34.70 18.62 30.70
N LYS C 207 35.07 18.47 29.44
CA LYS C 207 35.59 19.59 28.68
C LYS C 207 34.51 20.47 28.05
N VAL C 208 33.26 20.09 28.24
CA VAL C 208 32.15 20.86 27.69
C VAL C 208 31.33 21.54 28.77
N LYS C 209 31.07 22.83 28.57
CA LYS C 209 30.29 23.60 29.51
C LYS C 209 28.92 24.00 28.97
N PRO C 210 27.94 24.17 29.87
CA PRO C 210 26.57 24.56 29.49
C PRO C 210 26.57 25.91 28.81
N LEU C 211 25.75 26.06 27.78
CA LEU C 211 25.66 27.32 27.06
C LEU C 211 24.73 28.23 27.86
N THR C 212 25.27 28.86 28.90
CA THR C 212 24.49 29.74 29.76
C THR C 212 23.86 30.90 29.00
N PRO C 213 22.53 31.04 29.11
CA PRO C 213 21.80 32.11 28.43
C PRO C 213 21.70 33.35 29.33
N PRO C 214 21.44 34.52 28.73
CA PRO C 214 21.31 35.77 29.48
C PRO C 214 20.17 35.65 30.50
N ASP C 215 20.18 36.50 31.52
CA ASP C 215 19.15 36.49 32.56
C ASP C 215 17.78 36.88 32.00
N ARG C 216 17.72 37.99 31.29
CA ARG C 216 16.47 38.43 30.70
C ARG C 216 16.74 38.57 29.22
N PRO C 217 16.81 37.43 28.52
CA PRO C 217 17.08 37.42 27.09
C PRO C 217 16.05 38.11 26.21
N VAL C 218 16.55 38.76 25.16
CA VAL C 218 15.70 39.43 24.21
C VAL C 218 15.66 38.54 22.96
N LEU C 219 14.48 38.01 22.69
CA LEU C 219 14.26 37.16 21.54
C LEU C 219 13.95 38.04 20.33
N SER C 220 14.62 37.77 19.22
CA SER C 220 14.38 38.50 17.99
C SER C 220 14.16 37.45 16.91
N ILE C 221 13.12 37.63 16.11
CA ILE C 221 12.81 36.71 15.04
C ILE C 221 12.62 37.49 13.76
N GLU C 222 13.45 37.20 12.76
CA GLU C 222 13.32 37.87 11.48
C GLU C 222 12.57 36.89 10.60
N PHE C 223 11.43 37.33 10.07
CA PHE C 223 10.62 36.48 9.21
C PHE C 223 10.89 36.76 7.74
N ALA C 224 10.45 35.85 6.87
CA ALA C 224 10.65 36.02 5.44
C ALA C 224 9.90 37.21 4.86
N ASN C 225 8.64 37.39 5.26
CA ASN C 225 7.83 38.52 4.76
C ASN C 225 7.19 39.30 5.89
N TYR C 226 6.66 40.47 5.57
CA TYR C 226 6.04 41.33 6.57
C TYR C 226 4.76 40.75 7.15
N GLY C 227 4.05 39.95 6.36
CA GLY C 227 2.82 39.35 6.85
C GLY C 227 3.07 38.45 8.06
N GLN C 228 4.14 37.66 8.01
CA GLN C 228 4.46 36.76 9.13
C GLN C 228 4.85 37.58 10.34
N ALA C 229 5.46 38.73 10.12
CA ALA C 229 5.86 39.60 11.22
C ALA C 229 4.59 40.15 11.86
N GLU C 230 3.63 40.60 11.06
CA GLU C 230 2.38 41.13 11.60
C GLU C 230 1.67 40.10 12.48
N TRP C 231 1.60 38.86 12.01
CA TRP C 231 0.94 37.81 12.78
C TRP C 231 1.60 37.66 14.14
N ALA C 232 2.93 37.51 14.16
CA ALA C 232 3.63 37.36 15.42
C ALA C 232 3.48 38.60 16.30
N ASN C 233 3.44 39.76 15.67
CA ASN C 233 3.34 41.01 16.41
C ASN C 233 1.99 41.19 17.10
N LEU C 234 1.15 40.17 16.98
CA LEU C 234 -0.16 40.17 17.60
C LEU C 234 0.00 39.75 19.05
N MET C 235 1.02 38.95 19.33
CA MET C 235 1.27 38.48 20.68
C MET C 235 1.68 39.62 21.62
N PRO C 236 1.01 39.73 22.78
CA PRO C 236 1.35 40.79 23.74
C PRO C 236 2.82 40.77 24.14
N GLY C 237 3.40 41.96 24.25
CA GLY C 237 4.81 42.05 24.62
C GLY C 237 5.77 42.08 23.45
N THR C 238 5.23 42.06 22.23
CA THR C 238 6.05 42.07 21.03
C THR C 238 6.04 43.42 20.33
N GLU C 239 7.03 43.64 19.47
CA GLU C 239 7.15 44.88 18.72
C GLU C 239 7.96 44.63 17.44
N ILE C 240 7.56 45.27 16.36
CA ILE C 240 8.27 45.14 15.09
C ILE C 240 9.27 46.27 14.93
N LYS C 241 10.50 45.92 14.59
CA LYS C 241 11.55 46.90 14.39
C LYS C 241 11.28 47.59 13.05
N THR C 242 10.91 48.87 13.11
CA THR C 242 10.61 49.63 11.89
C THR C 242 11.65 49.43 10.78
N GLY C 243 11.17 49.29 9.55
CA GLY C 243 12.05 49.08 8.42
C GLY C 243 12.54 47.64 8.28
N THR C 244 11.95 46.72 9.04
CA THR C 244 12.34 45.31 8.98
C THR C 244 11.15 44.37 9.12
N THR C 245 11.43 43.07 9.08
CA THR C 245 10.40 42.05 9.22
C THR C 245 10.76 41.28 10.49
N THR C 246 11.46 41.97 11.39
CA THR C 246 11.88 41.37 12.65
C THR C 246 10.95 41.80 13.79
N VAL C 247 10.63 40.84 14.65
CA VAL C 247 9.76 41.09 15.79
C VAL C 247 10.54 40.72 17.04
N GLN C 248 10.52 41.60 18.04
CA GLN C 248 11.27 41.36 19.27
C GLN C 248 10.36 41.12 20.47
N PHE C 249 10.87 40.38 21.44
CA PHE C 249 10.14 40.08 22.64
C PHE C 249 11.10 40.02 23.82
N GLN C 250 10.89 40.88 24.81
CA GLN C 250 11.74 40.88 26.00
C GLN C 250 11.20 39.82 26.96
N ALA C 251 11.98 38.78 27.22
CA ALA C 251 11.55 37.70 28.08
C ALA C 251 12.10 37.82 29.51
N LYS C 252 11.46 37.12 30.43
CA LYS C 252 11.88 37.14 31.83
C LYS C 252 13.07 36.18 32.01
N ASP C 253 13.07 35.11 31.22
CA ASP C 253 14.13 34.09 31.24
C ASP C 253 14.14 33.31 29.93
N MET C 254 15.11 32.42 29.77
CA MET C 254 15.23 31.63 28.56
C MET C 254 14.00 30.75 28.31
N LEU C 255 13.38 30.26 29.39
CA LEU C 255 12.21 29.43 29.22
C LEU C 255 11.04 30.22 28.61
N GLU C 256 10.85 31.45 29.04
CA GLU C 256 9.77 32.27 28.51
C GLU C 256 10.09 32.65 27.08
N ALA C 257 11.37 32.84 26.81
CA ALA C 257 11.81 33.21 25.47
C ALA C 257 11.55 32.05 24.51
N TYR C 258 11.76 30.83 24.98
CA TYR C 258 11.54 29.67 24.14
C TYR C 258 10.05 29.57 23.77
N GLN C 259 9.20 29.63 24.77
CA GLN C 259 7.76 29.55 24.51
C GLN C 259 7.26 30.71 23.67
N ALA C 260 7.88 31.88 23.79
CA ALA C 260 7.47 33.01 22.98
C ALA C 260 7.80 32.67 21.52
N MET C 261 8.90 31.95 21.32
CA MET C 261 9.31 31.52 19.99
C MET C 261 8.25 30.58 19.42
N LEU C 262 7.82 29.63 20.24
CA LEU C 262 6.81 28.66 19.82
C LEU C 262 5.53 29.35 19.34
N VAL C 263 5.02 30.30 20.13
CA VAL C 263 3.81 31.02 19.80
C VAL C 263 3.98 31.95 18.60
N MET C 264 5.05 32.73 18.59
CA MET C 264 5.30 33.63 17.46
C MET C 264 5.44 32.87 16.14
N THR C 265 6.15 31.75 16.14
CA THR C 265 6.31 31.00 14.89
C THR C 265 5.00 30.33 14.52
N GLU C 266 4.24 29.89 15.52
CA GLU C 266 2.95 29.25 15.28
C GLU C 266 2.02 30.25 14.59
N LEU C 267 2.03 31.50 15.05
CA LEU C 267 1.20 32.54 14.46
C LEU C 267 1.66 32.82 13.05
N ALA C 268 2.97 32.95 12.86
CA ALA C 268 3.54 33.24 11.55
C ALA C 268 3.19 32.17 10.53
N MET C 269 3.04 30.93 11.00
CA MET C 269 2.71 29.80 10.13
C MET C 269 1.37 29.98 9.41
N ARG C 270 0.49 30.81 9.97
CA ARG C 270 -0.84 31.04 9.38
C ARG C 270 -0.80 32.03 8.23
N THR C 271 0.32 32.70 8.02
CA THR C 271 0.43 33.69 6.96
C THR C 271 0.10 33.13 5.58
N SER C 272 -0.75 33.86 4.85
CA SER C 272 -1.17 33.48 3.52
C SER C 272 -0.43 34.31 2.47
N PHE C 273 -0.58 33.93 1.20
CA PHE C 273 0.05 34.63 0.09
C PHE C 273 1.57 34.58 0.23
N CYS C 274 2.10 33.37 0.33
CA CYS C 274 3.54 33.18 0.45
C CYS C 274 3.88 31.69 0.28
N MET D 1 -12.57 -19.09 37.22
CA MET D 1 -13.20 -17.75 37.41
C MET D 1 -13.24 -16.98 36.10
N LYS D 2 -14.37 -16.33 35.82
CA LYS D 2 -14.54 -15.56 34.59
C LYS D 2 -14.10 -14.13 34.77
N LEU D 3 -13.27 -13.65 33.86
CA LEU D 3 -12.78 -12.28 33.92
C LEU D 3 -13.23 -11.52 32.67
N TYR D 4 -13.78 -10.32 32.88
CA TYR D 4 -14.25 -9.48 31.78
C TYR D 4 -13.23 -8.40 31.45
N MET D 5 -13.01 -8.19 30.15
CA MET D 5 -12.05 -7.19 29.69
C MET D 5 -12.64 -6.19 28.69
N SER D 6 -12.51 -4.92 29.00
CA SER D 6 -12.97 -3.84 28.12
C SER D 6 -11.70 -3.16 27.63
N VAL D 7 -11.44 -3.21 26.33
CA VAL D 7 -10.22 -2.60 25.80
C VAL D 7 -10.46 -1.41 24.88
N ASP D 8 -9.96 -0.25 25.31
CA ASP D 8 -10.08 0.98 24.54
C ASP D 8 -8.72 1.17 23.86
N MET D 9 -8.57 2.24 23.08
CA MET D 9 -7.30 2.47 22.39
C MET D 9 -6.45 3.67 22.81
N GLU D 10 -7.08 4.80 23.08
CA GLU D 10 -6.34 6.01 23.44
C GLU D 10 -5.36 5.81 24.56
N GLY D 11 -5.69 4.94 25.50
CA GLY D 11 -4.82 4.70 26.62
C GLY D 11 -3.76 3.64 26.39
N ILE D 12 -3.76 3.02 25.21
CA ILE D 12 -2.78 1.99 24.93
C ILE D 12 -1.39 2.57 24.97
N SER D 13 -0.45 1.75 25.39
CA SER D 13 0.93 2.21 25.51
C SER D 13 1.58 2.55 24.18
N GLY D 14 2.44 3.57 24.20
CA GLY D 14 3.14 3.99 23.00
C GLY D 14 2.37 4.90 22.07
N LEU D 15 1.04 4.93 22.20
CA LEU D 15 0.23 5.78 21.33
C LEU D 15 0.11 7.22 21.82
N PRO D 16 0.70 8.18 21.09
CA PRO D 16 0.66 9.59 21.46
C PRO D 16 -0.51 10.43 20.92
N ASP D 17 -0.98 10.11 19.72
CA ASP D 17 -2.05 10.89 19.11
C ASP D 17 -3.05 10.05 18.33
N ASP D 18 -4.02 10.71 17.71
CA ASP D 18 -5.05 9.99 16.98
C ASP D 18 -4.63 9.33 15.67
N THR D 19 -3.42 9.59 15.21
CA THR D 19 -2.98 8.94 13.97
C THR D 19 -2.80 7.46 14.23
N PHE D 20 -2.79 7.08 15.50
CA PHE D 20 -2.66 5.67 15.88
C PHE D 20 -4.01 5.04 16.24
N VAL D 21 -5.04 5.85 16.46
CA VAL D 21 -6.33 5.28 16.85
C VAL D 21 -7.49 5.49 15.86
N ASP D 22 -7.30 6.36 14.88
CA ASP D 22 -8.32 6.65 13.87
C ASP D 22 -8.11 5.71 12.68
N SER D 23 -9.03 4.76 12.49
CA SER D 23 -8.91 3.80 11.39
C SER D 23 -8.58 4.43 10.02
N GLY D 24 -8.88 5.71 9.85
CA GLY D 24 -8.58 6.35 8.59
C GLY D 24 -7.23 7.04 8.55
N LYS D 25 -6.39 6.84 9.57
CA LYS D 25 -5.09 7.49 9.59
C LYS D 25 -3.85 6.59 9.47
N ARG D 26 -2.77 7.20 9.02
CA ARG D 26 -1.48 6.57 8.76
C ARG D 26 -0.90 5.58 9.75
N ASN D 27 -1.04 5.82 11.04
CA ASN D 27 -0.46 4.90 12.02
C ASN D 27 -1.43 3.94 12.68
N TYR D 28 -2.65 3.86 12.15
CA TYR D 28 -3.68 2.98 12.71
C TYR D 28 -3.32 1.50 12.75
N GLU D 29 -2.82 0.98 11.63
CA GLU D 29 -2.45 -0.43 11.56
C GLU D 29 -1.42 -0.81 12.61
N ARG D 30 -0.46 0.08 12.88
CA ARG D 30 0.53 -0.22 13.90
C ARG D 30 -0.18 -0.16 15.24
N GLY D 31 -1.08 0.81 15.36
CA GLY D 31 -1.82 0.98 16.60
C GLY D 31 -2.60 -0.25 17.03
N ARG D 32 -3.37 -0.84 16.13
CA ARG D 32 -4.16 -1.99 16.50
C ARG D 32 -3.31 -3.21 16.76
N LEU D 33 -2.10 -3.21 16.21
CA LEU D 33 -1.19 -4.32 16.43
C LEU D 33 -0.76 -4.22 17.89
N ILE D 34 -0.27 -3.04 18.26
CA ILE D 34 0.18 -2.79 19.63
C ILE D 34 -0.97 -3.04 20.61
N MET D 35 -2.16 -2.61 20.24
CA MET D 35 -3.35 -2.78 21.09
C MET D 35 -3.64 -4.26 21.35
N THR D 36 -3.61 -5.05 20.29
CA THR D 36 -3.88 -6.47 20.41
C THR D 36 -2.82 -7.13 21.30
N GLU D 37 -1.57 -6.78 21.10
CA GLU D 37 -0.51 -7.37 21.91
C GLU D 37 -0.59 -6.94 23.37
N GLU D 38 -0.99 -5.69 23.60
CA GLU D 38 -1.14 -5.19 24.96
C GLU D 38 -2.19 -6.01 25.69
N ALA D 39 -3.28 -6.31 25.00
CA ALA D 39 -4.35 -7.10 25.61
C ALA D 39 -3.88 -8.52 25.90
N ASN D 40 -3.05 -9.08 25.02
CA ASN D 40 -2.55 -10.43 25.21
C ASN D 40 -1.74 -10.55 26.51
N TYR D 41 -0.98 -9.52 26.86
CA TYR D 41 -0.22 -9.57 28.08
C TYR D 41 -1.16 -9.82 29.27
N CYS D 42 -2.27 -9.09 29.33
CA CYS D 42 -3.23 -9.24 30.41
C CYS D 42 -3.97 -10.58 30.37
N ILE D 43 -4.34 -10.98 29.17
CA ILE D 43 -5.05 -12.24 28.99
C ILE D 43 -4.15 -13.39 29.44
N ALA D 44 -2.92 -13.40 28.95
CA ALA D 44 -1.96 -14.44 29.30
C ALA D 44 -1.80 -14.54 30.81
N GLU D 45 -1.65 -13.39 31.47
CA GLU D 45 -1.48 -13.39 32.90
C GLU D 45 -2.78 -13.74 33.61
N ALA D 46 -3.91 -13.45 32.98
CA ALA D 46 -5.20 -13.75 33.58
C ALA D 46 -5.33 -15.27 33.72
N PHE D 47 -5.07 -15.98 32.64
CA PHE D 47 -5.13 -17.44 32.65
C PHE D 47 -4.08 -18.01 33.60
N ASN D 48 -2.88 -17.45 33.52
CA ASN D 48 -1.78 -17.89 34.36
C ASN D 48 -2.11 -17.71 35.84
N SER D 49 -3.07 -16.83 36.14
CA SER D 49 -3.44 -16.58 37.51
C SER D 49 -4.68 -17.34 37.96
N GLY D 50 -5.08 -18.34 37.18
CA GLY D 50 -6.25 -19.13 37.57
C GLY D 50 -7.53 -18.94 36.77
N CYS D 51 -7.71 -17.78 36.15
CA CYS D 51 -8.92 -17.54 35.36
C CYS D 51 -9.16 -18.64 34.33
N THR D 52 -10.40 -19.10 34.26
CA THR D 52 -10.78 -20.14 33.33
C THR D 52 -11.41 -19.58 32.05
N GLU D 53 -11.86 -18.32 32.13
CA GLU D 53 -12.50 -17.65 31.00
C GLU D 53 -12.16 -16.17 30.97
N VAL D 54 -11.88 -15.66 29.78
CA VAL D 54 -11.57 -14.25 29.62
C VAL D 54 -12.33 -13.71 28.41
N LEU D 55 -13.32 -12.88 28.67
CA LEU D 55 -14.13 -12.28 27.62
C LEU D 55 -13.51 -10.93 27.29
N VAL D 56 -13.13 -10.73 26.03
CA VAL D 56 -12.52 -9.48 25.61
C VAL D 56 -13.44 -8.71 24.68
N ASN D 57 -13.83 -7.52 25.12
CA ASN D 57 -14.73 -6.65 24.38
C ASN D 57 -13.99 -5.44 23.82
N ASP D 58 -13.93 -5.36 22.48
CA ASP D 58 -13.28 -4.25 21.80
C ASP D 58 -14.18 -3.06 22.12
N SER D 59 -13.64 -2.05 22.78
CA SER D 59 -14.44 -0.91 23.20
C SER D 59 -14.08 0.43 22.57
N HIS D 60 -13.45 0.40 21.40
CA HIS D 60 -13.04 1.63 20.75
C HIS D 60 -13.66 1.91 19.37
N SER D 61 -14.23 3.09 19.21
CA SER D 61 -14.81 3.51 17.94
C SER D 61 -15.70 2.43 17.30
N LYS D 62 -15.32 1.93 16.12
CA LYS D 62 -16.10 0.88 15.45
C LYS D 62 -15.91 -0.49 16.10
N MET D 63 -15.07 -0.54 17.12
CA MET D 63 -14.79 -1.76 17.88
C MET D 63 -14.43 -2.99 17.05
N ASN D 64 -13.69 -2.75 15.98
CA ASN D 64 -13.20 -3.80 15.10
C ASN D 64 -11.70 -3.60 14.95
N ASN D 65 -11.08 -3.16 16.05
CA ASN D 65 -9.64 -2.89 16.11
C ASN D 65 -8.80 -4.11 16.52
N LEU D 66 -9.17 -4.74 17.62
CA LEU D 66 -8.44 -5.91 18.08
C LEU D 66 -8.42 -6.90 16.94
N MET D 67 -7.25 -7.46 16.66
CA MET D 67 -7.10 -8.41 15.55
C MET D 67 -7.39 -9.83 15.98
N VAL D 68 -8.51 -10.37 15.52
CA VAL D 68 -8.93 -11.71 15.89
C VAL D 68 -7.89 -12.79 15.57
N GLU D 69 -7.10 -12.58 14.52
CA GLU D 69 -6.10 -13.57 14.14
C GLU D 69 -4.81 -13.51 14.97
N LYS D 70 -4.69 -12.51 15.84
CA LYS D 70 -3.50 -12.37 16.68
C LYS D 70 -3.80 -12.31 18.17
N LEU D 71 -5.07 -12.27 18.53
CA LEU D 71 -5.43 -12.22 19.94
C LEU D 71 -5.19 -13.60 20.54
N HIS D 72 -5.00 -13.66 21.85
CA HIS D 72 -4.76 -14.92 22.55
C HIS D 72 -5.87 -15.87 22.14
N PRO D 73 -5.51 -17.03 21.57
CA PRO D 73 -6.43 -18.06 21.10
C PRO D 73 -7.44 -18.59 22.12
N GLU D 74 -7.05 -18.59 23.40
CA GLU D 74 -7.94 -19.09 24.43
C GLU D 74 -8.92 -18.05 24.97
N ALA D 75 -8.90 -16.85 24.39
CA ALA D 75 -9.80 -15.79 24.83
C ALA D 75 -10.95 -15.66 23.85
N ASP D 76 -12.09 -15.16 24.33
CA ASP D 76 -13.26 -14.94 23.49
C ASP D 76 -13.37 -13.46 23.17
N LEU D 77 -13.36 -13.13 21.89
CA LEU D 77 -13.44 -11.75 21.45
C LEU D 77 -14.81 -11.30 20.97
N ILE D 78 -15.22 -10.13 21.41
CA ILE D 78 -16.48 -9.52 21.01
C ILE D 78 -16.03 -8.40 20.09
N SER D 79 -16.33 -8.54 18.81
CA SER D 79 -15.92 -7.57 17.83
C SER D 79 -17.14 -6.99 17.11
N GLY D 80 -17.11 -5.69 16.83
CA GLY D 80 -18.23 -5.06 16.15
C GLY D 80 -18.92 -4.01 17.00
N ASP D 81 -19.71 -3.15 16.35
CA ASP D 81 -20.42 -2.09 17.07
C ASP D 81 -21.94 -2.26 17.08
N VAL D 82 -22.63 -1.21 17.52
CA VAL D 82 -24.08 -1.24 17.63
C VAL D 82 -24.47 -2.33 18.63
N LYS D 83 -23.67 -2.47 19.69
CA LYS D 83 -23.96 -3.45 20.72
C LYS D 83 -24.82 -2.78 21.78
N PRO D 84 -25.86 -3.47 22.26
CA PRO D 84 -26.78 -2.95 23.27
C PRO D 84 -26.09 -2.19 24.39
N PHE D 85 -24.94 -2.69 24.86
CA PHE D 85 -24.23 -2.01 25.94
C PHE D 85 -22.81 -1.55 25.64
N SER D 86 -22.58 -1.26 24.36
CA SER D 86 -21.31 -0.71 23.87
C SER D 86 -20.05 -1.24 24.56
N MET D 87 -19.36 -0.36 25.29
CA MET D 87 -18.13 -0.68 25.99
C MET D 87 -18.22 -1.78 27.03
N VAL D 88 -19.42 -2.03 27.58
CA VAL D 88 -19.56 -3.09 28.57
C VAL D 88 -20.43 -4.24 28.11
N GLU D 89 -20.56 -4.39 26.79
CA GLU D 89 -21.35 -5.46 26.21
C GLU D 89 -20.80 -6.84 26.64
N GLY D 90 -21.69 -7.73 27.07
CA GLY D 90 -21.28 -9.06 27.48
C GLY D 90 -20.97 -9.21 28.96
N LEU D 91 -20.98 -8.11 29.70
CA LEU D 91 -20.69 -8.12 31.12
C LEU D 91 -21.95 -8.41 31.94
N ASP D 92 -21.96 -9.50 32.70
CA ASP D 92 -23.11 -9.84 33.54
C ASP D 92 -22.63 -10.20 34.96
N ASP D 93 -23.54 -10.65 35.81
CA ASP D 93 -23.21 -11.00 37.19
C ASP D 93 -22.44 -12.32 37.35
N THR D 94 -22.08 -12.96 36.25
CA THR D 94 -21.37 -14.23 36.33
C THR D 94 -19.87 -14.03 36.26
N PHE D 95 -19.43 -12.78 36.22
CA PHE D 95 -18.01 -12.49 36.17
C PHE D 95 -17.42 -12.16 37.54
N ARG D 96 -16.22 -12.65 37.77
CA ARG D 96 -15.51 -12.45 39.02
C ARG D 96 -15.02 -11.01 39.14
N GLY D 97 -14.69 -10.42 38.00
CA GLY D 97 -14.22 -9.05 38.01
C GLY D 97 -14.03 -8.51 36.61
N ALA D 98 -13.78 -7.22 36.52
CA ALA D 98 -13.58 -6.57 35.24
C ALA D 98 -12.22 -5.90 35.17
N LEU D 99 -11.68 -5.84 33.96
CA LEU D 99 -10.38 -5.22 33.72
C LEU D 99 -10.49 -4.23 32.57
N PHE D 100 -10.23 -2.95 32.85
CA PHE D 100 -10.30 -1.91 31.82
C PHE D 100 -8.89 -1.65 31.30
N LEU D 101 -8.70 -1.83 29.99
CA LEU D 101 -7.40 -1.67 29.36
C LEU D 101 -7.39 -0.56 28.32
N GLY D 102 -6.28 0.17 28.26
CA GLY D 102 -6.14 1.24 27.29
C GLY D 102 -7.12 2.37 27.51
N TYR D 103 -7.49 2.60 28.76
CA TYR D 103 -8.41 3.68 29.07
C TYR D 103 -7.72 5.04 29.12
N HIS D 104 -8.52 6.09 29.03
CA HIS D 104 -8.03 7.45 29.01
C HIS D 104 -8.84 8.30 29.97
N ALA D 105 -8.39 9.54 30.17
CA ALA D 105 -9.06 10.45 31.08
C ALA D 105 -10.39 10.94 30.50
N ARG D 106 -11.30 11.34 31.38
CA ARG D 106 -12.60 11.85 30.95
C ARG D 106 -12.46 13.24 30.33
N ALA D 107 -13.48 13.67 29.59
CA ALA D 107 -13.46 14.97 28.92
C ALA D 107 -13.22 16.14 29.86
N SER D 108 -12.61 17.19 29.32
CA SER D 108 -12.37 18.40 30.08
C SER D 108 -11.30 18.31 31.18
N THR D 109 -10.52 17.24 31.19
CA THR D 109 -9.48 17.12 32.20
C THR D 109 -8.14 16.75 31.56
N PRO D 110 -7.04 16.92 32.31
CA PRO D 110 -5.70 16.61 31.81
C PRO D 110 -5.65 15.13 31.43
N GLY D 111 -4.82 14.79 30.44
CA GLY D 111 -4.73 13.42 29.99
C GLY D 111 -4.67 13.34 28.47
N VAL D 112 -3.83 12.45 27.97
CA VAL D 112 -3.70 12.27 26.52
C VAL D 112 -5.01 11.81 25.91
N MET D 113 -5.40 12.47 24.82
CA MET D 113 -6.62 12.16 24.09
C MET D 113 -7.86 12.07 24.99
N SER D 114 -7.94 12.98 25.96
CA SER D 114 -9.06 13.01 26.87
C SER D 114 -10.39 13.28 26.14
N HIS D 115 -11.44 12.57 26.56
CA HIS D 115 -12.78 12.73 26.00
C HIS D 115 -13.69 11.72 26.64
N SER D 116 -14.99 11.82 26.34
CA SER D 116 -15.99 10.89 26.88
C SER D 116 -16.99 10.48 25.78
N MET D 117 -16.76 9.32 25.20
CA MET D 117 -17.59 8.76 24.13
C MET D 117 -17.51 9.53 22.81
N ILE D 118 -17.93 10.79 22.81
CA ILE D 118 -17.86 11.60 21.59
C ILE D 118 -17.17 12.91 21.94
N PHE D 119 -16.64 13.60 20.93
CA PHE D 119 -15.95 14.87 21.15
C PHE D 119 -16.88 15.91 21.74
N GLY D 120 -18.16 15.78 21.46
CA GLY D 120 -19.14 16.74 21.94
C GLY D 120 -19.49 16.79 23.41
N VAL D 121 -19.15 15.77 24.20
CA VAL D 121 -19.49 15.83 25.61
C VAL D 121 -18.36 16.45 26.45
N ARG D 122 -18.75 17.24 27.42
CA ARG D 122 -17.81 17.87 28.33
C ARG D 122 -17.80 17.11 29.65
N HIS D 123 -18.98 16.70 30.10
CA HIS D 123 -19.09 15.96 31.35
C HIS D 123 -20.28 15.01 31.38
N PHE D 124 -20.09 13.88 32.05
CA PHE D 124 -21.14 12.89 32.26
C PHE D 124 -21.42 12.96 33.77
N TYR D 125 -22.69 12.84 34.16
CA TYR D 125 -23.05 12.87 35.56
C TYR D 125 -24.03 11.78 35.94
N ILE D 126 -23.73 11.09 37.03
CA ILE D 126 -24.61 10.06 37.55
C ILE D 126 -24.93 10.57 38.95
N ASN D 127 -26.10 11.18 39.10
CA ASN D 127 -26.51 11.75 40.37
C ASN D 127 -25.51 12.78 40.86
N ASP D 128 -25.19 13.74 39.99
CA ASP D 128 -24.27 14.81 40.33
C ASP D 128 -22.80 14.45 40.46
N ARG D 129 -22.46 13.18 40.30
CA ARG D 129 -21.05 12.82 40.39
C ARG D 129 -20.38 12.78 39.02
N PRO D 130 -19.31 13.56 38.84
CA PRO D 130 -18.54 13.65 37.61
C PRO D 130 -17.91 12.31 37.20
N VAL D 131 -18.22 11.82 36.01
CA VAL D 131 -17.63 10.57 35.52
C VAL D 131 -17.46 10.59 34.01
N GLY D 132 -16.58 9.72 33.52
CA GLY D 132 -16.35 9.62 32.11
C GLY D 132 -16.66 8.20 31.75
N GLU D 133 -16.07 7.72 30.65
CA GLU D 133 -16.27 6.35 30.21
C GLU D 133 -15.94 5.38 31.35
N LEU D 134 -14.81 5.64 32.02
CA LEU D 134 -14.36 4.82 33.11
C LEU D 134 -15.43 4.69 34.17
N GLY D 135 -15.93 5.83 34.63
CA GLY D 135 -16.96 5.84 35.65
C GLY D 135 -18.24 5.16 35.23
N LEU D 136 -18.78 5.53 34.06
CA LEU D 136 -20.01 4.91 33.60
C LEU D 136 -19.87 3.39 33.45
N ASN D 137 -18.75 2.93 32.93
CA ASN D 137 -18.57 1.50 32.75
C ASN D 137 -18.46 0.81 34.10
N ALA D 138 -17.82 1.49 35.05
CA ALA D 138 -17.67 0.94 36.39
C ALA D 138 -19.06 0.80 37.02
N TYR D 139 -19.90 1.82 36.84
CA TYR D 139 -21.25 1.77 37.41
C TYR D 139 -22.08 0.63 36.81
N VAL D 140 -21.93 0.39 35.51
CA VAL D 140 -22.67 -0.71 34.89
C VAL D 140 -22.14 -2.02 35.47
N ALA D 141 -20.84 -2.06 35.74
CA ALA D 141 -20.24 -3.25 36.33
C ALA D 141 -20.83 -3.45 37.72
N GLY D 142 -21.03 -2.34 38.43
CA GLY D 142 -21.59 -2.39 39.77
C GLY D 142 -23.01 -2.92 39.80
N TYR D 143 -23.77 -2.59 38.76
CA TYR D 143 -25.15 -3.05 38.65
C TYR D 143 -25.17 -4.57 38.70
N TYR D 144 -24.13 -5.21 38.18
CA TYR D 144 -24.04 -6.67 38.19
C TYR D 144 -23.19 -7.18 39.36
N ASP D 145 -22.89 -6.29 40.30
CA ASP D 145 -22.09 -6.64 41.45
C ASP D 145 -20.73 -7.14 41.08
N VAL D 146 -20.20 -6.63 39.98
CA VAL D 146 -18.88 -7.03 39.53
C VAL D 146 -17.94 -5.88 39.79
N PRO D 147 -16.81 -6.17 40.47
CA PRO D 147 -15.82 -5.13 40.79
C PRO D 147 -14.79 -4.92 39.68
N VAL D 148 -14.34 -3.68 39.55
CA VAL D 148 -13.34 -3.34 38.57
C VAL D 148 -12.00 -3.56 39.29
N LEU D 149 -11.38 -4.71 39.02
CA LEU D 149 -10.13 -5.08 39.66
C LEU D 149 -8.91 -4.28 39.22
N MET D 150 -8.85 -3.98 37.93
CA MET D 150 -7.71 -3.24 37.39
C MET D 150 -8.14 -2.27 36.29
N VAL D 151 -7.35 -1.21 36.13
CA VAL D 151 -7.57 -0.21 35.10
C VAL D 151 -6.20 0.22 34.59
N ALA D 152 -5.98 0.07 33.29
CA ALA D 152 -4.71 0.44 32.68
C ALA D 152 -4.91 1.54 31.64
N GLY D 153 -3.91 2.40 31.49
CA GLY D 153 -3.96 3.48 30.54
C GLY D 153 -2.84 4.44 30.86
N ASP D 154 -3.08 5.75 30.72
CA ASP D 154 -2.06 6.74 31.03
C ASP D 154 -2.14 7.04 32.51
N ASP D 155 -1.23 7.88 33.01
CA ASP D 155 -1.23 8.21 34.43
C ASP D 155 -2.52 8.89 34.85
N ARG D 156 -3.08 9.74 33.99
CA ARG D 156 -4.31 10.44 34.34
C ARG D 156 -5.51 9.52 34.46
N ALA D 157 -5.59 8.49 33.62
CA ALA D 157 -6.71 7.56 33.70
C ALA D 157 -6.58 6.74 34.99
N ALA D 158 -5.34 6.42 35.36
CA ALA D 158 -5.08 5.65 36.57
C ALA D 158 -5.53 6.45 37.78
N LYS D 159 -5.16 7.73 37.80
CA LYS D 159 -5.51 8.62 38.90
C LYS D 159 -7.04 8.72 39.01
N GLU D 160 -7.67 8.88 37.86
CA GLU D 160 -9.12 8.99 37.81
C GLU D 160 -9.79 7.72 38.35
N ALA D 161 -9.21 6.57 38.01
CA ALA D 161 -9.74 5.29 38.46
C ALA D 161 -9.67 5.13 39.97
N GLU D 162 -8.48 5.34 40.53
CA GLU D 162 -8.31 5.20 41.97
C GLU D 162 -9.08 6.21 42.82
N GLU D 163 -9.42 7.35 42.26
CA GLU D 163 -10.19 8.36 42.99
C GLU D 163 -11.67 7.98 43.01
N LEU D 164 -12.02 6.98 42.22
CA LEU D 164 -13.40 6.54 42.13
C LEU D 164 -13.63 5.15 42.72
N ILE D 165 -12.66 4.25 42.53
CA ILE D 165 -12.75 2.89 43.03
C ILE D 165 -11.65 2.59 44.05
N PRO D 166 -12.02 2.48 45.34
CA PRO D 166 -11.07 2.19 46.42
C PRO D 166 -10.27 0.90 46.23
N ASN D 167 -8.96 0.99 46.45
CA ASN D 167 -8.06 -0.16 46.35
C ASN D 167 -7.88 -0.73 44.95
N VAL D 168 -8.44 -0.07 43.96
CA VAL D 168 -8.32 -0.55 42.58
C VAL D 168 -6.87 -0.56 42.16
N THR D 169 -6.48 -1.55 41.35
CA THR D 169 -5.11 -1.62 40.86
C THR D 169 -5.04 -0.90 39.52
N THR D 170 -4.04 -0.02 39.38
CA THR D 170 -3.88 0.74 38.15
C THR D 170 -2.51 0.50 37.54
N ALA D 171 -2.43 0.59 36.23
CA ALA D 171 -1.18 0.39 35.50
C ALA D 171 -1.00 1.54 34.51
N ALA D 172 -0.08 2.44 34.82
CA ALA D 172 0.18 3.60 33.98
C ALA D 172 1.27 3.27 32.96
N VAL D 173 0.86 2.83 31.79
CA VAL D 173 1.79 2.45 30.74
C VAL D 173 2.47 3.65 30.09
N LYS D 174 1.96 4.85 30.36
CA LYS D 174 2.58 6.03 29.79
C LYS D 174 2.21 7.25 30.63
N GLN D 175 3.02 8.29 30.51
CA GLN D 175 2.81 9.53 31.23
C GLN D 175 2.33 10.59 30.28
N THR D 176 1.27 11.30 30.67
CA THR D 176 0.72 12.35 29.84
C THR D 176 1.51 13.66 29.94
N ILE D 177 1.84 14.25 28.80
CA ILE D 177 2.54 15.52 28.76
C ILE D 177 1.58 16.59 28.23
N SER D 178 0.76 16.20 27.25
CA SER D 178 -0.25 17.09 26.67
C SER D 178 -1.39 16.20 26.16
N ARG D 179 -2.41 16.80 25.56
CA ARG D 179 -3.52 16.00 25.08
C ARG D 179 -3.09 15.13 23.89
N SER D 180 -1.96 15.47 23.27
CA SER D 180 -1.45 14.71 22.13
C SER D 180 0.06 14.42 22.24
N ALA D 181 0.52 14.13 23.46
CA ALA D 181 1.93 13.86 23.70
C ALA D 181 2.11 13.10 24.99
N VAL D 182 2.98 12.11 24.98
CA VAL D 182 3.23 11.33 26.17
C VAL D 182 4.67 10.83 26.26
N LYS D 183 5.03 10.40 27.47
CA LYS D 183 6.35 9.82 27.72
C LYS D 183 5.95 8.39 28.00
N CYS D 184 6.37 7.48 27.14
CA CYS D 184 5.99 6.08 27.28
C CYS D 184 7.10 5.08 27.53
N LEU D 185 6.68 3.90 27.96
CA LEU D 185 7.58 2.80 28.23
C LEU D 185 7.69 1.97 26.96
N SER D 186 8.79 1.25 26.80
CA SER D 186 8.96 0.41 25.61
C SER D 186 7.87 -0.67 25.65
N PRO D 187 7.47 -1.18 24.49
CA PRO D 187 6.43 -2.22 24.43
C PRO D 187 6.69 -3.37 25.41
N ALA D 188 7.94 -3.78 25.51
CA ALA D 188 8.29 -4.87 26.40
C ALA D 188 8.20 -4.46 27.86
N LYS D 189 8.57 -3.22 28.16
CA LYS D 189 8.55 -2.70 29.52
C LYS D 189 7.11 -2.60 30.03
N ARG D 190 6.21 -2.09 29.18
CA ARG D 190 4.81 -1.96 29.54
C ARG D 190 4.24 -3.36 29.79
N GLY D 191 4.72 -4.32 29.00
CA GLY D 191 4.27 -5.70 29.12
C GLY D 191 4.49 -6.25 30.51
N ARG D 192 5.68 -6.03 31.06
CA ARG D 192 5.98 -6.51 32.39
C ARG D 192 5.03 -5.83 33.37
N LEU D 193 4.96 -4.50 33.27
CA LEU D 193 4.09 -3.72 34.13
C LEU D 193 2.68 -4.30 34.12
N LEU D 194 2.14 -4.51 32.92
CA LEU D 194 0.80 -5.05 32.79
C LEU D 194 0.71 -6.46 33.37
N THR D 195 1.75 -7.26 33.14
CA THR D 195 1.79 -8.62 33.66
C THR D 195 1.76 -8.63 35.20
N GLU D 196 2.64 -7.85 35.80
CA GLU D 196 2.70 -7.77 37.26
C GLU D 196 1.39 -7.21 37.83
N LYS D 197 0.96 -6.07 37.29
CA LYS D 197 -0.27 -5.44 37.76
C LYS D 197 -1.49 -6.36 37.63
N THR D 198 -1.57 -7.10 36.54
CA THR D 198 -2.71 -8.00 36.35
C THR D 198 -2.68 -9.10 37.39
N ALA D 199 -1.48 -9.62 37.67
CA ALA D 199 -1.33 -10.68 38.67
C ALA D 199 -1.76 -10.18 40.04
N PHE D 200 -1.23 -9.02 40.43
CA PHE D 200 -1.57 -8.45 41.73
C PHE D 200 -3.07 -8.16 41.84
N ALA D 201 -3.66 -7.62 40.78
CA ALA D 201 -5.07 -7.27 40.79
C ALA D 201 -5.97 -8.49 41.04
N LEU D 202 -5.64 -9.61 40.40
CA LEU D 202 -6.43 -10.83 40.55
C LEU D 202 -6.30 -11.45 41.94
N GLN D 203 -5.13 -11.34 42.55
CA GLN D 203 -4.95 -11.92 43.88
C GLN D 203 -5.39 -10.99 45.00
N ASN D 204 -5.47 -9.69 44.71
CA ASN D 204 -5.87 -8.70 45.70
C ASN D 204 -7.33 -8.31 45.48
N LYS D 205 -8.02 -9.08 44.63
CA LYS D 205 -9.41 -8.82 44.29
C LYS D 205 -10.39 -8.65 45.44
N ASP D 206 -10.15 -9.35 46.55
CA ASP D 206 -11.03 -9.26 47.70
C ASP D 206 -11.12 -7.85 48.29
N LYS D 207 -10.08 -7.05 48.08
CA LYS D 207 -10.07 -5.70 48.64
C LYS D 207 -10.82 -4.67 47.79
N VAL D 208 -11.34 -5.10 46.65
CA VAL D 208 -12.06 -4.20 45.77
C VAL D 208 -13.55 -4.52 45.72
N LYS D 209 -14.36 -3.48 45.89
CA LYS D 209 -15.82 -3.66 45.87
C LYS D 209 -16.47 -3.05 44.63
N PRO D 210 -17.61 -3.61 44.22
CA PRO D 210 -18.35 -3.12 43.05
C PRO D 210 -18.80 -1.68 43.26
N LEU D 211 -18.73 -0.87 42.20
CA LEU D 211 -19.15 0.51 42.29
C LEU D 211 -20.66 0.54 42.15
N THR D 212 -21.36 0.27 43.24
CA THR D 212 -22.82 0.24 43.21
C THR D 212 -23.44 1.57 42.79
N PRO D 213 -24.29 1.54 41.76
CA PRO D 213 -24.94 2.75 41.25
C PRO D 213 -26.29 2.97 41.94
N PRO D 214 -26.81 4.20 41.88
CA PRO D 214 -28.10 4.53 42.49
C PRO D 214 -29.22 3.66 41.88
N ASP D 215 -30.31 3.50 42.61
CA ASP D 215 -31.45 2.71 42.13
C ASP D 215 -32.09 3.33 40.89
N ARG D 216 -32.40 4.62 40.95
CA ARG D 216 -33.00 5.35 39.84
C ARG D 216 -32.08 6.51 39.53
N PRO D 217 -30.92 6.23 38.92
CA PRO D 217 -29.95 7.26 38.58
C PRO D 217 -30.42 8.33 37.61
N VAL D 218 -29.95 9.55 37.86
CA VAL D 218 -30.25 10.69 37.02
C VAL D 218 -29.01 10.95 36.19
N LEU D 219 -29.14 10.73 34.89
CA LEU D 219 -28.05 10.95 33.96
C LEU D 219 -28.04 12.41 33.54
N SER D 220 -26.88 13.03 33.60
CA SER D 220 -26.74 14.41 33.16
C SER D 220 -25.57 14.43 32.18
N ILE D 221 -25.75 15.12 31.07
CA ILE D 221 -24.71 15.22 30.06
C ILE D 221 -24.56 16.68 29.70
N GLU D 222 -23.36 17.21 29.88
CA GLU D 222 -23.09 18.58 29.52
C GLU D 222 -22.36 18.52 28.18
N PHE D 223 -22.94 19.16 27.17
CA PHE D 223 -22.35 19.17 25.84
C PHE D 223 -21.54 20.43 25.58
N ALA D 224 -20.67 20.38 24.58
CA ALA D 224 -19.83 21.53 24.25
C ALA D 224 -20.63 22.76 23.83
N ASN D 225 -21.63 22.58 22.97
CA ASN D 225 -22.47 23.70 22.50
C ASN D 225 -23.94 23.41 22.68
N TYR D 226 -24.77 24.43 22.50
CA TYR D 226 -26.22 24.29 22.65
C TYR D 226 -26.86 23.42 21.59
N GLY D 227 -26.27 23.39 20.40
CA GLY D 227 -26.82 22.57 19.32
C GLY D 227 -26.83 21.09 19.70
N GLN D 228 -25.74 20.63 20.31
CA GLN D 228 -25.68 19.22 20.69
C GLN D 228 -26.71 18.93 21.78
N ALA D 229 -26.96 19.91 22.64
CA ALA D 229 -27.93 19.75 23.69
C ALA D 229 -29.32 19.63 23.04
N GLU D 230 -29.62 20.50 22.09
CA GLU D 230 -30.93 20.42 21.41
C GLU D 230 -31.18 19.06 20.79
N TRP D 231 -30.18 18.52 20.10
CA TRP D 231 -30.31 17.20 19.47
C TRP D 231 -30.68 16.15 20.53
N ALA D 232 -29.90 16.09 21.60
CA ALA D 232 -30.15 15.11 22.67
C ALA D 232 -31.50 15.33 23.33
N ASN D 233 -31.88 16.59 23.48
CA ASN D 233 -33.16 16.93 24.09
C ASN D 233 -34.37 16.50 23.26
N LEU D 234 -34.13 15.86 22.12
CA LEU D 234 -35.18 15.38 21.25
C LEU D 234 -35.69 14.06 21.81
N MET D 235 -34.80 13.31 22.47
CA MET D 235 -35.17 12.02 23.03
C MET D 235 -36.20 12.17 24.15
N PRO D 236 -37.28 11.38 24.10
CA PRO D 236 -38.33 11.45 25.12
C PRO D 236 -37.77 11.24 26.52
N GLY D 237 -38.29 11.98 27.48
CA GLY D 237 -37.83 11.84 28.87
C GLY D 237 -36.67 12.74 29.25
N THR D 238 -36.20 13.55 28.31
CA THR D 238 -35.08 14.45 28.55
C THR D 238 -35.53 15.90 28.75
N GLU D 239 -34.63 16.70 29.32
CA GLU D 239 -34.91 18.11 29.57
C GLU D 239 -33.59 18.88 29.68
N ILE D 240 -33.57 20.10 29.15
CA ILE D 240 -32.39 20.92 29.20
C ILE D 240 -32.48 21.85 30.40
N LYS D 241 -31.40 21.91 31.18
CA LYS D 241 -31.33 22.76 32.36
C LYS D 241 -31.13 24.18 31.86
N THR D 242 -32.14 25.03 32.01
CA THR D 242 -32.06 26.42 31.55
C THR D 242 -30.75 27.11 31.93
N GLY D 243 -30.20 27.86 30.98
CA GLY D 243 -28.94 28.55 31.23
C GLY D 243 -27.71 27.67 31.08
N THR D 244 -27.89 26.45 30.57
CA THR D 244 -26.77 25.53 30.39
C THR D 244 -26.88 24.75 29.09
N THR D 245 -25.91 23.88 28.85
CA THR D 245 -25.90 23.02 27.66
C THR D 245 -25.98 21.59 28.16
N THR D 246 -26.56 21.44 29.34
CA THR D 246 -26.70 20.14 29.99
C THR D 246 -28.10 19.59 29.81
N VAL D 247 -28.19 18.31 29.48
CA VAL D 247 -29.47 17.64 29.29
C VAL D 247 -29.56 16.52 30.32
N GLN D 248 -30.70 16.42 30.98
CA GLN D 248 -30.91 15.41 32.01
C GLN D 248 -31.94 14.36 31.65
N PHE D 249 -31.75 13.16 32.19
CA PHE D 249 -32.64 12.06 31.94
C PHE D 249 -32.79 11.19 33.19
N GLN D 250 -34.01 11.08 33.69
CA GLN D 250 -34.26 10.26 34.87
C GLN D 250 -34.43 8.82 34.38
N ALA D 251 -33.52 7.94 34.78
CA ALA D 251 -33.58 6.55 34.36
C ALA D 251 -34.20 5.64 35.42
N LYS D 252 -34.64 4.45 35.00
CA LYS D 252 -35.24 3.48 35.89
C LYS D 252 -34.13 2.74 36.64
N ASP D 253 -33.01 2.54 35.97
CA ASP D 253 -31.84 1.85 36.53
C ASP D 253 -30.59 2.23 35.74
N MET D 254 -29.44 1.77 36.20
CA MET D 254 -28.18 2.09 35.54
C MET D 254 -28.14 1.60 34.10
N LEU D 255 -28.78 0.47 33.82
CA LEU D 255 -28.77 -0.04 32.45
C LEU D 255 -29.53 0.88 31.49
N GLU D 256 -30.64 1.47 31.94
CA GLU D 256 -31.40 2.37 31.10
C GLU D 256 -30.64 3.67 30.96
N ALA D 257 -29.94 4.05 32.02
CA ALA D 257 -29.16 5.27 32.03
C ALA D 257 -28.03 5.15 31.02
N TYR D 258 -27.44 3.97 30.92
CA TYR D 258 -26.32 3.75 29.99
C TYR D 258 -26.81 3.88 28.55
N GLN D 259 -27.90 3.21 28.22
CA GLN D 259 -28.43 3.28 26.88
C GLN D 259 -28.90 4.68 26.54
N ALA D 260 -29.43 5.40 27.53
CA ALA D 260 -29.85 6.77 27.30
C ALA D 260 -28.61 7.58 26.87
N MET D 261 -27.47 7.26 27.46
CA MET D 261 -26.22 7.93 27.14
C MET D 261 -25.84 7.64 25.69
N LEU D 262 -25.98 6.40 25.28
CA LEU D 262 -25.65 5.99 23.93
C LEU D 262 -26.47 6.77 22.90
N VAL D 263 -27.78 6.83 23.11
CA VAL D 263 -28.69 7.54 22.21
C VAL D 263 -28.47 9.05 22.22
N MET D 264 -28.37 9.65 23.41
CA MET D 264 -28.16 11.09 23.50
C MET D 264 -26.84 11.52 22.84
N THR D 265 -25.78 10.75 23.05
CA THR D 265 -24.52 11.12 22.44
C THR D 265 -24.56 10.86 20.93
N GLU D 266 -25.28 9.82 20.54
CA GLU D 266 -25.42 9.51 19.11
C GLU D 266 -26.12 10.68 18.41
N LEU D 267 -27.14 11.21 19.06
CA LEU D 267 -27.87 12.35 18.51
C LEU D 267 -26.99 13.59 18.46
N ALA D 268 -26.25 13.83 19.53
CA ALA D 268 -25.38 15.00 19.61
C ALA D 268 -24.31 14.97 18.53
N MET D 269 -23.88 13.77 18.14
CA MET D 269 -22.87 13.58 17.11
C MET D 269 -23.28 14.18 15.76
N ARG D 270 -24.58 14.30 15.53
CA ARG D 270 -25.07 14.83 14.27
C ARG D 270 -24.98 16.35 14.15
N THR D 271 -24.73 17.01 15.28
CA THR D 271 -24.65 18.48 15.32
C THR D 271 -23.66 19.07 14.32
N SER D 272 -24.14 20.05 13.56
CA SER D 272 -23.35 20.73 12.55
C SER D 272 -22.87 22.08 13.07
N PHE D 273 -21.98 22.72 12.30
CA PHE D 273 -21.43 24.02 12.66
C PHE D 273 -20.68 23.95 13.98
N CYS D 274 -19.71 23.05 14.05
CA CYS D 274 -18.89 22.88 15.26
C CYS D 274 -17.71 21.97 14.94
N MET E 1 -16.06 -40.17 -3.20
CA MET E 1 -17.34 -39.43 -3.16
C MET E 1 -17.09 -37.93 -3.40
N LYS E 2 -17.94 -37.33 -4.22
CA LYS E 2 -17.82 -35.91 -4.53
C LYS E 2 -18.58 -35.05 -3.53
N LEU E 3 -17.92 -34.02 -3.02
CA LEU E 3 -18.54 -33.12 -2.09
C LEU E 3 -18.56 -31.71 -2.68
N TYR E 4 -19.71 -31.04 -2.60
CA TYR E 4 -19.86 -29.69 -3.11
C TYR E 4 -19.79 -28.68 -1.98
N MET E 5 -19.06 -27.60 -2.21
CA MET E 5 -18.92 -26.54 -1.22
C MET E 5 -19.29 -25.16 -1.75
N SER E 6 -20.18 -24.48 -1.03
CA SER E 6 -20.59 -23.13 -1.37
C SER E 6 -20.06 -22.27 -0.23
N VAL E 7 -19.17 -21.34 -0.53
CA VAL E 7 -18.59 -20.51 0.51
C VAL E 7 -18.96 -19.03 0.40
N ASP E 8 -19.63 -18.53 1.43
CA ASP E 8 -20.03 -17.13 1.50
C ASP E 8 -19.04 -16.46 2.46
N MET E 9 -19.18 -15.16 2.67
CA MET E 9 -18.25 -14.45 3.56
C MET E 9 -18.77 -13.92 4.89
N GLU E 10 -19.96 -13.34 4.90
CA GLU E 10 -20.51 -12.76 6.12
C GLU E 10 -20.50 -13.70 7.31
N GLY E 11 -20.69 -14.99 7.05
CA GLY E 11 -20.71 -15.94 8.15
C GLY E 11 -19.35 -16.48 8.53
N ILE E 12 -18.31 -16.06 7.83
CA ILE E 12 -16.96 -16.53 8.17
C ILE E 12 -16.61 -16.13 9.59
N SER E 13 -15.80 -16.95 10.23
CA SER E 13 -15.42 -16.69 11.62
C SER E 13 -14.54 -15.46 11.77
N GLY E 14 -14.72 -14.77 12.91
CA GLY E 14 -13.95 -13.58 13.21
C GLY E 14 -14.42 -12.29 12.55
N LEU E 15 -15.20 -12.38 11.48
CA LEU E 15 -15.66 -11.20 10.76
C LEU E 15 -16.91 -10.59 11.38
N PRO E 16 -16.78 -9.37 11.93
CA PRO E 16 -17.89 -8.67 12.56
C PRO E 16 -18.74 -7.75 11.68
N ASP E 17 -18.10 -7.10 10.70
CA ASP E 17 -18.81 -6.16 9.86
C ASP E 17 -18.37 -6.20 8.39
N ASP E 18 -18.95 -5.32 7.58
CA ASP E 18 -18.63 -5.30 6.17
C ASP E 18 -17.25 -4.78 5.76
N THR E 19 -16.49 -4.23 6.71
CA THR E 19 -15.14 -3.77 6.37
C THR E 19 -14.29 -4.99 6.03
N PHE E 20 -14.75 -6.17 6.46
CA PHE E 20 -14.04 -7.42 6.18
C PHE E 20 -14.56 -8.14 4.95
N VAL E 21 -15.75 -7.77 4.46
CA VAL E 21 -16.32 -8.46 3.30
C VAL E 21 -16.49 -7.62 2.00
N ASP E 22 -16.38 -6.31 2.13
CA ASP E 22 -16.52 -5.41 0.99
C ASP E 22 -15.14 -5.20 0.36
N SER E 23 -14.94 -5.72 -0.85
CA SER E 23 -13.66 -5.60 -1.54
C SER E 23 -13.10 -4.17 -1.55
N GLY E 24 -13.96 -3.18 -1.42
CA GLY E 24 -13.48 -1.82 -1.41
C GLY E 24 -13.17 -1.29 0.00
N LYS E 25 -13.16 -2.15 1.01
CA LYS E 25 -12.89 -1.67 2.36
C LYS E 25 -11.60 -2.17 3.03
N ARG E 26 -11.15 -1.39 4.00
CA ARG E 26 -9.90 -1.60 4.75
C ARG E 26 -9.53 -3.00 5.25
N ASN E 27 -10.50 -3.76 5.74
CA ASN E 27 -10.18 -5.08 6.25
C ASN E 27 -10.48 -6.25 5.32
N TYR E 28 -10.77 -5.94 4.06
CA TYR E 28 -11.10 -6.98 3.09
C TYR E 28 -9.99 -8.00 2.86
N GLU E 29 -8.76 -7.54 2.66
CA GLU E 29 -7.65 -8.45 2.41
C GLU E 29 -7.47 -9.47 3.54
N ARG E 30 -7.65 -9.03 4.77
CA ARG E 30 -7.54 -9.93 5.90
C ARG E 30 -8.72 -10.90 5.83
N GLY E 31 -9.89 -10.35 5.51
CA GLY E 31 -11.08 -11.17 5.42
C GLY E 31 -10.99 -12.33 4.45
N ARG E 32 -10.50 -12.09 3.24
CA ARG E 32 -10.42 -13.18 2.28
C ARG E 32 -9.34 -14.20 2.65
N LEU E 33 -8.39 -13.77 3.47
CA LEU E 33 -7.33 -14.66 3.91
C LEU E 33 -7.98 -15.63 4.89
N ILE E 34 -8.68 -15.07 5.87
CA ILE E 34 -9.36 -15.88 6.87
C ILE E 34 -10.38 -16.80 6.19
N MET E 35 -11.08 -16.26 5.19
CA MET E 35 -12.09 -17.01 4.46
C MET E 35 -11.48 -18.22 3.76
N THR E 36 -10.38 -18.01 3.07
CA THR E 36 -9.71 -19.09 2.37
C THR E 36 -9.23 -20.16 3.34
N GLU E 37 -8.67 -19.74 4.47
CA GLU E 37 -8.20 -20.70 5.45
C GLU E 37 -9.35 -21.45 6.07
N GLU E 38 -10.46 -20.77 6.29
CA GLU E 38 -11.64 -21.41 6.88
C GLU E 38 -12.13 -22.53 5.98
N ALA E 39 -12.11 -22.28 4.67
CA ALA E 39 -12.54 -23.30 3.72
C ALA E 39 -11.55 -24.48 3.69
N ASN E 40 -10.27 -24.19 3.89
CA ASN E 40 -9.25 -25.22 3.89
C ASN E 40 -9.47 -26.23 5.01
N TYR E 41 -9.92 -25.76 6.16
CA TYR E 41 -10.18 -26.67 7.26
C TYR E 41 -11.19 -27.72 6.82
N CYS E 42 -12.27 -27.29 6.19
CA CYS E 42 -13.31 -28.21 5.73
C CYS E 42 -12.86 -29.11 4.60
N ILE E 43 -12.12 -28.55 3.65
CA ILE E 43 -11.62 -29.30 2.52
C ILE E 43 -10.69 -30.40 3.02
N ALA E 44 -9.75 -30.02 3.88
CA ALA E 44 -8.79 -30.96 4.44
C ALA E 44 -9.50 -32.12 5.12
N GLU E 45 -10.49 -31.80 5.94
CA GLU E 45 -11.21 -32.85 6.63
C GLU E 45 -12.11 -33.64 5.68
N ALA E 46 -12.52 -33.01 4.58
CA ALA E 46 -13.37 -33.69 3.61
C ALA E 46 -12.57 -34.83 3.02
N PHE E 47 -11.38 -34.53 2.53
CA PHE E 47 -10.50 -35.53 1.93
C PHE E 47 -10.13 -36.58 2.98
N ASN E 48 -9.79 -36.11 4.18
CA ASN E 48 -9.42 -36.99 5.27
C ASN E 48 -10.55 -37.94 5.63
N SER E 49 -11.78 -37.58 5.26
CA SER E 49 -12.92 -38.43 5.57
C SER E 49 -13.36 -39.32 4.42
N GLY E 50 -12.52 -39.42 3.39
CA GLY E 50 -12.86 -40.29 2.28
C GLY E 50 -13.20 -39.61 0.97
N CYS E 51 -13.67 -38.37 1.00
CA CYS E 51 -14.02 -37.68 -0.23
C CYS E 51 -12.88 -37.69 -1.25
N THR E 52 -13.22 -37.99 -2.50
CA THR E 52 -12.24 -38.04 -3.56
C THR E 52 -12.20 -36.75 -4.36
N GLU E 53 -13.27 -35.97 -4.25
CA GLU E 53 -13.37 -34.69 -4.98
C GLU E 53 -14.10 -33.65 -4.14
N VAL E 54 -13.59 -32.42 -4.20
CA VAL E 54 -14.20 -31.33 -3.47
C VAL E 54 -14.27 -30.10 -4.38
N LEU E 55 -15.49 -29.74 -4.80
CA LEU E 55 -15.69 -28.58 -5.66
C LEU E 55 -16.01 -27.41 -4.76
N VAL E 56 -15.22 -26.36 -4.87
CA VAL E 56 -15.40 -25.16 -4.05
C VAL E 56 -15.86 -24.00 -4.91
N ASN E 57 -17.06 -23.51 -4.61
CA ASN E 57 -17.65 -22.39 -5.34
C ASN E 57 -17.69 -21.13 -4.49
N ASP E 58 -16.96 -20.12 -4.93
CA ASP E 58 -16.92 -18.84 -4.21
C ASP E 58 -18.33 -18.25 -4.39
N SER E 59 -19.07 -18.07 -3.31
CA SER E 59 -20.44 -17.59 -3.41
C SER E 59 -20.71 -16.20 -2.84
N HIS E 60 -19.69 -15.37 -2.77
CA HIS E 60 -19.84 -14.03 -2.21
C HIS E 60 -19.55 -12.88 -3.18
N SER E 61 -20.50 -11.94 -3.27
CA SER E 61 -20.33 -10.75 -4.10
C SER E 61 -19.79 -11.02 -5.52
N LYS E 62 -18.58 -10.56 -5.81
CA LYS E 62 -17.99 -10.78 -7.14
C LYS E 62 -17.39 -12.18 -7.23
N MET E 63 -17.52 -12.92 -6.15
CA MET E 63 -17.04 -14.30 -6.07
C MET E 63 -15.60 -14.52 -6.54
N ASN E 64 -14.74 -13.56 -6.20
CA ASN E 64 -13.33 -13.65 -6.54
C ASN E 64 -12.56 -13.37 -5.26
N ASN E 65 -13.12 -13.86 -4.15
CA ASN E 65 -12.59 -13.67 -2.80
C ASN E 65 -11.61 -14.77 -2.39
N LEU E 66 -12.03 -16.03 -2.54
CA LEU E 66 -11.17 -17.13 -2.19
C LEU E 66 -9.88 -16.98 -2.97
N MET E 67 -8.75 -17.14 -2.31
CA MET E 67 -7.46 -16.98 -2.96
C MET E 67 -6.97 -18.28 -3.56
N VAL E 68 -6.98 -18.34 -4.88
CA VAL E 68 -6.56 -19.54 -5.59
C VAL E 68 -5.15 -20.02 -5.24
N GLU E 69 -4.26 -19.09 -4.89
CA GLU E 69 -2.89 -19.47 -4.57
C GLU E 69 -2.72 -20.00 -3.15
N LYS E 70 -3.78 -19.94 -2.34
CA LYS E 70 -3.71 -20.42 -0.97
C LYS E 70 -4.74 -21.47 -0.62
N LEU E 71 -5.66 -21.74 -1.54
CA LEU E 71 -6.68 -22.74 -1.29
C LEU E 71 -6.04 -24.13 -1.36
N HIS E 72 -6.66 -25.12 -0.71
CA HIS E 72 -6.15 -26.47 -0.72
C HIS E 72 -5.91 -26.86 -2.17
N PRO E 73 -4.65 -27.21 -2.51
CA PRO E 73 -4.24 -27.61 -3.86
C PRO E 73 -5.02 -28.75 -4.50
N GLU E 74 -5.56 -29.66 -3.69
CA GLU E 74 -6.31 -30.78 -4.23
C GLU E 74 -7.77 -30.48 -4.46
N ALA E 75 -8.18 -29.23 -4.21
CA ALA E 75 -9.57 -28.85 -4.41
C ALA E 75 -9.72 -28.08 -5.71
N ASP E 76 -10.91 -28.13 -6.29
CA ASP E 76 -11.20 -27.43 -7.53
C ASP E 76 -12.00 -26.17 -7.19
N LEU E 77 -11.48 -25.01 -7.58
CA LEU E 77 -12.13 -23.74 -7.30
C LEU E 77 -12.88 -23.12 -8.47
N ILE E 78 -14.09 -22.66 -8.18
CA ILE E 78 -14.90 -21.98 -9.16
C ILE E 78 -14.84 -20.52 -8.72
N SER E 79 -14.18 -19.70 -9.53
CA SER E 79 -14.00 -18.29 -9.20
C SER E 79 -14.61 -17.41 -10.29
N GLY E 80 -15.25 -16.31 -9.89
CA GLY E 80 -15.85 -15.43 -10.87
C GLY E 80 -17.35 -15.35 -10.73
N ASP E 81 -17.94 -14.33 -11.35
CA ASP E 81 -19.39 -14.13 -11.27
C ASP E 81 -20.12 -14.29 -12.60
N VAL E 82 -21.40 -13.92 -12.61
CA VAL E 82 -22.22 -14.06 -13.81
C VAL E 82 -22.29 -15.55 -14.16
N LYS E 83 -22.38 -16.39 -13.13
CA LYS E 83 -22.51 -17.82 -13.35
C LYS E 83 -23.98 -18.14 -13.40
N PRO E 84 -24.40 -18.98 -14.36
CA PRO E 84 -25.79 -19.39 -14.55
C PRO E 84 -26.54 -19.65 -13.23
N PHE E 85 -25.89 -20.32 -12.29
CA PHE E 85 -26.53 -20.60 -11.00
C PHE E 85 -25.87 -20.01 -9.75
N SER E 86 -25.22 -18.86 -9.93
CA SER E 86 -24.60 -18.10 -8.85
C SER E 86 -23.98 -18.93 -7.71
N MET E 87 -24.62 -18.86 -6.53
CA MET E 87 -24.14 -19.55 -5.34
C MET E 87 -24.10 -21.07 -5.42
N VAL E 88 -24.85 -21.68 -6.35
CA VAL E 88 -24.84 -23.13 -6.46
C VAL E 88 -24.32 -23.62 -7.80
N GLU E 89 -23.57 -22.75 -8.47
CA GLU E 89 -22.99 -23.08 -9.76
C GLU E 89 -22.09 -24.32 -9.63
N GLY E 90 -22.25 -25.26 -10.55
CA GLY E 90 -21.45 -26.48 -10.55
C GLY E 90 -22.03 -27.64 -9.76
N LEU E 91 -23.15 -27.42 -9.09
CA LEU E 91 -23.78 -28.47 -8.30
C LEU E 91 -24.76 -29.28 -9.16
N ASP E 92 -24.52 -30.59 -9.27
CA ASP E 92 -25.38 -31.47 -10.04
C ASP E 92 -25.70 -32.73 -9.23
N ASP E 93 -26.38 -33.69 -9.85
CA ASP E 93 -26.77 -34.92 -9.18
C ASP E 93 -25.65 -35.93 -8.97
N THR E 94 -24.43 -35.57 -9.32
CA THR E 94 -23.30 -36.47 -9.15
C THR E 94 -22.58 -36.24 -7.82
N PHE E 95 -23.12 -35.35 -6.99
CA PHE E 95 -22.50 -35.07 -5.70
C PHE E 95 -23.19 -35.80 -4.56
N ARG E 96 -22.37 -36.30 -3.65
CA ARG E 96 -22.85 -37.06 -2.49
C ARG E 96 -23.52 -36.12 -1.49
N GLY E 97 -23.05 -34.88 -1.44
CA GLY E 97 -23.64 -33.93 -0.52
C GLY E 97 -23.10 -32.53 -0.71
N ALA E 98 -23.72 -31.57 -0.03
CA ALA E 98 -23.31 -30.18 -0.12
C ALA E 98 -22.96 -29.65 1.26
N LEU E 99 -22.02 -28.70 1.28
CA LEU E 99 -21.58 -28.08 2.51
C LEU E 99 -21.59 -26.56 2.31
N PHE E 100 -22.39 -25.86 3.11
CA PHE E 100 -22.47 -24.40 3.03
C PHE E 100 -21.57 -23.80 4.11
N LEU E 101 -20.62 -22.98 3.69
CA LEU E 101 -19.66 -22.36 4.61
C LEU E 101 -19.78 -20.84 4.65
N GLY E 102 -19.58 -20.26 5.82
CA GLY E 102 -19.64 -18.83 5.97
C GLY E 102 -21.00 -18.22 5.66
N TYR E 103 -22.06 -18.98 5.92
CA TYR E 103 -23.38 -18.48 5.66
C TYR E 103 -23.89 -17.57 6.75
N HIS E 104 -24.95 -16.82 6.43
CA HIS E 104 -25.52 -15.86 7.35
C HIS E 104 -27.03 -15.98 7.36
N ALA E 105 -27.66 -15.31 8.31
CA ALA E 105 -29.12 -15.33 8.44
C ALA E 105 -29.80 -14.61 7.28
N ARG E 106 -31.05 -14.99 7.00
CA ARG E 106 -31.80 -14.38 5.92
C ARG E 106 -32.25 -12.97 6.32
N ALA E 107 -32.63 -12.17 5.33
CA ALA E 107 -33.06 -10.80 5.56
C ALA E 107 -34.21 -10.64 6.55
N SER E 108 -34.22 -9.51 7.25
CA SER E 108 -35.27 -9.21 8.19
C SER E 108 -35.26 -10.05 9.48
N THR E 109 -34.18 -10.78 9.75
CA THR E 109 -34.12 -11.58 10.97
C THR E 109 -32.81 -11.32 11.73
N PRO E 110 -32.76 -11.70 13.02
CA PRO E 110 -31.55 -11.49 13.82
C PRO E 110 -30.39 -12.23 13.16
N GLY E 111 -29.17 -11.73 13.37
CA GLY E 111 -28.01 -12.35 12.77
C GLY E 111 -27.07 -11.32 12.19
N VAL E 112 -25.77 -11.53 12.39
CA VAL E 112 -24.77 -10.60 11.89
C VAL E 112 -24.83 -10.50 10.37
N MET E 113 -24.84 -9.26 9.87
CA MET E 113 -24.89 -8.98 8.43
C MET E 113 -26.02 -9.72 7.71
N SER E 114 -27.18 -9.83 8.34
CA SER E 114 -28.31 -10.51 7.75
C SER E 114 -28.77 -9.82 6.46
N HIS E 115 -29.13 -10.63 5.47
CA HIS E 115 -29.62 -10.14 4.17
C HIS E 115 -29.84 -11.34 3.27
N SER E 116 -30.44 -11.08 2.11
CA SER E 116 -30.71 -12.13 1.12
C SER E 116 -30.36 -11.65 -0.28
N MET E 117 -29.18 -12.05 -0.76
CA MET E 117 -28.67 -11.69 -2.09
C MET E 117 -28.36 -10.21 -2.25
N ILE E 118 -29.37 -9.35 -2.09
CA ILE E 118 -29.15 -7.91 -2.21
C ILE E 118 -29.79 -7.22 -1.02
N PHE E 119 -29.35 -6.00 -0.73
CA PHE E 119 -29.89 -5.26 0.39
C PHE E 119 -31.39 -5.00 0.23
N GLY E 120 -31.83 -4.93 -1.02
CA GLY E 120 -33.22 -4.65 -1.29
C GLY E 120 -34.27 -5.69 -0.96
N VAL E 121 -33.90 -6.94 -0.76
CA VAL E 121 -34.93 -7.93 -0.47
C VAL E 121 -35.21 -8.09 1.03
N ARG E 122 -36.47 -8.27 1.37
CA ARG E 122 -36.87 -8.46 2.75
C ARG E 122 -37.14 -9.94 2.99
N HIS E 123 -37.76 -10.60 2.02
CA HIS E 123 -38.07 -12.02 2.13
C HIS E 123 -38.13 -12.72 0.77
N PHE E 124 -37.72 -13.99 0.77
CA PHE E 124 -37.78 -14.85 -0.41
C PHE E 124 -38.84 -15.89 -0.03
N TYR E 125 -39.65 -16.31 -0.99
CA TYR E 125 -40.68 -17.32 -0.74
C TYR E 125 -40.73 -18.37 -1.83
N ILE E 126 -40.74 -19.63 -1.41
CA ILE E 126 -40.88 -20.75 -2.33
C ILE E 126 -42.14 -21.43 -1.87
N ASN E 127 -43.25 -21.13 -2.55
CA ASN E 127 -44.57 -21.67 -2.22
C ASN E 127 -44.94 -21.28 -0.80
N ASP E 128 -44.87 -19.99 -0.52
CA ASP E 128 -45.24 -19.45 0.79
C ASP E 128 -44.29 -19.77 1.95
N ARG E 129 -43.23 -20.51 1.69
CA ARG E 129 -42.31 -20.80 2.78
C ARG E 129 -41.14 -19.81 2.81
N PRO E 130 -40.96 -19.12 3.94
CA PRO E 130 -39.89 -18.13 4.12
C PRO E 130 -38.50 -18.73 4.00
N VAL E 131 -37.68 -18.18 3.12
CA VAL E 131 -36.32 -18.67 2.95
C VAL E 131 -35.35 -17.55 2.51
N GLY E 132 -34.07 -17.79 2.74
CA GLY E 132 -33.06 -16.82 2.35
C GLY E 132 -32.14 -17.54 1.40
N GLU E 133 -30.88 -17.11 1.34
CA GLU E 133 -29.92 -17.74 0.46
C GLU E 133 -29.79 -19.23 0.83
N LEU E 134 -29.72 -19.49 2.13
CA LEU E 134 -29.58 -20.84 2.64
C LEU E 134 -30.69 -21.74 2.10
N GLY E 135 -31.93 -21.29 2.27
CA GLY E 135 -33.06 -22.03 1.80
C GLY E 135 -33.08 -22.22 0.30
N LEU E 136 -32.94 -21.14 -0.46
CA LEU E 136 -32.96 -21.26 -1.91
C LEU E 136 -31.88 -22.20 -2.39
N ASN E 137 -30.66 -22.09 -1.85
CA ASN E 137 -29.59 -22.96 -2.28
C ASN E 137 -29.88 -24.42 -1.92
N ALA E 138 -30.48 -24.64 -0.76
CA ALA E 138 -30.82 -25.99 -0.33
C ALA E 138 -31.83 -26.57 -1.30
N TYR E 139 -32.81 -25.76 -1.70
CA TYR E 139 -33.82 -26.24 -2.64
C TYR E 139 -33.21 -26.62 -3.99
N VAL E 140 -32.23 -25.85 -4.46
CA VAL E 140 -31.61 -26.18 -5.74
C VAL E 140 -30.83 -27.47 -5.53
N ALA E 141 -30.25 -27.65 -4.35
CA ALA E 141 -29.53 -28.86 -4.05
C ALA E 141 -30.53 -30.03 -4.10
N GLY E 142 -31.73 -29.79 -3.59
CA GLY E 142 -32.77 -30.81 -3.56
C GLY E 142 -33.20 -31.22 -4.95
N TYR E 143 -33.22 -30.27 -5.88
CA TYR E 143 -33.61 -30.55 -7.25
C TYR E 143 -32.71 -31.65 -7.83
N TYR E 144 -31.47 -31.70 -7.38
CA TYR E 144 -30.53 -32.69 -7.86
C TYR E 144 -30.44 -33.87 -6.90
N ASP E 145 -31.35 -33.91 -5.93
CA ASP E 145 -31.36 -34.97 -4.93
C ASP E 145 -30.08 -35.00 -4.12
N VAL E 146 -29.51 -33.84 -3.89
CA VAL E 146 -28.29 -33.74 -3.11
C VAL E 146 -28.63 -33.12 -1.77
N PRO E 147 -28.25 -33.79 -0.68
CA PRO E 147 -28.53 -33.29 0.66
C PRO E 147 -27.49 -32.30 1.18
N VAL E 148 -27.96 -31.35 1.97
CA VAL E 148 -27.07 -30.36 2.57
C VAL E 148 -26.63 -31.01 3.87
N LEU E 149 -25.43 -31.58 3.86
CA LEU E 149 -24.89 -32.27 5.03
C LEU E 149 -24.49 -31.37 6.20
N MET E 150 -23.91 -30.22 5.88
CA MET E 150 -23.45 -29.27 6.88
C MET E 150 -23.63 -27.81 6.47
N VAL E 151 -23.82 -26.95 7.46
CA VAL E 151 -23.98 -25.52 7.25
C VAL E 151 -23.21 -24.84 8.37
N ALA E 152 -22.26 -23.98 8.00
CA ALA E 152 -21.44 -23.25 8.97
C ALA E 152 -21.63 -21.74 8.81
N GLY E 153 -21.57 -21.03 9.93
CA GLY E 153 -21.74 -19.59 9.92
C GLY E 153 -21.93 -19.14 11.36
N ASP E 154 -22.77 -18.14 11.57
CA ASP E 154 -23.02 -17.66 12.92
C ASP E 154 -24.08 -18.54 13.54
N ASP E 155 -24.43 -18.28 14.79
CA ASP E 155 -25.43 -19.07 15.48
C ASP E 155 -26.81 -18.95 14.85
N ARG E 156 -27.13 -17.78 14.30
CA ARG E 156 -28.44 -17.58 13.69
C ARG E 156 -28.59 -18.35 12.38
N ALA E 157 -27.51 -18.44 11.60
CA ALA E 157 -27.56 -19.16 10.34
C ALA E 157 -27.72 -20.66 10.65
N ALA E 158 -27.05 -21.10 11.71
CA ALA E 158 -27.11 -22.49 12.13
C ALA E 158 -28.53 -22.84 12.49
N LYS E 159 -29.15 -21.98 13.30
CA LYS E 159 -30.53 -22.17 13.75
C LYS E 159 -31.45 -22.21 12.55
N GLU E 160 -31.24 -21.27 11.63
CA GLU E 160 -32.06 -21.19 10.43
C GLU E 160 -31.92 -22.49 9.61
N ALA E 161 -30.71 -23.01 9.53
CA ALA E 161 -30.46 -24.24 8.77
C ALA E 161 -31.20 -25.43 9.37
N GLU E 162 -31.00 -25.67 10.66
CA GLU E 162 -31.63 -26.81 11.30
C GLU E 162 -33.16 -26.74 11.37
N GLU E 163 -33.73 -25.55 11.27
CA GLU E 163 -35.19 -25.42 11.29
C GLU E 163 -35.77 -25.74 9.92
N LEU E 164 -34.88 -25.87 8.93
CA LEU E 164 -35.27 -26.15 7.56
C LEU E 164 -34.87 -27.56 7.11
N ILE E 165 -33.68 -27.98 7.50
CA ILE E 165 -33.16 -29.29 7.12
C ILE E 165 -32.99 -30.22 8.33
N PRO E 166 -33.85 -31.24 8.44
CA PRO E 166 -33.78 -32.18 9.57
C PRO E 166 -32.44 -32.92 9.68
N ASN E 167 -31.93 -32.99 10.91
CA ASN E 167 -30.67 -33.68 11.20
C ASN E 167 -29.40 -33.05 10.61
N VAL E 168 -29.55 -31.89 9.98
CA VAL E 168 -28.39 -31.23 9.38
C VAL E 168 -27.35 -30.88 10.45
N THR E 169 -26.08 -30.96 10.08
CA THR E 169 -25.04 -30.62 11.02
C THR E 169 -24.70 -29.14 10.84
N THR E 170 -24.62 -28.41 11.96
CA THR E 170 -24.30 -26.99 11.90
C THR E 170 -23.08 -26.69 12.75
N ALA E 171 -22.35 -25.65 12.34
CA ALA E 171 -21.14 -25.23 13.03
C ALA E 171 -21.22 -23.72 13.23
N ALA E 172 -21.47 -23.30 14.46
CA ALA E 172 -21.55 -21.88 14.78
C ALA E 172 -20.18 -21.34 15.18
N VAL E 173 -19.45 -20.80 14.21
CA VAL E 173 -18.12 -20.28 14.45
C VAL E 173 -18.13 -18.95 15.21
N LYS E 174 -19.30 -18.36 15.36
CA LYS E 174 -19.39 -17.11 16.10
C LYS E 174 -20.82 -16.88 16.57
N GLN E 175 -20.96 -16.05 17.59
CA GLN E 175 -22.26 -15.72 18.15
C GLN E 175 -22.64 -14.30 17.76
N THR E 176 -23.85 -14.14 17.26
CA THR E 176 -24.34 -12.82 16.87
C THR E 176 -24.76 -12.00 18.08
N ILE E 177 -24.34 -10.74 18.12
CA ILE E 177 -24.73 -9.83 19.20
C ILE E 177 -25.62 -8.76 18.60
N SER E 178 -25.27 -8.33 17.38
CA SER E 178 -26.05 -7.32 16.64
C SER E 178 -25.80 -7.59 15.15
N ARG E 179 -26.38 -6.77 14.27
CA ARG E 179 -26.18 -6.99 12.85
C ARG E 179 -24.73 -6.69 12.42
N SER E 180 -23.96 -6.04 13.29
CA SER E 180 -22.57 -5.71 12.98
C SER E 180 -21.65 -5.94 14.19
N ALA E 181 -21.93 -7.01 14.93
CA ALA E 181 -21.15 -7.33 16.12
C ALA E 181 -21.31 -8.79 16.47
N VAL E 182 -20.23 -9.43 16.88
CA VAL E 182 -20.29 -10.83 17.24
C VAL E 182 -19.26 -11.20 18.28
N LYS E 183 -19.48 -12.34 18.91
CA LYS E 183 -18.55 -12.89 19.89
C LYS E 183 -18.04 -14.08 19.11
N CYS E 184 -16.75 -14.07 18.79
CA CYS E 184 -16.18 -15.15 18.02
C CYS E 184 -15.10 -15.98 18.70
N LEU E 185 -14.81 -17.12 18.07
CA LEU E 185 -13.81 -18.05 18.53
C LEU E 185 -12.51 -17.69 17.81
N SER E 186 -11.38 -18.06 18.40
CA SER E 186 -10.09 -17.77 17.78
C SER E 186 -10.01 -18.57 16.48
N PRO E 187 -9.26 -18.07 15.49
CA PRO E 187 -9.13 -18.77 14.21
C PRO E 187 -8.82 -20.26 14.38
N ALA E 188 -7.96 -20.59 15.34
CA ALA E 188 -7.59 -21.97 15.56
C ALA E 188 -8.74 -22.76 16.19
N LYS E 189 -9.47 -22.12 17.09
CA LYS E 189 -10.59 -22.76 17.79
C LYS E 189 -11.71 -23.10 16.81
N ARG E 190 -12.01 -22.18 15.91
CA ARG E 190 -13.06 -22.36 14.92
C ARG E 190 -12.64 -23.49 14.01
N GLY E 191 -11.33 -23.60 13.77
CA GLY E 191 -10.79 -24.63 12.91
C GLY E 191 -11.09 -26.01 13.42
N ARG E 192 -10.95 -26.20 14.73
CA ARG E 192 -11.22 -27.49 15.33
C ARG E 192 -12.71 -27.77 15.19
N LEU E 193 -13.52 -26.77 15.54
CA LEU E 193 -14.96 -26.90 15.42
C LEU E 193 -15.36 -27.33 14.01
N LEU E 194 -14.84 -26.63 13.01
CA LEU E 194 -15.15 -26.95 11.63
C LEU E 194 -14.65 -28.34 11.27
N THR E 195 -13.45 -28.68 11.73
CA THR E 195 -12.88 -30.00 11.47
C THR E 195 -13.77 -31.11 12.02
N GLU E 196 -14.14 -31.00 13.29
CA GLU E 196 -14.98 -31.99 13.94
C GLU E 196 -16.35 -32.07 13.26
N LYS E 197 -16.99 -30.92 13.12
CA LYS E 197 -18.30 -30.86 12.49
C LYS E 197 -18.32 -31.42 11.07
N THR E 198 -17.28 -31.15 10.30
CA THR E 198 -17.21 -31.64 8.93
C THR E 198 -17.10 -33.17 8.96
N ALA E 199 -16.29 -33.70 9.88
CA ALA E 199 -16.11 -35.14 10.00
C ALA E 199 -17.42 -35.81 10.38
N PHE E 200 -18.12 -35.25 11.36
CA PHE E 200 -19.39 -35.83 11.79
C PHE E 200 -20.44 -35.77 10.69
N ALA E 201 -20.48 -34.64 10.00
CA ALA E 201 -21.45 -34.45 8.94
C ALA E 201 -21.32 -35.49 7.82
N LEU E 202 -20.09 -35.79 7.44
CA LEU E 202 -19.83 -36.76 6.38
C LEU E 202 -20.16 -38.20 6.77
N GLN E 203 -19.99 -38.54 8.04
CA GLN E 203 -20.27 -39.89 8.50
C GLN E 203 -21.72 -40.08 8.90
N ASN E 204 -22.39 -38.98 9.19
CA ASN E 204 -23.79 -39.03 9.61
C ASN E 204 -24.70 -38.65 8.44
N LYS E 205 -24.11 -38.58 7.26
CA LYS E 205 -24.81 -38.18 6.04
C LYS E 205 -26.09 -38.93 5.73
N ASP E 206 -26.16 -40.20 6.10
CA ASP E 206 -27.34 -41.00 5.83
C ASP E 206 -28.60 -40.46 6.51
N LYS E 207 -28.42 -39.73 7.61
CA LYS E 207 -29.56 -39.20 8.33
C LYS E 207 -30.13 -37.90 7.75
N VAL E 208 -29.48 -37.38 6.72
CA VAL E 208 -29.94 -36.14 6.10
C VAL E 208 -30.52 -36.38 4.71
N LYS E 209 -31.69 -35.80 4.47
CA LYS E 209 -32.35 -35.96 3.18
C LYS E 209 -32.37 -34.66 2.37
N PRO E 210 -32.41 -34.78 1.04
CA PRO E 210 -32.44 -33.61 0.15
C PRO E 210 -33.70 -32.78 0.38
N LEU E 211 -33.57 -31.46 0.34
CA LEU E 211 -34.70 -30.59 0.53
C LEU E 211 -35.44 -30.50 -0.81
N THR E 212 -36.26 -31.50 -1.08
CA THR E 212 -37.04 -31.56 -2.32
C THR E 212 -37.95 -30.34 -2.49
N PRO E 213 -37.80 -29.64 -3.64
CA PRO E 213 -38.61 -28.46 -3.93
C PRO E 213 -39.86 -28.83 -4.72
N PRO E 214 -40.88 -27.97 -4.72
CA PRO E 214 -42.12 -28.23 -5.45
C PRO E 214 -41.84 -28.42 -6.94
N ASP E 215 -42.72 -29.08 -7.65
CA ASP E 215 -42.56 -29.31 -9.09
C ASP E 215 -42.58 -27.99 -9.86
N ARG E 216 -43.60 -27.18 -9.62
CA ARG E 216 -43.74 -25.89 -10.28
C ARG E 216 -43.80 -24.82 -9.19
N PRO E 217 -42.66 -24.56 -8.55
CA PRO E 217 -42.58 -23.56 -7.49
C PRO E 217 -42.97 -22.13 -7.87
N VAL E 218 -43.60 -21.47 -6.91
CA VAL E 218 -44.01 -20.09 -7.08
C VAL E 218 -43.04 -19.27 -6.26
N LEU E 219 -42.22 -18.47 -6.95
CA LEU E 219 -41.24 -17.61 -6.29
C LEU E 219 -41.88 -16.30 -5.92
N SER E 220 -41.69 -15.90 -4.66
CA SER E 220 -42.21 -14.63 -4.18
C SER E 220 -41.05 -13.84 -3.56
N ILE E 221 -40.93 -12.57 -3.95
CA ILE E 221 -39.88 -11.73 -3.42
C ILE E 221 -40.51 -10.46 -2.88
N GLU E 222 -40.28 -10.21 -1.60
CA GLU E 222 -40.80 -8.99 -1.01
C GLU E 222 -39.63 -8.05 -0.91
N PHE E 223 -39.73 -6.89 -1.57
CA PHE E 223 -38.67 -5.90 -1.56
C PHE E 223 -38.88 -4.83 -0.50
N ALA E 224 -37.82 -4.09 -0.20
CA ALA E 224 -37.89 -3.04 0.81
C ALA E 224 -38.84 -1.91 0.45
N ASN E 225 -38.79 -1.48 -0.82
CA ASN E 225 -39.65 -0.39 -1.30
C ASN E 225 -40.35 -0.75 -2.59
N TYR E 226 -41.34 0.05 -2.95
CA TYR E 226 -42.11 -0.19 -4.17
C TYR E 226 -41.32 -0.03 -5.47
N GLY E 227 -40.34 0.86 -5.44
CA GLY E 227 -39.51 1.04 -6.62
C GLY E 227 -38.78 -0.24 -7.02
N GLN E 228 -38.29 -0.99 -6.04
CA GLN E 228 -37.57 -2.23 -6.35
C GLN E 228 -38.56 -3.26 -6.91
N ALA E 229 -39.78 -3.22 -6.41
CA ALA E 229 -40.80 -4.13 -6.90
C ALA E 229 -41.11 -3.77 -8.36
N GLU E 230 -41.23 -2.49 -8.67
CA GLU E 230 -41.52 -2.07 -10.05
C GLU E 230 -40.45 -2.56 -11.02
N TRP E 231 -39.19 -2.44 -10.62
CA TRP E 231 -38.09 -2.87 -11.48
C TRP E 231 -38.21 -4.38 -11.78
N ALA E 232 -38.40 -5.18 -10.73
CA ALA E 232 -38.52 -6.62 -10.89
C ALA E 232 -39.75 -6.98 -11.71
N ASN E 233 -40.82 -6.23 -11.51
CA ASN E 233 -42.07 -6.46 -12.22
C ASN E 233 -41.98 -6.18 -13.73
N LEU E 234 -40.80 -5.80 -14.16
CA LEU E 234 -40.56 -5.55 -15.58
C LEU E 234 -40.31 -6.87 -16.29
N MET E 235 -39.80 -7.86 -15.56
CA MET E 235 -39.51 -9.16 -16.13
C MET E 235 -40.78 -9.89 -16.52
N PRO E 236 -40.83 -10.43 -17.74
CA PRO E 236 -42.02 -11.15 -18.19
C PRO E 236 -42.38 -12.31 -17.26
N GLY E 237 -43.69 -12.48 -17.02
CA GLY E 237 -44.15 -13.56 -16.18
C GLY E 237 -44.26 -13.19 -14.72
N THR E 238 -44.02 -11.92 -14.40
CA THR E 238 -44.09 -11.46 -13.01
C THR E 238 -45.33 -10.62 -12.78
N GLU E 239 -45.70 -10.47 -11.51
CA GLU E 239 -46.87 -9.68 -11.13
C GLU E 239 -46.69 -9.20 -9.68
N ILE E 240 -47.14 -7.97 -9.43
CA ILE E 240 -47.04 -7.42 -8.08
C ILE E 240 -48.36 -7.66 -7.35
N LYS E 241 -48.26 -8.15 -6.12
CA LYS E 241 -49.43 -8.42 -5.31
C LYS E 241 -49.94 -7.08 -4.78
N THR E 242 -51.10 -6.64 -5.26
CA THR E 242 -51.66 -5.35 -4.85
C THR E 242 -51.60 -5.11 -3.35
N GLY E 243 -51.24 -3.89 -2.97
CA GLY E 243 -51.14 -3.54 -1.57
C GLY E 243 -49.84 -4.01 -0.92
N THR E 244 -48.88 -4.47 -1.72
CA THR E 244 -47.61 -4.94 -1.20
C THR E 244 -46.43 -4.53 -2.09
N THR E 245 -45.23 -4.95 -1.68
CA THR E 245 -44.01 -4.68 -2.43
C THR E 245 -43.46 -6.03 -2.83
N THR E 246 -44.34 -7.00 -2.93
CA THR E 246 -43.98 -8.37 -3.28
C THR E 246 -44.29 -8.64 -4.75
N VAL E 247 -43.36 -9.32 -5.41
CA VAL E 247 -43.52 -9.67 -6.82
C VAL E 247 -43.46 -11.19 -6.89
N GLN E 248 -44.38 -11.78 -7.66
CA GLN E 248 -44.42 -13.23 -7.79
C GLN E 248 -44.12 -13.71 -9.19
N PHE E 249 -43.59 -14.92 -9.28
CA PHE E 249 -43.23 -15.52 -10.54
C PHE E 249 -43.47 -17.03 -10.50
N GLN E 250 -44.35 -17.51 -11.36
CA GLN E 250 -44.65 -18.94 -11.44
C GLN E 250 -43.57 -19.56 -12.32
N ALA E 251 -42.76 -20.43 -11.72
CA ALA E 251 -41.67 -21.08 -12.45
C ALA E 251 -42.03 -22.50 -12.90
N LYS E 252 -41.29 -23.02 -13.88
CA LYS E 252 -41.51 -24.37 -14.40
C LYS E 252 -40.87 -25.40 -13.48
N ASP E 253 -39.78 -25.00 -12.82
CA ASP E 253 -39.04 -25.84 -11.90
C ASP E 253 -38.17 -24.97 -11.00
N MET E 254 -37.51 -25.59 -10.03
CA MET E 254 -36.66 -24.85 -9.10
C MET E 254 -35.52 -24.14 -9.82
N LEU E 255 -34.99 -24.74 -10.86
CA LEU E 255 -33.90 -24.10 -11.58
C LEU E 255 -34.34 -22.79 -12.22
N GLU E 256 -35.54 -22.75 -12.80
CA GLU E 256 -36.05 -21.53 -13.43
C GLU E 256 -36.37 -20.52 -12.33
N ALA E 257 -36.82 -21.02 -11.19
CA ALA E 257 -37.16 -20.16 -10.08
C ALA E 257 -35.92 -19.46 -9.56
N TYR E 258 -34.80 -20.18 -9.54
CA TYR E 258 -33.55 -19.62 -9.05
C TYR E 258 -33.09 -18.51 -9.97
N GLN E 259 -33.08 -18.78 -11.27
CA GLN E 259 -32.64 -17.76 -12.22
C GLN E 259 -33.57 -16.56 -12.22
N ALA E 260 -34.85 -16.78 -11.98
CA ALA E 260 -35.79 -15.67 -11.95
C ALA E 260 -35.40 -14.79 -10.78
N MET E 261 -34.92 -15.43 -9.71
CA MET E 261 -34.48 -14.70 -8.51
C MET E 261 -33.28 -13.84 -8.85
N LEU E 262 -32.36 -14.40 -9.61
CA LEU E 262 -31.15 -13.68 -10.01
C LEU E 262 -31.48 -12.43 -10.82
N VAL E 263 -32.35 -12.58 -11.80
CA VAL E 263 -32.76 -11.45 -12.65
C VAL E 263 -33.60 -10.40 -11.89
N MET E 264 -34.60 -10.85 -11.14
CA MET E 264 -35.44 -9.94 -10.39
C MET E 264 -34.63 -9.12 -9.38
N THR E 265 -33.69 -9.76 -8.68
CA THR E 265 -32.88 -9.03 -7.72
C THR E 265 -31.90 -8.12 -8.44
N GLU E 266 -31.39 -8.58 -9.58
CA GLU E 266 -30.46 -7.77 -10.34
C GLU E 266 -31.18 -6.48 -10.75
N LEU E 267 -32.43 -6.60 -11.20
CA LEU E 267 -33.20 -5.43 -11.61
C LEU E 267 -33.47 -4.51 -10.42
N ALA E 268 -33.84 -5.11 -9.31
CA ALA E 268 -34.13 -4.35 -8.10
C ALA E 268 -32.91 -3.56 -7.62
N MET E 269 -31.72 -4.09 -7.87
CA MET E 269 -30.48 -3.44 -7.47
C MET E 269 -30.30 -2.06 -8.11
N ARG E 270 -30.93 -1.83 -9.25
CA ARG E 270 -30.83 -0.56 -9.96
C ARG E 270 -31.68 0.56 -9.35
N THR E 271 -32.59 0.21 -8.45
CA THR E 271 -33.48 1.19 -7.83
C THR E 271 -32.75 2.35 -7.17
N SER E 272 -33.20 3.56 -7.51
CA SER E 272 -32.62 4.79 -6.96
C SER E 272 -33.50 5.36 -5.85
N PHE E 273 -32.97 6.36 -5.16
CA PHE E 273 -33.69 7.03 -4.07
C PHE E 273 -34.01 6.04 -2.95
N CYS E 274 -32.96 5.40 -2.45
CA CYS E 274 -33.10 4.43 -1.36
C CYS E 274 -31.72 4.05 -0.82
ZN ZN F . -5.33 -11.50 -25.80
ZN ZN G . -4.48 -9.96 -23.21
ZN ZN H . 19.17 10.53 -18.90
ZN ZN I . 17.13 9.68 -16.64
ZN ZN J . 14.77 21.01 12.84
ZN ZN K . 12.75 18.79 11.71
ZN ZN L . -12.72 5.93 25.30
ZN ZN M . -11.62 5.16 22.41
ZN ZN N . -24.95 -14.31 1.43
ZN ZN O . -22.15 -12.76 0.94
#